data_3RFZ
#
_entry.id   3RFZ
#
_cell.length_a   126.190
_cell.length_b   95.900
_cell.length_c   144.570
_cell.angle_alpha   90.00
_cell.angle_beta   112.13
_cell.angle_gamma   90.00
#
_symmetry.space_group_name_H-M   'P 1 21 1'
#
loop_
_entity.id
_entity.type
_entity.pdbx_description
1 polymer 'Type 1 fimbrial adhesin'
2 polymer 'Outer membrane usher protein, type 1 fimbrial synthesis'
3 polymer 'Chaperone protein fimC'
4 non-polymer 'SULFATE ION'
5 water water
#
loop_
_entity_poly.entity_id
_entity_poly.type
_entity_poly.pdbx_seq_one_letter_code
_entity_poly.pdbx_strand_id
1 'polypeptide(L)'
;FACKTANGTAIPIGGGSANVYVNLAPVVNVGQNLVVDLSTQIFCHNDYPETITDYVTLQRGSAYGGVLSNFSGTVKYSGS
SYPFPTTSETPRVVYNSRTDKPWPVALYLTPVSSAGGVAIKAGSLIAVLILRQTNNYNSDDFQFVWNIYANNDVVVPTGG
CDVSARDVTVTLPDYRGSVPIPLTVYCAKSQNLGYYLSGTHADAGNSIFTNTASFSPAQGVGVQLTRNGTIIPANNTVSL
GAVGTSAVSLGLTANYARTGGQVTAGNVQSIIGVTFVYQ
;
A,D
2 'polypeptide(L)'
;DLYFNPRFLADDPQAVADLSRFENGQELPPGTYRVDIYLNNGYMATRDVTFNTGDSEQGIVPCLTRAQLASMGLNTASVA
GMNLLADDACVPLTTMVQDATAHLDVGQQRLNLTIPQAFMSNRARGYIPPELWDPGINAGLLNYNFSGNSVQNRIGGNSH
YAYLNLQSGLNIGAWRLRDNTTWSYNSSDRSSGSKNKWQHINTWLERDIIPLRSRLTLGDGYTQGDIFDGINFRGAQLAS
DDNMLPDSQRGFAPVIHGIARGTAQVTIKQNGYDIYNSTVPPGPFTINDIYAAGNSGDLQVTIKEADGSTQIFTVPYSSV
PLLQREGHTRYSITAGEYRSGNAQQEKPRFFQSTLLHGLPAGWTIYGGTQLADRYRAFNFGIGKNMGALGALSVDMTQAN
STLPDDSQHDGQSVRFLYNKSLNESGTNIQLVGYRYSTSGYFNFADTTYSRMNGYNIETQDGVIQVKPKFTDYYNLAYNK
RGKLQLTVTQQLGRTSTLYLSGSHQTYWGTSNVDEQFQAGLNTAFEDINWTLSYSLTKNAWQKGRDQMLALNVNIPFSHW
LRSDSKSQWRHASASYSMSHDLNGRMTNLAGVYGTLLEDNNLSYSVQTGYAGGGDGNSGSTGYATLNYRGGYGNANIGYS
HSDDIKQLYYGVSGGVLAHANGVTLGQPLNDTVVLVKAPGAKDAKVENQTGVRTDWRGYAVLPYATEYRENRVALDTNTL
ADNVDLDNAVANVVPTRGAIVRAEFKARVGIKLLMTLTHNNKPLPFGAMVTSESSQSSGIVADNGQVYLSGMPLAGKVQV
KWGEEENAHCVANYQLPPESQQQLLTQLSAECRSAWSHPQFEK
;
B,E
3 'polypeptide(L)'
;GVALGATRVIYPAGQKQVQLAVTNNDENSTYLIQSWVENADGVKDGRFIVTPPLFAMKGKKENTLRILDATNNQLPQDRE
SLFWMNVKAIPSMDKSKLTENTLQLAIISRIKLYYRPAKLALPPDQAAEKLRFRRSANSLTLINPTPYYLTVTELNAGTR
VLENALVPPMGESAVKLPSDAGSNITYRTINDYGALTPKMTGVMEHHHHHH
;
C,F
#
# COMPACT_ATOMS: atom_id res chain seq x y z
N PHE A 1 24.05 22.31 36.03
CA PHE A 1 22.96 21.33 36.34
C PHE A 1 23.19 19.98 35.66
N ALA A 2 22.84 18.89 36.34
CA ALA A 2 22.96 17.52 35.80
C ALA A 2 22.18 16.53 36.63
N CYS A 3 21.75 15.42 36.02
CA CYS A 3 20.91 14.43 36.71
C CYS A 3 21.40 12.99 36.58
N LYS A 4 20.92 12.13 37.48
CA LYS A 4 21.11 10.67 37.37
C LYS A 4 19.91 9.92 37.93
N THR A 5 19.83 8.61 37.69
CA THR A 5 18.66 7.82 38.09
C THR A 5 18.99 6.64 39.00
N ALA A 6 17.95 6.00 39.51
CA ALA A 6 18.10 4.82 40.34
C ALA A 6 18.58 3.62 39.55
N ASN A 7 18.13 3.50 38.30
CA ASN A 7 18.80 2.57 37.38
C ASN A 7 20.07 3.23 36.86
N GLY A 8 20.77 2.58 35.94
CA GLY A 8 22.15 3.01 35.68
C GLY A 8 22.43 4.34 34.99
N THR A 9 21.40 5.12 34.63
CA THR A 9 21.59 6.21 33.65
C THR A 9 21.81 7.64 34.19
N ALA A 10 22.22 8.54 33.29
CA ALA A 10 22.52 9.93 33.64
C ALA A 10 22.43 10.91 32.46
N ILE A 11 22.20 12.18 32.78
CA ILE A 11 22.30 13.27 31.80
C ILE A 11 23.20 14.35 32.40
N PRO A 12 24.18 14.85 31.62
CA PRO A 12 25.14 15.82 32.15
C PRO A 12 24.73 17.28 31.93
N ILE A 13 25.60 18.21 32.31
CA ILE A 13 25.46 19.65 31.98
C ILE A 13 25.06 19.82 30.52
N GLY A 14 24.23 20.82 30.26
CA GLY A 14 23.80 21.12 28.91
C GLY A 14 22.57 20.35 28.50
N GLY A 15 22.35 19.18 29.11
CA GLY A 15 21.16 18.40 28.83
C GLY A 15 21.42 17.18 27.96
N GLY A 16 20.33 16.61 27.45
CA GLY A 16 20.37 15.35 26.73
C GLY A 16 19.11 14.53 26.95
N SER A 17 19.26 13.21 26.86
CA SER A 17 18.17 12.26 27.09
C SER A 17 18.69 10.99 27.77
N ALA A 18 17.81 10.30 28.48
CA ALA A 18 18.17 9.07 29.19
C ALA A 18 16.92 8.25 29.49
N ASN A 19 17.11 6.94 29.65
CA ASN A 19 15.99 6.06 29.89
C ASN A 19 15.84 5.74 31.35
N VAL A 20 14.59 5.62 31.80
CA VAL A 20 14.28 5.26 33.17
C VAL A 20 13.35 4.04 33.14
N TYR A 21 13.64 3.06 33.98
CA TYR A 21 12.88 1.84 34.03
C TYR A 21 12.25 1.70 35.41
N VAL A 22 10.94 1.47 35.43
CA VAL A 22 10.17 1.46 36.67
C VAL A 22 9.23 0.26 36.73
N ASN A 23 9.06 -0.27 37.93
CA ASN A 23 8.11 -1.35 38.16
C ASN A 23 6.73 -0.75 38.32
N LEU A 24 5.70 -1.56 38.05
CA LEU A 24 4.32 -1.08 38.03
C LEU A 24 3.37 -2.06 38.68
N ALA A 25 2.23 -1.55 39.16
CA ALA A 25 1.21 -2.41 39.73
C ALA A 25 0.81 -3.40 38.64
N PRO A 26 0.94 -4.71 38.93
CA PRO A 26 0.73 -5.72 37.90
C PRO A 26 -0.74 -5.87 37.46
N VAL A 27 -1.67 -5.43 38.30
CA VAL A 27 -3.08 -5.63 38.04
C VAL A 27 -3.88 -4.41 38.47
N VAL A 28 -4.55 -3.78 37.52
CA VAL A 28 -5.35 -2.61 37.85
C VAL A 28 -6.71 -2.78 37.20
N ASN A 29 -7.76 -2.73 38.03
CA ASN A 29 -9.13 -2.81 37.53
C ASN A 29 -9.63 -1.51 36.95
N VAL A 30 -10.59 -1.61 36.00
CA VAL A 30 -11.21 -0.43 35.44
C VAL A 30 -11.84 0.32 36.60
N GLY A 31 -11.59 1.62 36.65
CA GLY A 31 -12.08 2.45 37.74
C GLY A 31 -11.15 2.54 38.93
N GLN A 32 -10.03 1.81 38.87
CA GLN A 32 -8.96 1.93 39.85
C GLN A 32 -7.79 2.72 39.27
N ASN A 33 -6.69 2.85 40.03
CA ASN A 33 -5.59 3.72 39.61
C ASN A 33 -4.19 3.16 39.75
N LEU A 34 -3.28 3.79 39.01
CA LEU A 34 -1.89 3.40 38.95
C LEU A 34 -0.98 4.62 39.20
N VAL A 35 0.05 4.43 40.03
CA VAL A 35 1.01 5.49 40.34
C VAL A 35 2.33 5.20 39.66
N VAL A 36 2.97 6.23 39.10
CA VAL A 36 4.35 6.10 38.63
C VAL A 36 5.15 7.23 39.25
N ASP A 37 5.71 6.98 40.43
CA ASP A 37 6.49 7.98 41.14
C ASP A 37 7.94 7.90 40.67
N LEU A 38 8.38 8.96 40.03
CA LEU A 38 9.73 9.02 39.49
C LEU A 38 10.64 9.82 40.40
N SER A 39 10.09 10.34 41.48
CA SER A 39 10.88 11.10 42.45
C SER A 39 11.81 10.17 43.22
N THR A 40 11.41 8.91 43.36
CA THR A 40 12.34 7.91 43.90
C THR A 40 13.37 7.48 42.85
N GLN A 41 13.14 7.85 41.58
CA GLN A 41 13.92 7.33 40.46
C GLN A 41 14.87 8.34 39.84
N ILE A 42 14.52 9.62 39.83
CA ILE A 42 15.36 10.62 39.16
C ILE A 42 15.85 11.68 40.14
N PHE A 43 17.16 11.96 40.08
CA PHE A 43 17.82 12.84 41.06
C PHE A 43 18.69 13.85 40.33
N CYS A 44 18.56 15.12 40.68
CA CYS A 44 19.30 16.22 40.03
C CYS A 44 20.02 17.13 41.05
N HIS A 45 20.92 17.97 40.57
CA HIS A 45 21.66 18.92 41.43
C HIS A 45 22.20 20.11 40.66
N ASN A 46 22.62 21.12 41.42
CA ASN A 46 23.11 22.39 40.88
C ASN A 46 24.63 22.44 40.94
N ASP A 47 25.26 22.76 39.80
CA ASP A 47 26.72 22.72 39.71
C ASP A 47 27.42 23.95 40.31
N TYR A 48 26.71 25.08 40.39
CA TYR A 48 27.29 26.31 40.94
C TYR A 48 26.34 27.02 41.93
N PRO A 49 25.98 26.32 43.03
CA PRO A 49 25.00 26.78 44.03
C PRO A 49 25.40 28.02 44.83
N GLU A 50 26.65 28.44 44.74
CA GLU A 50 27.10 29.64 45.44
C GLU A 50 26.73 30.92 44.69
N THR A 51 26.64 30.81 43.37
CA THR A 51 26.43 31.97 42.51
C THR A 51 25.18 31.88 41.62
N ILE A 52 24.75 30.66 41.30
CA ILE A 52 23.63 30.45 40.37
C ILE A 52 22.47 29.69 41.01
N THR A 53 21.25 30.04 40.62
CA THR A 53 20.05 29.28 40.99
C THR A 53 19.43 28.63 39.74
N ASP A 54 19.14 27.33 39.83
CA ASP A 54 18.56 26.59 38.72
C ASP A 54 17.04 26.46 38.81
N TYR A 55 16.36 26.68 37.69
CA TYR A 55 14.91 26.51 37.60
C TYR A 55 14.54 25.33 36.72
N VAL A 56 13.79 24.39 37.28
CA VAL A 56 13.49 23.14 36.61
C VAL A 56 11.98 22.94 36.49
N THR A 57 11.52 22.76 35.26
CA THR A 57 10.10 22.56 34.98
C THR A 57 9.87 21.26 34.23
N LEU A 58 8.66 20.70 34.34
CA LEU A 58 8.23 19.65 33.43
C LEU A 58 7.61 20.37 32.25
N GLN A 59 8.39 20.52 31.18
CA GLN A 59 7.98 21.31 30.02
C GLN A 59 6.87 20.63 29.27
N ARG A 60 7.03 19.32 29.07
CA ARG A 60 6.11 18.54 28.27
C ARG A 60 6.10 17.09 28.76
N GLY A 61 4.94 16.46 28.64
CA GLY A 61 4.83 15.05 29.00
C GLY A 61 3.93 14.32 28.03
N SER A 62 4.44 13.25 27.43
CA SER A 62 3.66 12.49 26.47
C SER A 62 3.56 11.01 26.84
N ALA A 63 2.39 10.45 26.61
CA ALA A 63 2.15 9.02 26.76
C ALA A 63 2.49 8.30 25.46
N TYR A 64 3.06 7.10 25.62
CA TYR A 64 3.34 6.20 24.52
C TYR A 64 2.82 4.80 24.84
N GLY A 65 2.88 3.92 23.84
CA GLY A 65 2.57 2.50 24.02
C GLY A 65 1.24 2.27 24.72
N GLY A 66 1.24 1.32 25.64
CA GLY A 66 0.03 0.92 26.34
C GLY A 66 -0.59 2.01 27.20
N VAL A 67 0.22 2.91 27.73
CA VAL A 67 -0.32 4.05 28.49
C VAL A 67 -1.08 5.00 27.56
N LEU A 68 -0.57 5.22 26.36
CA LEU A 68 -1.24 6.11 25.42
C LEU A 68 -2.59 5.55 24.98
N SER A 69 -2.64 4.26 24.66
CA SER A 69 -3.87 3.67 24.15
C SER A 69 -4.86 3.23 25.23
N ASN A 70 -4.36 2.84 26.41
CA ASN A 70 -5.21 2.24 27.44
C ASN A 70 -5.48 3.04 28.71
N PHE A 71 -4.81 4.18 28.87
CA PHE A 71 -4.88 4.92 30.13
C PHE A 71 -5.08 6.39 29.90
N SER A 72 -5.51 7.09 30.95
CA SER A 72 -5.41 8.54 31.03
C SER A 72 -5.25 8.94 32.50
N GLY A 73 -5.02 10.22 32.75
CA GLY A 73 -4.98 10.71 34.12
C GLY A 73 -4.18 11.99 34.26
N THR A 74 -3.50 12.12 35.40
CA THR A 74 -2.78 13.35 35.69
C THR A 74 -1.29 13.14 35.96
N VAL A 75 -0.57 14.26 35.98
CA VAL A 75 0.82 14.31 36.41
C VAL A 75 0.93 15.27 37.59
N LYS A 76 1.51 14.80 38.68
CA LYS A 76 1.77 15.67 39.82
C LYS A 76 3.19 16.14 39.65
N TYR A 77 3.40 17.40 39.96
CA TYR A 77 4.72 17.98 39.92
C TYR A 77 4.81 18.90 41.13
N SER A 78 5.76 18.58 42.01
CA SER A 78 6.05 19.37 43.21
C SER A 78 4.81 19.89 43.92
N GLY A 79 3.80 19.04 44.07
CA GLY A 79 2.59 19.41 44.80
C GLY A 79 1.42 19.83 43.93
N SER A 80 1.69 20.34 42.73
CA SER A 80 0.60 20.80 41.87
C SER A 80 0.18 19.71 40.89
N SER A 81 -1.04 19.82 40.35
CA SER A 81 -1.62 18.79 39.50
C SER A 81 -1.96 19.29 38.09
N TYR A 82 -1.62 18.49 37.06
CA TYR A 82 -1.90 18.84 35.66
C TYR A 82 -2.34 17.62 34.83
N PRO A 83 -3.08 17.84 33.74
CA PRO A 83 -3.49 16.72 32.88
C PRO A 83 -2.30 16.04 32.20
N PHE A 84 -2.39 14.71 32.05
CA PHE A 84 -1.39 13.91 31.33
C PHE A 84 -2.08 12.95 30.36
N PRO A 85 -1.65 12.96 29.07
CA PRO A 85 -0.57 13.76 28.52
C PRO A 85 -0.75 15.24 28.79
N THR A 86 0.36 15.96 28.87
CA THR A 86 0.33 17.35 29.28
C THR A 86 -0.18 18.23 28.15
N THR A 87 -0.64 19.43 28.51
CA THR A 87 -1.05 20.42 27.52
C THR A 87 -0.37 21.76 27.78
N SER A 88 0.54 21.76 28.75
CA SER A 88 1.23 22.98 29.20
C SER A 88 2.49 22.71 30.04
N GLU A 89 3.33 23.73 30.17
CA GLU A 89 4.48 23.70 31.05
C GLU A 89 4.06 23.96 32.50
N THR A 90 4.67 23.23 33.42
CA THR A 90 4.40 23.39 34.85
C THR A 90 5.13 24.63 35.37
N PRO A 91 4.97 24.92 36.67
CA PRO A 91 5.79 25.96 37.25
C PRO A 91 7.18 25.43 37.59
N ARG A 92 8.04 26.29 38.13
CA ARG A 92 9.44 25.97 38.43
C ARG A 92 9.66 25.42 39.84
N VAL A 93 10.52 24.41 39.92
CA VAL A 93 11.13 23.98 41.18
C VAL A 93 12.54 24.55 41.20
N VAL A 94 12.90 25.19 42.32
CA VAL A 94 14.27 25.73 42.48
C VAL A 94 15.28 24.67 42.93
N TYR A 95 16.46 24.72 42.34
CA TYR A 95 17.59 23.88 42.72
C TYR A 95 18.74 24.77 43.14
N ASN A 96 19.08 24.73 44.42
CA ASN A 96 20.13 25.60 44.98
C ASN A 96 21.25 24.89 45.77
N SER A 97 21.43 23.59 45.54
CA SER A 97 22.50 22.83 46.19
C SER A 97 23.24 21.93 45.22
N ARG A 98 24.46 21.55 45.58
CA ARG A 98 25.25 20.60 44.81
C ARG A 98 24.86 19.17 45.14
N THR A 99 24.15 19.00 46.25
CA THR A 99 23.80 17.66 46.72
C THR A 99 22.45 17.22 46.16
N ASP A 100 22.45 16.07 45.49
CA ASP A 100 21.31 15.61 44.69
C ASP A 100 20.01 15.53 45.49
N LYS A 101 18.92 15.96 44.87
CA LYS A 101 17.58 15.82 45.42
C LYS A 101 16.64 15.36 44.32
N PRO A 102 15.58 14.61 44.69
CA PRO A 102 14.59 14.11 43.72
C PRO A 102 13.98 15.18 42.80
N TRP A 103 13.62 14.76 41.60
CA TRP A 103 12.78 15.54 40.70
C TRP A 103 11.32 15.16 40.99
N PRO A 104 10.56 16.08 41.63
CA PRO A 104 9.22 15.75 42.13
C PRO A 104 8.19 15.55 41.03
N VAL A 105 8.19 14.38 40.41
CA VAL A 105 7.22 14.05 39.38
C VAL A 105 6.69 12.64 39.62
N ALA A 106 5.38 12.50 39.46
CA ALA A 106 4.71 11.23 39.61
C ALA A 106 3.48 11.25 38.70
N LEU A 107 3.15 10.10 38.14
CA LEU A 107 1.98 9.96 37.30
C LEU A 107 0.88 9.19 38.03
N TYR A 108 -0.35 9.63 37.83
CA TYR A 108 -1.53 9.01 38.40
C TYR A 108 -2.44 8.67 37.21
N LEU A 109 -2.69 7.37 37.02
CA LEU A 109 -3.34 6.88 35.79
C LEU A 109 -4.54 5.96 36.02
N THR A 110 -5.51 6.03 35.10
CA THR A 110 -6.71 5.22 35.17
C THR A 110 -6.91 4.51 33.82
N PRO A 111 -7.24 3.22 33.86
CA PRO A 111 -7.61 2.54 32.62
C PRO A 111 -8.94 3.05 32.05
N VAL A 112 -9.03 3.13 30.73
CA VAL A 112 -10.27 3.41 30.01
C VAL A 112 -11.08 2.12 29.95
N SER A 113 -12.39 2.21 29.66
CA SER A 113 -13.26 1.02 29.71
C SER A 113 -13.01 -0.01 28.60
N SER A 114 -12.42 0.45 27.49
CA SER A 114 -12.02 -0.46 26.42
C SER A 114 -10.79 -1.29 26.79
N ALA A 115 -10.13 -0.93 27.89
CA ALA A 115 -8.91 -1.59 28.32
C ALA A 115 -9.18 -2.98 28.86
N GLY A 116 -8.40 -3.95 28.40
CA GLY A 116 -8.52 -5.36 28.80
C GLY A 116 -7.26 -6.11 28.40
N GLY A 117 -7.12 -7.34 28.88
CA GLY A 117 -5.90 -8.10 28.62
C GLY A 117 -4.66 -7.35 29.10
N VAL A 118 -3.57 -7.49 28.37
CA VAL A 118 -2.32 -6.85 28.80
C VAL A 118 -2.28 -5.39 28.32
N ALA A 119 -2.56 -4.48 29.23
CA ALA A 119 -2.67 -3.07 28.89
C ALA A 119 -1.31 -2.38 28.78
N ILE A 120 -0.28 -2.95 29.40
CA ILE A 120 1.10 -2.47 29.25
C ILE A 120 2.08 -3.64 29.11
N LYS A 121 2.72 -3.76 27.94
CA LYS A 121 3.69 -4.82 27.70
C LYS A 121 4.98 -4.53 28.45
N ALA A 122 5.50 -5.52 29.17
CA ALA A 122 6.79 -5.38 29.84
C ALA A 122 7.83 -4.94 28.82
N GLY A 123 8.70 -4.00 29.22
CA GLY A 123 9.79 -3.51 28.38
C GLY A 123 9.42 -2.42 27.38
N SER A 124 8.15 -2.01 27.39
CA SER A 124 7.68 -1.02 26.44
C SER A 124 7.83 0.41 26.94
N LEU A 125 8.09 1.33 26.02
CA LEU A 125 8.11 2.75 26.32
C LEU A 125 6.70 3.20 26.69
N ILE A 126 6.56 3.83 27.84
CA ILE A 126 5.25 4.25 28.31
C ILE A 126 5.02 5.76 28.33
N ALA A 127 6.13 6.52 28.40
CA ALA A 127 6.05 7.97 28.47
C ALA A 127 7.41 8.63 28.22
N VAL A 128 7.38 9.80 27.60
CA VAL A 128 8.56 10.66 27.54
C VAL A 128 8.25 11.94 28.31
N LEU A 129 9.10 12.24 29.29
CA LEU A 129 8.97 13.47 30.08
C LEU A 129 10.19 14.35 29.83
N ILE A 130 9.93 15.61 29.49
CA ILE A 130 10.99 16.57 29.21
C ILE A 130 11.15 17.51 30.39
N LEU A 131 12.33 17.43 31.02
CA LEU A 131 12.73 18.33 32.10
C LEU A 131 13.37 19.54 31.44
N ARG A 132 12.83 20.73 31.72
CA ARG A 132 13.44 21.94 31.18
C ARG A 132 14.18 22.72 32.26
N GLN A 133 15.39 23.14 31.93
CA GLN A 133 16.29 23.76 32.90
C GLN A 133 16.87 25.09 32.41
N THR A 134 16.66 26.12 33.23
CA THR A 134 17.16 27.46 32.97
C THR A 134 17.73 27.95 34.29
N ASN A 135 18.31 29.15 34.31
CA ASN A 135 18.82 29.70 35.56
C ASN A 135 18.55 31.19 35.74
N ASN A 136 18.94 31.74 36.90
CA ASN A 136 18.77 33.16 37.17
C ASN A 136 20.05 33.96 36.91
N TYR A 137 20.90 33.42 36.05
CA TYR A 137 22.22 33.97 35.81
C TYR A 137 22.38 34.38 34.34
N ASN A 138 22.11 33.45 33.43
CA ASN A 138 22.21 33.73 32.00
C ASN A 138 21.00 33.27 31.20
N SER A 139 21.24 32.86 29.96
CA SER A 139 20.16 32.53 29.03
C SER A 139 20.04 31.01 28.80
N ASP A 140 20.84 30.24 29.55
CA ASP A 140 20.81 28.79 29.52
C ASP A 140 19.38 28.21 29.54
N ASP A 141 19.11 27.31 28.59
CA ASP A 141 17.79 26.70 28.41
C ASP A 141 18.01 25.28 27.89
N PHE A 142 18.06 24.32 28.79
CA PHE A 142 18.39 22.94 28.42
C PHE A 142 17.26 21.95 28.69
N GLN A 143 17.03 21.07 27.73
CA GLN A 143 16.06 19.99 27.89
C GLN A 143 16.73 18.71 28.37
N PHE A 144 16.17 18.13 29.43
CA PHE A 144 16.56 16.79 29.88
C PHE A 144 15.43 15.81 29.55
N VAL A 145 15.66 14.93 28.58
CA VAL A 145 14.60 14.12 27.99
C VAL A 145 14.55 12.72 28.59
N TRP A 146 13.60 12.51 29.49
CA TRP A 146 13.48 11.21 30.19
C TRP A 146 12.49 10.31 29.49
N ASN A 147 12.97 9.12 29.12
CA ASN A 147 12.12 8.10 28.52
C ASN A 147 11.78 7.04 29.55
N ILE A 148 10.49 6.79 29.75
CA ILE A 148 10.06 5.88 30.81
C ILE A 148 9.61 4.55 30.25
N TYR A 149 10.18 3.48 30.81
CA TYR A 149 9.86 2.12 30.42
C TYR A 149 9.31 1.32 31.58
N ALA A 150 8.35 0.45 31.29
CA ALA A 150 7.78 -0.47 32.29
C ALA A 150 8.63 -1.73 32.41
N ASN A 151 8.97 -2.10 33.64
CA ASN A 151 9.71 -3.34 33.91
C ASN A 151 8.84 -4.59 34.07
N ASN A 152 7.54 -4.47 33.83
CA ASN A 152 6.65 -5.62 33.95
C ASN A 152 5.31 -5.38 33.25
N ASP A 153 4.53 -6.45 33.08
CA ASP A 153 3.21 -6.34 32.47
C ASP A 153 2.24 -5.70 33.42
N VAL A 154 1.27 -4.96 32.86
CA VAL A 154 0.15 -4.47 33.62
C VAL A 154 -1.13 -5.00 32.99
N VAL A 155 -1.98 -5.59 33.81
CA VAL A 155 -3.16 -6.30 33.33
C VAL A 155 -4.43 -5.63 33.84
N VAL A 156 -5.40 -5.46 32.94
CA VAL A 156 -6.69 -4.90 33.31
C VAL A 156 -7.73 -6.01 33.16
N PRO A 157 -8.12 -6.65 34.27
CA PRO A 157 -9.02 -7.80 34.24
C PRO A 157 -10.37 -7.44 33.65
N THR A 158 -10.96 -8.38 32.91
CA THR A 158 -12.26 -8.17 32.30
C THR A 158 -13.33 -8.21 33.37
N GLY A 159 -14.38 -7.43 33.20
CA GLY A 159 -15.46 -7.38 34.18
C GLY A 159 -16.74 -7.98 33.63
N GLY A 160 -17.78 -7.96 34.44
CA GLY A 160 -19.06 -8.50 34.04
C GLY A 160 -19.71 -7.63 32.98
N CYS A 161 -20.77 -8.16 32.36
CA CYS A 161 -21.52 -7.40 31.37
C CYS A 161 -22.70 -6.76 32.06
N ASP A 162 -23.25 -5.72 31.43
CA ASP A 162 -24.41 -5.08 31.99
C ASP A 162 -25.66 -5.40 31.18
N VAL A 163 -26.72 -5.74 31.89
CA VAL A 163 -28.00 -6.01 31.28
C VAL A 163 -28.85 -4.81 31.62
N SER A 164 -28.92 -3.87 30.69
CA SER A 164 -29.58 -2.58 30.91
C SER A 164 -31.04 -2.77 31.29
N ALA A 165 -31.42 -2.18 32.43
CA ALA A 165 -32.74 -2.35 33.03
C ALA A 165 -33.91 -2.09 32.07
N ARG A 166 -33.81 -0.98 31.34
CA ARG A 166 -34.92 -0.43 30.55
C ARG A 166 -36.10 -0.21 31.48
N ASP A 167 -36.97 -1.21 31.57
CA ASP A 167 -38.09 -1.18 32.50
C ASP A 167 -37.86 -2.17 33.64
N VAL A 168 -37.88 -1.66 34.86
CA VAL A 168 -37.72 -2.45 36.08
C VAL A 168 -38.92 -3.38 36.27
N THR A 169 -40.09 -2.78 36.49
CA THR A 169 -41.36 -3.50 36.63
C THR A 169 -42.17 -3.35 35.35
N VAL A 170 -42.23 -4.42 34.55
CA VAL A 170 -42.92 -4.39 33.26
C VAL A 170 -44.44 -4.58 33.40
N THR A 171 -45.21 -3.63 32.88
CA THR A 171 -46.68 -3.74 32.90
C THR A 171 -47.15 -4.63 31.76
N LEU A 172 -48.06 -5.55 32.09
CA LEU A 172 -48.66 -6.43 31.10
C LEU A 172 -50.02 -5.87 30.67
N PRO A 173 -50.44 -6.15 29.42
CA PRO A 173 -51.76 -5.69 29.00
C PRO A 173 -52.85 -6.59 29.57
N ASP A 174 -54.10 -6.17 29.43
CA ASP A 174 -55.24 -6.95 29.88
C ASP A 174 -55.29 -8.31 29.18
N TYR A 175 -55.75 -9.32 29.91
CA TYR A 175 -55.66 -10.72 29.51
C TYR A 175 -56.04 -11.01 28.05
N ARG A 176 -55.24 -11.88 27.43
CA ARG A 176 -55.33 -12.26 26.02
C ARG A 176 -54.20 -11.62 25.20
N GLY A 177 -53.76 -10.43 25.60
CA GLY A 177 -52.70 -9.69 24.91
C GLY A 177 -51.29 -9.99 25.43
N SER A 178 -50.28 -9.54 24.69
CA SER A 178 -48.88 -9.82 25.02
C SER A 178 -47.92 -8.65 24.76
N VAL A 179 -46.93 -8.47 25.62
CA VAL A 179 -45.93 -7.39 25.44
C VAL A 179 -44.56 -7.96 25.08
N PRO A 180 -43.86 -7.32 24.12
CA PRO A 180 -42.43 -7.59 23.98
C PRO A 180 -41.64 -6.97 25.14
N ILE A 181 -40.63 -7.69 25.63
CA ILE A 181 -39.82 -7.22 26.77
C ILE A 181 -38.50 -6.57 26.31
N PRO A 182 -38.29 -5.30 26.70
CA PRO A 182 -37.02 -4.64 26.43
C PRO A 182 -35.94 -5.10 27.40
N LEU A 183 -35.02 -5.92 26.90
CA LEU A 183 -33.92 -6.44 27.71
C LEU A 183 -32.69 -6.68 26.85
N THR A 184 -31.75 -5.74 26.97
CA THR A 184 -30.51 -5.75 26.19
C THR A 184 -29.30 -5.98 27.09
N VAL A 185 -28.28 -6.62 26.55
CA VAL A 185 -27.04 -6.82 27.27
C VAL A 185 -25.86 -6.30 26.46
N TYR A 186 -24.98 -5.57 27.12
CA TYR A 186 -23.73 -5.11 26.52
C TYR A 186 -22.57 -5.34 27.47
N CYS A 187 -21.38 -5.50 26.90
CA CYS A 187 -20.16 -5.75 27.66
C CYS A 187 -19.14 -4.67 27.35
N ALA A 188 -18.43 -4.20 28.39
CA ALA A 188 -17.33 -3.25 28.20
C ALA A 188 -16.21 -3.88 27.37
N LYS A 189 -16.09 -5.21 27.46
CA LYS A 189 -15.15 -5.98 26.64
C LYS A 189 -15.83 -7.23 26.07
N SER A 190 -15.74 -7.37 24.75
CA SER A 190 -16.36 -8.47 24.00
C SER A 190 -16.07 -9.86 24.53
N GLN A 191 -17.15 -10.61 24.78
CA GLN A 191 -17.09 -11.97 25.31
C GLN A 191 -18.35 -12.76 24.97
N ASN A 192 -18.30 -14.09 25.12
CA ASN A 192 -19.41 -14.99 24.78
C ASN A 192 -20.39 -15.17 25.93
N LEU A 193 -21.67 -14.86 25.68
CA LEU A 193 -22.69 -14.88 26.74
C LEU A 193 -23.86 -15.85 26.52
N GLY A 194 -24.10 -16.68 27.53
CA GLY A 194 -25.26 -17.56 27.56
C GLY A 194 -26.18 -17.24 28.73
N TYR A 195 -27.48 -17.26 28.47
CA TYR A 195 -28.48 -17.01 29.51
C TYR A 195 -29.57 -18.07 29.52
N TYR A 196 -30.15 -18.30 30.70
CA TYR A 196 -31.30 -19.19 30.87
C TYR A 196 -32.33 -18.60 31.84
N LEU A 197 -33.58 -19.08 31.73
CA LEU A 197 -34.67 -18.64 32.60
C LEU A 197 -34.83 -19.57 33.79
N SER A 198 -35.35 -19.06 34.89
CA SER A 198 -35.52 -19.83 36.12
C SER A 198 -36.66 -19.25 36.95
N GLY A 199 -37.35 -20.13 37.67
CA GLY A 199 -38.52 -19.74 38.45
C GLY A 199 -39.49 -20.88 38.64
N THR A 200 -40.53 -20.61 39.41
CA THR A 200 -41.54 -21.61 39.77
C THR A 200 -42.55 -21.85 38.64
N HIS A 201 -42.76 -23.14 38.35
CA HIS A 201 -43.57 -23.59 37.22
C HIS A 201 -44.86 -24.26 37.64
N ALA A 202 -45.88 -24.08 36.80
CA ALA A 202 -47.10 -24.86 36.91
C ALA A 202 -47.01 -26.15 36.06
N ASP A 203 -46.28 -26.10 34.96
CA ASP A 203 -46.28 -27.19 33.98
C ASP A 203 -45.05 -28.09 34.06
N ALA A 204 -45.22 -29.32 33.57
CA ALA A 204 -44.14 -30.32 33.55
C ALA A 204 -43.10 -30.00 32.48
N GLY A 205 -43.54 -29.34 31.41
CA GLY A 205 -42.66 -28.93 30.32
C GLY A 205 -41.68 -27.86 30.74
N ASN A 206 -42.03 -27.17 31.83
CA ASN A 206 -41.17 -26.18 32.48
C ASN A 206 -41.17 -24.84 31.76
N SER A 207 -42.35 -24.38 31.34
CA SER A 207 -42.43 -23.16 30.52
C SER A 207 -43.36 -22.06 31.03
N ILE A 208 -44.34 -22.41 31.85
CA ILE A 208 -45.26 -21.41 32.37
C ILE A 208 -44.90 -21.04 33.80
N PHE A 209 -44.89 -19.75 34.09
CA PHE A 209 -44.48 -19.26 35.40
C PHE A 209 -45.66 -18.92 36.30
N THR A 210 -45.58 -19.37 37.55
CA THR A 210 -46.67 -19.23 38.52
C THR A 210 -47.11 -17.79 38.67
N ASN A 211 -48.41 -17.60 38.84
CA ASN A 211 -48.98 -16.32 39.24
C ASN A 211 -48.58 -16.01 40.69
N THR A 212 -47.57 -15.15 40.84
CA THR A 212 -46.99 -14.85 42.15
C THR A 212 -47.71 -13.73 42.89
N ALA A 213 -48.67 -13.09 42.22
CA ALA A 213 -49.44 -11.97 42.80
C ALA A 213 -49.98 -12.35 44.18
N SER A 214 -49.70 -11.49 45.16
CA SER A 214 -50.03 -11.77 46.56
C SER A 214 -51.50 -11.49 46.87
N PHE A 215 -52.06 -10.43 46.28
CA PHE A 215 -53.45 -10.04 46.52
C PHE A 215 -54.33 -10.29 45.29
N SER A 216 -55.45 -10.96 45.52
CA SER A 216 -56.40 -11.35 44.48
C SER A 216 -55.73 -12.09 43.29
N PRO A 217 -55.18 -13.30 43.54
CA PRO A 217 -54.58 -14.06 42.46
C PRO A 217 -55.62 -14.70 41.55
N ALA A 218 -55.37 -14.69 40.24
CA ALA A 218 -56.24 -15.36 39.28
C ALA A 218 -55.74 -16.78 39.00
N GLN A 219 -56.66 -17.73 38.94
CA GLN A 219 -56.30 -19.12 38.67
C GLN A 219 -56.25 -19.42 37.18
N GLY A 220 -55.67 -20.56 36.84
CA GLY A 220 -55.69 -21.10 35.48
C GLY A 220 -54.90 -20.29 34.48
N VAL A 221 -54.10 -19.34 34.98
CA VAL A 221 -53.37 -18.42 34.10
C VAL A 221 -51.95 -18.11 34.59
N GLY A 222 -50.98 -18.22 33.68
CA GLY A 222 -49.59 -17.92 33.96
C GLY A 222 -48.89 -16.99 32.96
N VAL A 223 -47.57 -16.91 33.08
CA VAL A 223 -46.75 -16.04 32.23
C VAL A 223 -45.71 -16.87 31.50
N GLN A 224 -45.68 -16.73 30.18
CA GLN A 224 -44.83 -17.56 29.33
C GLN A 224 -44.05 -16.72 28.33
N LEU A 225 -42.76 -17.01 28.18
CA LEU A 225 -41.88 -16.18 27.36
C LEU A 225 -41.56 -16.82 26.01
N THR A 226 -41.48 -15.96 24.98
CA THR A 226 -41.22 -16.37 23.60
C THR A 226 -40.05 -15.60 22.96
N ARG A 227 -39.28 -16.29 22.13
CA ARG A 227 -38.21 -15.69 21.32
C ARG A 227 -38.51 -15.97 19.85
N ASN A 228 -38.82 -14.92 19.10
CA ASN A 228 -39.27 -15.05 17.70
C ASN A 228 -40.33 -16.15 17.53
N GLY A 229 -41.43 -16.03 18.26
CA GLY A 229 -42.55 -16.97 18.18
C GLY A 229 -42.43 -18.30 18.92
N THR A 230 -41.22 -18.63 19.39
CA THR A 230 -40.97 -19.91 20.05
C THR A 230 -41.07 -19.82 21.57
N ILE A 231 -41.73 -20.79 22.19
CA ILE A 231 -41.76 -20.88 23.65
C ILE A 231 -40.34 -21.19 24.16
N ILE A 232 -39.94 -20.48 25.20
CA ILE A 232 -38.66 -20.73 25.88
C ILE A 232 -38.91 -21.31 27.27
N PRO A 233 -38.46 -22.56 27.49
CA PRO A 233 -38.55 -23.16 28.82
C PRO A 233 -37.50 -22.60 29.77
N ALA A 234 -37.75 -22.69 31.07
CA ALA A 234 -36.73 -22.35 32.06
C ALA A 234 -35.66 -23.44 32.16
N ASN A 235 -34.47 -23.05 32.64
CA ASN A 235 -33.29 -23.91 32.70
C ASN A 235 -32.95 -24.54 31.35
N ASN A 236 -32.99 -23.71 30.31
CA ASN A 236 -32.55 -24.09 28.97
C ASN A 236 -31.73 -22.94 28.39
N THR A 237 -30.43 -23.20 28.19
CA THR A 237 -29.45 -22.15 27.89
C THR A 237 -29.40 -21.65 26.45
N VAL A 238 -29.96 -20.46 26.25
CA VAL A 238 -29.82 -19.71 25.00
C VAL A 238 -28.39 -19.16 24.93
N SER A 239 -27.72 -19.43 23.82
CA SER A 239 -26.41 -18.84 23.56
C SER A 239 -26.57 -17.57 22.73
N LEU A 240 -25.84 -16.52 23.10
CA LEU A 240 -25.93 -15.24 22.40
C LEU A 240 -24.69 -14.93 21.55
N GLY A 241 -23.68 -15.80 21.64
CA GLY A 241 -22.41 -15.56 20.97
C GLY A 241 -21.62 -14.44 21.63
N ALA A 242 -20.82 -13.73 20.85
CA ALA A 242 -19.96 -12.67 21.37
C ALA A 242 -20.72 -11.36 21.55
N VAL A 243 -20.68 -10.82 22.75
CA VAL A 243 -21.38 -9.55 23.05
C VAL A 243 -20.39 -8.45 23.38
N GLY A 244 -20.42 -7.39 22.59
CA GLY A 244 -19.55 -6.25 22.79
C GLY A 244 -20.33 -5.09 23.36
N THR A 245 -19.96 -3.88 22.94
CA THR A 245 -20.55 -2.64 23.46
C THR A 245 -21.85 -2.26 22.77
N SER A 246 -22.10 -2.85 21.60
CA SER A 246 -23.42 -2.76 20.96
C SER A 246 -24.39 -3.67 21.69
N ALA A 247 -25.39 -3.04 22.33
CA ALA A 247 -26.36 -3.74 23.18
C ALA A 247 -27.15 -4.81 22.41
N VAL A 248 -26.91 -6.07 22.76
CA VAL A 248 -27.63 -7.19 22.14
C VAL A 248 -28.94 -7.43 22.89
N SER A 249 -30.04 -7.51 22.13
CA SER A 249 -31.37 -7.76 22.71
C SER A 249 -31.63 -9.25 22.88
N LEU A 250 -32.23 -9.63 24.00
CA LEU A 250 -32.50 -11.06 24.26
C LEU A 250 -33.66 -11.62 23.43
N GLY A 251 -34.52 -10.73 22.96
CA GLY A 251 -35.62 -11.09 22.06
C GLY A 251 -36.79 -11.74 22.78
N LEU A 252 -37.16 -11.18 23.92
CA LEU A 252 -38.20 -11.78 24.77
C LEU A 252 -39.56 -11.10 24.63
N THR A 253 -40.61 -11.91 24.53
CA THR A 253 -41.98 -11.43 24.50
C THR A 253 -42.76 -12.15 25.60
N ALA A 254 -43.55 -11.40 26.36
CA ALA A 254 -44.32 -11.95 27.48
C ALA A 254 -45.79 -12.29 27.12
N ASN A 255 -46.09 -13.58 27.06
CA ASN A 255 -47.43 -14.09 26.75
C ASN A 255 -48.15 -14.62 27.97
N TYR A 256 -49.48 -14.45 28.01
CA TYR A 256 -50.31 -15.14 29.00
C TYR A 256 -50.48 -16.61 28.61
N ALA A 257 -50.59 -17.47 29.61
CA ALA A 257 -50.72 -18.90 29.37
C ALA A 257 -51.76 -19.52 30.30
N ARG A 258 -52.43 -20.56 29.82
CA ARG A 258 -53.48 -21.23 30.58
C ARG A 258 -52.91 -22.47 31.27
N THR A 259 -53.14 -22.59 32.58
CA THR A 259 -52.53 -23.66 33.38
C THR A 259 -53.46 -24.83 33.73
N GLY A 260 -54.64 -24.51 34.28
CA GLY A 260 -55.56 -25.53 34.80
C GLY A 260 -56.99 -25.44 34.32
N GLY A 261 -57.90 -25.10 35.22
CA GLY A 261 -59.32 -25.03 34.89
C GLY A 261 -59.72 -23.67 34.34
N GLN A 262 -60.93 -23.23 34.68
CA GLN A 262 -61.46 -21.95 34.25
C GLN A 262 -60.54 -20.82 34.68
N VAL A 263 -60.33 -19.86 33.77
CA VAL A 263 -59.56 -18.66 34.07
C VAL A 263 -60.39 -17.77 34.99
N THR A 264 -59.85 -17.49 36.17
CA THR A 264 -60.57 -16.72 37.19
C THR A 264 -60.25 -15.23 37.12
N ALA A 265 -61.07 -14.41 37.76
CA ALA A 265 -60.81 -12.98 37.90
C ALA A 265 -59.67 -12.76 38.88
N GLY A 266 -59.01 -11.61 38.79
CA GLY A 266 -57.92 -11.25 39.69
C GLY A 266 -56.61 -10.91 39.02
N ASN A 267 -55.72 -10.28 39.79
CA ASN A 267 -54.42 -9.80 39.31
C ASN A 267 -53.42 -10.90 38.98
N VAL A 268 -52.60 -10.66 37.97
CA VAL A 268 -51.51 -11.57 37.57
C VAL A 268 -50.16 -10.88 37.64
N GLN A 269 -49.28 -11.40 38.50
CA GLN A 269 -47.89 -10.92 38.61
C GLN A 269 -46.91 -12.08 38.66
N SER A 270 -45.77 -11.91 37.99
CA SER A 270 -44.71 -12.91 37.99
C SER A 270 -43.36 -12.26 38.23
N ILE A 271 -42.45 -13.02 38.84
CA ILE A 271 -41.05 -12.63 38.91
C ILE A 271 -40.23 -13.76 38.28
N ILE A 272 -39.52 -13.45 37.20
CA ILE A 272 -38.71 -14.43 36.48
C ILE A 272 -37.21 -14.14 36.66
N GLY A 273 -36.38 -15.17 36.57
CA GLY A 273 -34.94 -15.01 36.64
C GLY A 273 -34.27 -15.19 35.29
N VAL A 274 -33.49 -14.19 34.89
CA VAL A 274 -32.61 -14.29 33.74
C VAL A 274 -31.19 -14.38 34.28
N THR A 275 -30.57 -15.54 34.09
CA THR A 275 -29.24 -15.81 34.63
C THR A 275 -28.22 -15.81 33.51
N PHE A 276 -27.19 -14.98 33.63
CA PHE A 276 -26.10 -14.93 32.66
C PHE A 276 -24.90 -15.71 33.16
N VAL A 277 -24.51 -16.74 32.42
CA VAL A 277 -23.40 -17.60 32.82
C VAL A 277 -22.16 -17.19 32.05
N TYR A 278 -21.17 -16.68 32.80
CA TYR A 278 -19.91 -16.20 32.26
C TYR A 278 -18.90 -17.33 32.17
N GLN A 279 -18.18 -17.37 31.06
CA GLN A 279 -17.11 -18.34 30.85
C GLN A 279 -15.99 -18.11 31.86
N GLN B 26 -49.96 2.69 9.46
CA GLN B 26 -51.30 3.32 9.65
C GLN B 26 -51.23 4.54 10.58
N GLU B 27 -52.08 5.52 10.31
CA GLU B 27 -52.21 6.70 11.14
C GLU B 27 -52.95 6.41 12.45
N LEU B 28 -52.76 7.26 13.46
CA LEU B 28 -53.53 7.19 14.70
C LEU B 28 -54.38 8.44 14.88
N PRO B 29 -55.45 8.36 15.71
CA PRO B 29 -56.19 9.60 16.02
C PRO B 29 -55.41 10.46 17.02
N PRO B 30 -55.47 11.79 16.87
CA PRO B 30 -54.81 12.71 17.79
C PRO B 30 -55.33 12.58 19.22
N GLY B 31 -54.53 12.99 20.19
CA GLY B 31 -54.92 12.96 21.61
C GLY B 31 -53.76 12.94 22.58
N THR B 32 -54.07 12.80 23.86
CA THR B 32 -53.06 12.74 24.91
C THR B 32 -52.72 11.28 25.21
N TYR B 33 -51.43 10.98 25.32
CA TYR B 33 -50.98 9.61 25.56
C TYR B 33 -49.96 9.56 26.69
N ARG B 34 -50.24 8.71 27.69
CA ARG B 34 -49.29 8.37 28.75
C ARG B 34 -48.20 7.51 28.14
N VAL B 35 -46.97 8.03 28.17
CA VAL B 35 -45.93 7.50 27.31
C VAL B 35 -44.52 7.61 27.91
N ASP B 36 -43.67 6.63 27.62
CA ASP B 36 -42.28 6.67 28.01
C ASP B 36 -41.44 7.27 26.88
N ILE B 37 -40.94 8.48 27.13
CA ILE B 37 -40.18 9.21 26.11
C ILE B 37 -38.74 8.71 26.02
N TYR B 38 -38.37 8.23 24.84
CA TYR B 38 -37.03 7.79 24.56
C TYR B 38 -36.39 8.67 23.49
N LEU B 39 -35.14 9.04 23.72
CA LEU B 39 -34.34 9.74 22.72
C LEU B 39 -33.12 8.92 22.37
N ASN B 40 -32.98 8.58 21.10
CA ASN B 40 -31.88 7.77 20.59
C ASN B 40 -31.65 6.52 21.44
N ASN B 41 -32.70 5.72 21.60
CA ASN B 41 -32.69 4.49 22.41
C ASN B 41 -32.41 4.65 23.91
N GLY B 42 -32.32 5.89 24.38
CA GLY B 42 -32.08 6.18 25.80
C GLY B 42 -33.24 6.88 26.48
N TYR B 43 -33.76 6.25 27.54
CA TYR B 43 -34.90 6.78 28.31
C TYR B 43 -34.69 8.23 28.78
N MET B 44 -35.75 9.03 28.73
CA MET B 44 -35.68 10.42 29.19
C MET B 44 -36.62 10.71 30.37
N ALA B 45 -37.92 10.51 30.16
CA ALA B 45 -38.95 10.78 31.18
C ALA B 45 -40.28 10.16 30.79
N THR B 46 -41.17 10.00 31.77
CA THR B 46 -42.54 9.60 31.50
C THR B 46 -43.49 10.78 31.76
N ARG B 47 -44.21 11.18 30.72
CA ARG B 47 -45.25 12.21 30.82
C ARG B 47 -46.41 11.87 29.90
N ASP B 48 -47.50 12.62 30.04
CA ASP B 48 -48.57 12.58 29.05
C ASP B 48 -48.17 13.56 27.95
N VAL B 49 -48.14 13.08 26.71
CA VAL B 49 -47.70 13.90 25.59
C VAL B 49 -48.86 14.14 24.64
N THR B 50 -49.06 15.40 24.28
CA THR B 50 -50.10 15.80 23.33
C THR B 50 -49.64 15.49 21.91
N PHE B 51 -50.51 14.85 21.13
CA PHE B 51 -50.24 14.63 19.73
C PHE B 51 -51.25 15.38 18.88
N ASN B 52 -50.74 16.17 17.96
CA ASN B 52 -51.57 16.92 17.04
C ASN B 52 -51.40 16.33 15.65
N THR B 53 -52.44 16.47 14.83
CA THR B 53 -52.35 16.10 13.43
C THR B 53 -51.19 16.86 12.82
N GLY B 54 -50.32 16.17 12.09
CA GLY B 54 -49.20 16.81 11.43
C GLY B 54 -48.68 16.06 10.23
N ASP B 55 -47.84 16.74 9.45
CA ASP B 55 -47.08 16.11 8.38
C ASP B 55 -46.19 15.04 9.01
N SER B 56 -46.59 13.78 8.88
CA SER B 56 -45.93 12.66 9.57
C SER B 56 -46.46 11.34 9.06
N GLU B 57 -45.68 10.27 9.23
CA GLU B 57 -46.10 8.92 8.82
C GLU B 57 -47.30 8.40 9.62
N GLN B 58 -47.31 8.70 10.92
CA GLN B 58 -48.38 8.26 11.81
C GLN B 58 -49.54 9.26 11.86
N GLY B 59 -49.47 10.29 11.00
CA GLY B 59 -50.47 11.35 10.95
C GLY B 59 -50.41 12.32 12.12
N ILE B 60 -49.74 11.92 13.19
CA ILE B 60 -49.64 12.76 14.39
C ILE B 60 -48.19 13.07 14.78
N VAL B 61 -48.01 14.25 15.37
CA VAL B 61 -46.71 14.72 15.84
C VAL B 61 -46.78 15.08 17.33
N PRO B 62 -45.74 14.71 18.09
CA PRO B 62 -45.76 15.09 19.51
C PRO B 62 -45.53 16.57 19.66
N CYS B 63 -46.13 17.17 20.68
CA CYS B 63 -45.84 18.55 21.03
C CYS B 63 -44.83 18.57 22.15
N LEU B 64 -43.64 19.08 21.83
CA LEU B 64 -42.56 19.22 22.79
C LEU B 64 -41.99 20.62 22.67
N THR B 65 -41.54 21.18 23.78
CA THR B 65 -41.04 22.57 23.81
C THR B 65 -39.51 22.67 23.72
N ARG B 66 -39.04 23.87 23.37
CA ARG B 66 -37.60 24.17 23.36
C ARG B 66 -37.00 23.89 24.73
N ALA B 67 -37.66 24.35 25.79
CA ALA B 67 -37.31 23.95 27.15
C ALA B 67 -37.13 22.43 27.26
N GLN B 68 -38.19 21.67 26.99
CA GLN B 68 -38.16 20.22 27.15
C GLN B 68 -37.12 19.51 26.27
N LEU B 69 -36.96 19.98 25.04
CA LEU B 69 -35.99 19.39 24.12
C LEU B 69 -34.55 19.66 24.55
N ALA B 70 -34.27 20.88 25.01
CA ALA B 70 -32.92 21.27 25.41
C ALA B 70 -32.41 20.44 26.58
N SER B 71 -33.26 20.23 27.59
CA SER B 71 -32.93 19.44 28.77
C SER B 71 -32.75 17.96 28.43
N MET B 72 -33.52 17.47 27.46
CA MET B 72 -33.38 16.09 26.97
C MET B 72 -32.06 15.82 26.25
N GLY B 73 -31.24 16.85 26.07
CA GLY B 73 -29.95 16.68 25.43
C GLY B 73 -29.71 17.57 24.23
N LEU B 74 -30.77 18.04 23.60
CA LEU B 74 -30.64 18.87 22.39
C LEU B 74 -29.91 20.18 22.66
N ASN B 75 -29.04 20.56 21.72
CA ASN B 75 -28.37 21.85 21.73
C ASN B 75 -29.10 22.80 20.77
N THR B 76 -29.96 23.65 21.34
CA THR B 76 -30.94 24.44 20.58
C THR B 76 -30.33 25.43 19.56
N ALA B 77 -29.23 26.08 19.96
CA ALA B 77 -28.57 27.05 19.09
C ALA B 77 -28.00 26.42 17.80
N SER B 78 -27.69 25.12 17.86
CA SER B 78 -27.21 24.41 16.68
C SER B 78 -28.31 24.15 15.65
N VAL B 79 -29.54 24.60 15.98
CA VAL B 79 -30.69 24.43 15.11
C VAL B 79 -31.32 25.77 14.80
N ALA B 80 -31.28 26.14 13.52
CA ALA B 80 -31.80 27.43 13.05
C ALA B 80 -33.29 27.64 13.34
N GLY B 81 -33.59 28.79 13.95
CA GLY B 81 -34.97 29.21 14.17
C GLY B 81 -35.53 28.96 15.56
N MET B 82 -34.97 27.99 16.28
CA MET B 82 -35.53 27.55 17.56
C MET B 82 -35.51 28.62 18.63
N ASN B 83 -34.62 29.60 18.47
CA ASN B 83 -34.56 30.77 19.35
C ASN B 83 -35.76 31.72 19.21
N LEU B 84 -36.47 31.62 18.08
CA LEU B 84 -37.56 32.52 17.75
C LEU B 84 -38.90 32.15 18.40
N LEU B 85 -39.07 30.87 18.71
CA LEU B 85 -40.35 30.36 19.21
C LEU B 85 -40.59 30.79 20.66
N ALA B 86 -41.87 30.91 21.03
CA ALA B 86 -42.28 31.18 22.40
C ALA B 86 -41.84 30.05 23.34
N ASP B 87 -41.91 30.29 24.65
CA ASP B 87 -41.51 29.31 25.65
C ASP B 87 -42.27 28.00 25.53
N ASP B 88 -43.59 28.09 25.38
CA ASP B 88 -44.45 26.90 25.36
C ASP B 88 -44.92 26.43 23.97
N ALA B 89 -44.51 27.16 22.93
CA ALA B 89 -44.81 26.77 21.55
C ALA B 89 -44.36 25.34 21.27
N CYS B 90 -45.19 24.58 20.56
CA CYS B 90 -44.80 23.25 20.14
C CYS B 90 -43.77 23.39 19.04
N VAL B 91 -42.64 22.70 19.20
CA VAL B 91 -41.56 22.73 18.23
C VAL B 91 -41.95 21.83 17.05
N PRO B 92 -41.85 22.36 15.81
CA PRO B 92 -42.05 21.53 14.63
C PRO B 92 -40.83 20.66 14.35
N LEU B 93 -40.57 19.70 15.24
CA LEU B 93 -39.32 18.93 15.25
C LEU B 93 -38.86 18.43 13.87
N THR B 94 -39.77 17.81 13.12
CA THR B 94 -39.40 17.12 11.88
C THR B 94 -39.06 18.04 10.70
N THR B 95 -39.62 19.25 10.69
CA THR B 95 -39.29 20.24 9.66
C THR B 95 -38.14 21.15 10.09
N MET B 96 -38.01 21.35 11.40
CA MET B 96 -37.02 22.26 11.96
C MET B 96 -35.65 21.58 12.13
N VAL B 97 -35.65 20.27 12.34
CA VAL B 97 -34.42 19.48 12.51
C VAL B 97 -34.29 18.42 11.41
N GLN B 98 -33.34 18.61 10.50
CA GLN B 98 -33.09 17.68 9.39
C GLN B 98 -32.84 16.26 9.89
N ASP B 99 -33.60 15.30 9.36
CA ASP B 99 -33.46 13.88 9.68
C ASP B 99 -33.87 13.49 11.12
N ALA B 100 -34.65 14.34 11.78
CA ALA B 100 -35.16 14.01 13.09
C ALA B 100 -36.47 13.23 12.95
N THR B 101 -36.65 12.19 13.78
CA THR B 101 -37.84 11.32 13.70
C THR B 101 -38.52 11.00 15.03
N ALA B 102 -39.86 10.91 14.95
CA ALA B 102 -40.68 10.52 16.08
C ALA B 102 -41.59 9.34 15.71
N HIS B 103 -41.61 8.34 16.56
CA HIS B 103 -42.52 7.22 16.40
C HIS B 103 -43.23 6.99 17.73
N LEU B 104 -44.52 6.70 17.66
CA LEU B 104 -45.30 6.39 18.83
C LEU B 104 -45.72 4.94 18.79
N ASP B 105 -45.52 4.25 19.90
CA ASP B 105 -46.04 2.90 20.05
C ASP B 105 -46.92 2.82 21.29
N VAL B 106 -48.24 2.73 21.08
CA VAL B 106 -49.20 2.62 22.18
C VAL B 106 -49.05 1.28 22.90
N GLY B 107 -48.68 0.25 22.15
CA GLY B 107 -48.49 -1.11 22.66
C GLY B 107 -47.54 -1.27 23.84
N GLN B 108 -46.45 -0.50 23.83
CA GLN B 108 -45.52 -0.46 24.96
C GLN B 108 -45.68 0.81 25.78
N GLN B 109 -46.58 1.69 25.33
CA GLN B 109 -46.72 3.06 25.87
C GLN B 109 -45.37 3.79 25.76
N ARG B 110 -44.88 3.86 24.53
CA ARG B 110 -43.49 4.21 24.24
C ARG B 110 -43.38 5.21 23.07
N LEU B 111 -42.77 6.36 23.37
CA LEU B 111 -42.47 7.36 22.34
C LEU B 111 -40.97 7.39 22.10
N ASN B 112 -40.59 7.06 20.86
CA ASN B 112 -39.20 6.97 20.45
C ASN B 112 -38.78 8.10 19.53
N LEU B 113 -37.95 8.99 20.05
CA LEU B 113 -37.42 10.12 19.31
C LEU B 113 -35.99 9.84 18.88
N THR B 114 -35.62 10.32 17.68
CA THR B 114 -34.24 10.29 17.24
C THR B 114 -33.86 11.65 16.64
N ILE B 115 -32.79 12.23 17.17
CA ILE B 115 -32.23 13.48 16.66
C ILE B 115 -30.75 13.24 16.33
N PRO B 116 -30.30 13.61 15.12
CA PRO B 116 -28.91 13.35 14.76
C PRO B 116 -27.96 13.98 15.78
N GLN B 117 -26.96 13.22 16.21
CA GLN B 117 -26.09 13.61 17.32
C GLN B 117 -25.37 14.95 17.13
N ALA B 118 -25.23 15.39 15.88
CA ALA B 118 -24.64 16.70 15.58
C ALA B 118 -25.35 17.85 16.31
N PHE B 119 -26.64 17.66 16.59
CA PHE B 119 -27.48 18.67 17.25
C PHE B 119 -27.57 18.43 18.75
N MET B 120 -26.91 17.36 19.20
CA MET B 120 -26.86 17.00 20.63
C MET B 120 -25.66 17.61 21.35
N SER B 121 -25.84 17.95 22.62
CA SER B 121 -24.76 18.53 23.41
C SER B 121 -24.36 17.56 24.51
N ASN B 122 -23.10 17.65 24.94
CA ASN B 122 -22.53 16.75 25.95
C ASN B 122 -22.31 15.34 25.40
N ARG B 123 -21.85 15.27 24.16
CA ARG B 123 -21.68 14.01 23.47
C ARG B 123 -20.42 13.28 23.94
N ALA B 124 -19.46 14.04 24.45
CA ALA B 124 -18.18 13.51 24.94
C ALA B 124 -18.30 12.36 25.93
N ARG B 125 -17.42 11.37 25.78
CA ARG B 125 -17.35 10.30 26.76
C ARG B 125 -16.42 10.70 27.90
N GLY B 126 -16.83 10.38 29.12
CA GLY B 126 -16.16 10.85 30.32
C GLY B 126 -16.80 12.13 30.81
N TYR B 127 -17.80 12.63 30.07
CA TYR B 127 -18.50 13.87 30.43
C TYR B 127 -19.10 13.79 31.83
N ILE B 128 -18.87 14.85 32.62
CA ILE B 128 -19.44 14.96 33.95
C ILE B 128 -20.04 16.37 34.11
N PRO B 129 -21.33 16.46 34.48
CA PRO B 129 -21.97 17.77 34.65
C PRO B 129 -21.25 18.61 35.70
N PRO B 130 -20.99 19.89 35.39
CA PRO B 130 -20.31 20.87 36.24
C PRO B 130 -20.85 20.99 37.67
N GLU B 131 -22.15 20.81 37.88
CA GLU B 131 -22.73 21.04 39.20
C GLU B 131 -22.39 19.94 40.22
N LEU B 132 -21.78 18.87 39.74
CA LEU B 132 -21.32 17.79 40.62
C LEU B 132 -19.88 18.03 41.10
N TRP B 133 -19.21 19.00 40.49
CA TRP B 133 -17.86 19.34 40.87
C TRP B 133 -17.81 19.94 42.26
N ASP B 134 -17.25 19.20 43.20
CA ASP B 134 -17.23 19.60 44.59
C ASP B 134 -16.02 20.50 44.85
N PRO B 135 -16.27 21.75 45.33
CA PRO B 135 -15.21 22.67 45.77
C PRO B 135 -14.49 22.19 47.04
N GLY B 136 -15.17 21.35 47.83
CA GLY B 136 -14.57 20.73 49.01
C GLY B 136 -14.65 21.52 50.31
N ILE B 137 -14.25 20.86 51.39
CA ILE B 137 -14.31 21.43 52.75
C ILE B 137 -13.25 22.51 53.04
N ASN B 138 -13.52 23.33 54.04
CA ASN B 138 -12.57 24.33 54.49
C ASN B 138 -11.51 23.65 55.34
N ALA B 139 -10.24 23.98 55.11
CA ALA B 139 -9.15 23.27 55.79
C ALA B 139 -7.84 24.03 55.82
N GLY B 140 -6.95 23.57 56.72
CA GLY B 140 -5.60 24.06 56.84
C GLY B 140 -4.70 22.93 56.40
N LEU B 141 -3.52 23.26 55.89
CA LEU B 141 -2.80 22.38 54.98
C LEU B 141 -1.30 22.66 54.97
N LEU B 142 -0.52 21.65 55.33
CA LEU B 142 0.93 21.78 55.41
C LEU B 142 1.65 20.56 54.85
N ASN B 143 2.70 20.80 54.06
CA ASN B 143 3.64 19.75 53.65
C ASN B 143 5.02 20.07 54.19
N TYR B 144 5.62 19.10 54.89
CA TYR B 144 6.94 19.28 55.45
C TYR B 144 7.90 18.28 54.83
N ASN B 145 9.08 18.76 54.48
CA ASN B 145 10.18 17.92 54.00
C ASN B 145 11.46 18.30 54.76
N PHE B 146 11.88 17.44 55.69
CA PHE B 146 13.09 17.71 56.47
C PHE B 146 14.19 16.76 56.03
N SER B 147 15.23 17.33 55.45
CA SER B 147 16.25 16.55 54.77
C SER B 147 17.63 17.11 55.08
N GLY B 148 18.64 16.24 55.10
CA GLY B 148 20.00 16.68 55.32
C GLY B 148 21.01 15.66 54.85
N ASN B 149 22.25 16.11 54.62
CA ASN B 149 23.33 15.20 54.25
C ASN B 149 24.70 15.58 54.80
N SER B 150 25.51 14.57 55.10
CA SER B 150 26.84 14.76 55.70
C SER B 150 27.92 14.38 54.71
N VAL B 151 28.85 15.29 54.47
CA VAL B 151 29.95 15.05 53.55
C VAL B 151 31.24 14.83 54.32
N GLN B 152 32.06 13.92 53.81
CA GLN B 152 33.42 13.73 54.29
C GLN B 152 34.34 13.90 53.09
N ASN B 153 35.05 15.03 53.06
CA ASN B 153 35.95 15.33 51.95
C ASN B 153 37.35 14.75 52.17
N ARG B 154 37.98 14.38 51.06
CA ARG B 154 39.31 13.76 51.05
C ARG B 154 40.33 14.60 51.85
N ILE B 155 40.63 15.79 51.35
CA ILE B 155 41.39 16.80 52.10
C ILE B 155 40.45 17.97 52.38
N GLY B 156 40.45 18.45 53.62
CA GLY B 156 39.59 19.57 54.03
C GLY B 156 38.82 19.28 55.30
N GLY B 157 38.30 18.06 55.42
CA GLY B 157 37.57 17.64 56.61
C GLY B 157 36.13 17.27 56.31
N ASN B 158 35.22 17.81 57.12
CA ASN B 158 33.81 17.44 57.08
C ASN B 158 32.87 18.59 56.69
N SER B 159 31.60 18.26 56.53
CA SER B 159 30.55 19.21 56.20
C SER B 159 29.17 18.63 56.52
N HIS B 160 28.33 19.42 57.19
CA HIS B 160 26.95 19.03 57.46
C HIS B 160 25.97 20.02 56.81
N TYR B 161 24.96 19.48 56.13
CA TYR B 161 23.93 20.29 55.47
C TYR B 161 22.54 19.86 55.88
N ALA B 162 21.68 20.84 56.17
CA ALA B 162 20.26 20.59 56.44
C ALA B 162 19.37 21.56 55.64
N TYR B 163 18.21 21.06 55.21
CA TYR B 163 17.25 21.84 54.43
C TYR B 163 15.83 21.45 54.82
N LEU B 164 14.98 22.44 55.07
CA LEU B 164 13.58 22.19 55.40
C LEU B 164 12.62 22.93 54.44
N ASN B 165 11.78 22.19 53.72
CA ASN B 165 10.78 22.76 52.80
C ASN B 165 9.39 22.79 53.42
N LEU B 166 8.78 23.97 53.44
CA LEU B 166 7.42 24.13 53.93
C LEU B 166 6.47 24.60 52.84
N GLN B 167 5.47 23.77 52.52
CA GLN B 167 4.46 24.12 51.54
C GLN B 167 3.18 24.31 52.34
N SER B 168 2.70 25.55 52.37
CA SER B 168 1.65 25.96 53.29
C SER B 168 0.37 26.19 52.52
N GLY B 169 -0.78 26.00 53.17
CA GLY B 169 -2.06 26.08 52.45
C GLY B 169 -3.32 26.36 53.25
N LEU B 170 -4.24 27.08 52.63
CA LEU B 170 -5.55 27.33 53.21
C LEU B 170 -6.65 27.22 52.14
N ASN B 171 -7.74 26.55 52.50
CA ASN B 171 -8.89 26.40 51.62
C ASN B 171 -10.11 27.05 52.27
N ILE B 172 -10.69 28.06 51.62
CA ILE B 172 -11.99 28.62 52.05
C ILE B 172 -12.97 28.55 50.87
N GLY B 173 -13.87 27.58 50.92
CA GLY B 173 -14.83 27.37 49.84
C GLY B 173 -14.16 26.90 48.56
N ALA B 174 -14.02 27.80 47.60
CA ALA B 174 -13.40 27.48 46.31
C ALA B 174 -12.02 28.14 46.16
N TRP B 175 -11.64 28.98 47.12
CA TRP B 175 -10.35 29.64 47.12
C TRP B 175 -9.26 28.76 47.70
N ARG B 176 -8.07 28.81 47.10
CA ARG B 176 -6.89 28.09 47.62
C ARG B 176 -5.76 29.07 47.81
N LEU B 177 -5.40 29.34 49.07
CA LEU B 177 -4.18 30.10 49.37
C LEU B 177 -3.03 29.11 49.60
N ARG B 178 -1.88 29.40 48.98
CA ARG B 178 -0.70 28.52 49.07
C ARG B 178 0.59 29.32 49.29
N ASP B 179 1.57 28.69 49.92
CA ASP B 179 2.80 29.35 50.28
C ASP B 179 3.99 28.41 50.20
N ASN B 180 5.12 28.92 49.73
CA ASN B 180 6.36 28.16 49.76
C ASN B 180 7.45 28.92 50.47
N THR B 181 8.04 28.26 51.47
CA THR B 181 9.19 28.79 52.17
C THR B 181 10.10 27.65 52.60
N THR B 182 11.41 27.88 52.47
CA THR B 182 12.43 26.91 52.86
C THR B 182 13.36 27.45 53.93
N TRP B 183 14.01 26.53 54.62
CA TRP B 183 15.05 26.86 55.59
C TRP B 183 16.31 26.09 55.19
N SER B 184 17.46 26.70 55.45
CA SER B 184 18.73 26.16 54.98
C SER B 184 19.71 26.03 56.15
N TYR B 185 20.73 25.19 55.97
CA TYR B 185 21.84 25.12 56.92
C TYR B 185 23.14 24.71 56.21
N ASN B 186 24.22 25.36 56.58
CA ASN B 186 25.53 25.12 55.99
C ASN B 186 26.62 25.36 57.03
N SER B 187 27.48 24.36 57.24
CA SER B 187 28.60 24.49 58.18
C SER B 187 29.94 24.68 57.48
N ASN B 196 22.85 30.07 56.81
CA ASN B 196 21.53 29.58 57.24
C ASN B 196 20.46 30.67 57.40
N LYS B 197 19.44 30.64 56.52
CA LYS B 197 18.35 31.62 56.57
C LYS B 197 17.00 31.04 56.13
N TRP B 198 15.92 31.69 56.57
CA TRP B 198 14.57 31.40 56.09
C TRP B 198 14.30 32.16 54.80
N GLN B 199 14.63 31.55 53.66
CA GLN B 199 14.36 32.18 52.38
C GLN B 199 13.00 31.76 51.85
N HIS B 200 12.05 32.68 51.88
CA HIS B 200 10.71 32.48 51.33
C HIS B 200 10.72 32.46 49.79
N ILE B 201 9.88 31.62 49.20
CA ILE B 201 9.84 31.46 47.74
C ILE B 201 8.58 32.05 47.07
N ASN B 202 7.42 31.52 47.43
CA ASN B 202 6.19 31.69 46.66
C ASN B 202 4.95 32.01 47.48
N THR B 203 3.97 32.65 46.84
CA THR B 203 2.61 32.77 47.37
C THR B 203 1.64 33.06 46.24
N TRP B 204 0.49 32.39 46.27
CA TRP B 204 -0.62 32.74 45.39
C TRP B 204 -1.97 32.40 46.02
N LEU B 205 -3.00 33.11 45.56
CA LEU B 205 -4.38 32.79 45.86
C LEU B 205 -5.01 32.38 44.53
N GLU B 206 -5.63 31.21 44.49
CA GLU B 206 -6.20 30.69 43.24
C GLU B 206 -7.64 30.24 43.42
N ARG B 207 -8.37 30.24 42.31
CA ARG B 207 -9.78 29.88 42.28
C ARG B 207 -10.12 29.48 40.86
N ASP B 208 -11.08 28.57 40.69
CA ASP B 208 -11.63 28.32 39.36
C ASP B 208 -12.95 29.04 39.13
N ILE B 209 -13.08 29.57 37.93
CA ILE B 209 -14.32 30.14 37.45
C ILE B 209 -14.91 29.11 36.48
N ILE B 210 -15.89 28.36 36.96
CA ILE B 210 -16.44 27.21 36.23
C ILE B 210 -17.22 27.60 34.97
N PRO B 211 -18.09 28.62 35.05
CA PRO B 211 -18.84 29.07 33.87
C PRO B 211 -17.95 29.53 32.72
N LEU B 212 -16.71 29.93 33.02
CA LEU B 212 -15.76 30.34 31.98
C LEU B 212 -14.74 29.24 31.73
N ARG B 213 -14.87 28.13 32.46
CA ARG B 213 -13.93 27.00 32.39
C ARG B 213 -12.50 27.47 32.56
N SER B 214 -12.30 28.35 33.53
CA SER B 214 -11.04 29.05 33.66
C SER B 214 -10.54 29.02 35.10
N ARG B 215 -9.34 29.54 35.29
CA ARG B 215 -8.69 29.59 36.57
C ARG B 215 -8.20 31.02 36.78
N LEU B 216 -8.56 31.60 37.92
CA LEU B 216 -8.08 32.90 38.31
C LEU B 216 -6.96 32.71 39.33
N THR B 217 -5.81 33.32 39.06
CA THR B 217 -4.63 33.19 39.91
C THR B 217 -4.13 34.58 40.23
N LEU B 218 -4.12 34.90 41.53
CA LEU B 218 -3.52 36.15 42.02
C LEU B 218 -2.25 35.86 42.80
N GLY B 219 -1.25 36.72 42.68
CA GLY B 219 0.02 36.54 43.38
C GLY B 219 1.15 36.13 42.47
N ASP B 220 2.03 35.25 42.95
CA ASP B 220 3.10 34.72 42.12
C ASP B 220 2.51 33.64 41.21
N GLY B 221 2.68 33.82 39.90
CA GLY B 221 2.29 32.81 38.91
C GLY B 221 3.22 32.95 37.73
N TYR B 222 2.95 32.20 36.66
CA TYR B 222 3.78 32.27 35.45
C TYR B 222 2.93 32.25 34.17
N THR B 223 3.53 32.58 33.03
CA THR B 223 2.85 32.52 31.73
C THR B 223 3.35 31.31 30.94
N GLN B 224 2.59 30.90 29.93
CA GLN B 224 3.03 29.77 29.10
C GLN B 224 3.99 30.21 28.00
N GLY B 225 4.82 29.28 27.54
CA GLY B 225 5.85 29.55 26.56
C GLY B 225 5.43 29.20 25.15
N ASP B 226 4.11 29.13 24.92
CA ASP B 226 3.52 28.82 23.61
C ASP B 226 3.93 29.83 22.56
N ILE B 227 3.60 31.09 22.84
CA ILE B 227 3.70 32.16 21.86
C ILE B 227 4.87 33.07 22.22
N PHE B 228 4.84 33.65 23.42
CA PHE B 228 5.97 34.42 23.92
C PHE B 228 6.70 33.52 24.91
N ASP B 229 7.99 33.79 25.17
CA ASP B 229 8.70 33.08 26.23
C ASP B 229 7.93 33.23 27.53
N GLY B 230 7.85 32.14 28.29
CA GLY B 230 7.26 32.16 29.63
C GLY B 230 7.94 33.17 30.53
N ILE B 231 7.14 33.86 31.32
CA ILE B 231 7.63 34.88 32.25
C ILE B 231 7.20 34.46 33.65
N ASN B 232 8.06 34.65 34.64
CA ASN B 232 7.60 34.55 36.02
C ASN B 232 7.18 35.94 36.47
N PHE B 233 6.06 36.04 37.18
CA PHE B 233 5.53 37.36 37.53
C PHE B 233 4.69 37.36 38.81
N ARG B 234 4.48 38.56 39.36
CA ARG B 234 3.54 38.77 40.46
C ARG B 234 2.41 39.68 40.01
N GLY B 235 1.18 39.18 40.10
CA GLY B 235 0.02 39.91 39.61
C GLY B 235 -1.19 39.02 39.47
N ALA B 236 -2.03 39.33 38.48
CA ALA B 236 -3.29 38.61 38.25
C ALA B 236 -3.33 37.88 36.90
N GLN B 237 -3.94 36.69 36.87
CA GLN B 237 -4.07 35.93 35.63
C GLN B 237 -5.42 35.23 35.52
N LEU B 238 -6.09 35.41 34.39
CA LEU B 238 -7.30 34.67 34.07
C LEU B 238 -7.01 33.78 32.88
N ALA B 239 -7.15 32.47 33.04
CA ALA B 239 -6.73 31.53 32.02
C ALA B 239 -7.70 30.37 31.89
N SER B 240 -7.97 29.95 30.65
CA SER B 240 -8.73 28.71 30.39
C SER B 240 -7.97 27.48 30.90
N ASP B 241 -8.70 26.48 31.39
CA ASP B 241 -8.07 25.30 31.98
C ASP B 241 -8.53 23.96 31.37
N ASP B 242 -7.64 23.36 30.58
CA ASP B 242 -7.80 22.01 29.98
C ASP B 242 -8.28 20.94 30.97
N ASN B 243 -7.75 21.00 32.18
CA ASN B 243 -8.08 20.06 33.25
C ASN B 243 -9.58 19.84 33.40
N MET B 244 -10.33 20.90 33.12
CA MET B 244 -11.79 20.87 33.25
C MET B 244 -12.53 20.10 32.15
N LEU B 245 -11.86 19.83 31.03
CA LEU B 245 -12.42 19.01 29.93
C LEU B 245 -12.25 17.52 30.20
N PRO B 246 -13.24 16.70 29.77
CA PRO B 246 -13.11 15.23 29.71
C PRO B 246 -11.86 14.85 28.94
N ASP B 247 -11.16 13.84 29.40
CA ASP B 247 -9.87 13.51 28.81
C ASP B 247 -10.02 13.24 27.33
N SER B 248 -11.19 12.77 26.93
CA SER B 248 -11.45 12.39 25.55
C SER B 248 -11.43 13.58 24.60
N GLN B 249 -11.55 14.79 25.15
CA GLN B 249 -11.55 16.01 24.33
C GLN B 249 -10.26 16.84 24.38
N ARG B 250 -9.35 16.46 25.27
CA ARG B 250 -8.16 17.27 25.54
C ARG B 250 -7.15 17.17 24.42
N GLY B 251 -6.41 18.25 24.20
CA GLY B 251 -5.43 18.31 23.12
C GLY B 251 -6.09 18.27 21.75
N PHE B 252 -5.26 18.28 20.71
CA PHE B 252 -5.78 18.25 19.34
C PHE B 252 -5.97 16.85 18.75
N ALA B 253 -7.16 16.61 18.24
CA ALA B 253 -7.44 15.46 17.42
C ALA B 253 -8.39 15.92 16.32
N PRO B 254 -8.39 15.23 15.16
CA PRO B 254 -9.33 15.59 14.10
C PRO B 254 -10.73 15.36 14.58
N VAL B 255 -11.64 16.26 14.23
CA VAL B 255 -13.06 16.10 14.54
C VAL B 255 -13.75 15.63 13.27
N ILE B 256 -14.31 14.43 13.30
CA ILE B 256 -14.87 13.83 12.09
C ILE B 256 -16.35 14.16 11.89
N HIS B 257 -16.63 14.81 10.77
CA HIS B 257 -17.98 15.13 10.33
C HIS B 257 -18.47 14.10 9.31
N GLY B 258 -19.67 13.57 9.53
CA GLY B 258 -20.26 12.63 8.59
C GLY B 258 -21.77 12.52 8.66
N ILE B 259 -22.35 11.78 7.72
CA ILE B 259 -23.78 11.50 7.73
C ILE B 259 -24.04 9.99 7.75
N ALA B 260 -25.00 9.59 8.58
CA ALA B 260 -25.41 8.20 8.71
C ALA B 260 -26.82 8.08 8.17
N ARG B 261 -26.99 7.25 7.14
CA ARG B 261 -28.28 7.09 6.47
C ARG B 261 -29.37 6.68 7.46
N GLY B 262 -29.15 5.55 8.14
CA GLY B 262 -30.03 5.11 9.23
C GLY B 262 -29.24 5.05 10.52
N THR B 263 -29.70 4.22 11.46
CA THR B 263 -28.93 4.03 12.69
C THR B 263 -27.66 3.24 12.34
N ALA B 264 -26.52 3.86 12.64
CA ALA B 264 -25.22 3.37 12.20
C ALA B 264 -24.22 3.16 13.33
N GLN B 265 -23.26 2.27 13.08
CA GLN B 265 -22.16 1.96 13.98
C GLN B 265 -20.91 2.70 13.48
N VAL B 266 -20.32 3.54 14.33
CA VAL B 266 -19.08 4.25 13.96
C VAL B 266 -17.85 3.65 14.64
N THR B 267 -16.91 3.14 13.85
CA THR B 267 -15.69 2.57 14.41
C THR B 267 -14.49 3.28 13.80
N ILE B 268 -13.50 3.56 14.63
CA ILE B 268 -12.25 4.16 14.15
C ILE B 268 -11.08 3.29 14.60
N LYS B 269 -10.07 3.20 13.75
CA LYS B 269 -8.83 2.50 14.05
C LYS B 269 -7.65 3.42 13.77
N GLN B 270 -6.58 3.25 14.55
CA GLN B 270 -5.34 4.01 14.41
C GLN B 270 -4.17 3.16 14.91
N ASN B 271 -3.10 3.11 14.14
CA ASN B 271 -1.90 2.31 14.46
C ASN B 271 -2.20 0.81 14.47
N GLY B 272 -3.19 0.43 13.65
CA GLY B 272 -3.66 -0.96 13.57
C GLY B 272 -4.83 -1.25 14.51
N TYR B 273 -4.70 -0.80 15.76
CA TYR B 273 -5.64 -1.14 16.83
C TYR B 273 -6.87 -0.23 16.87
N ASP B 274 -7.99 -0.80 17.32
CA ASP B 274 -9.26 -0.10 17.40
C ASP B 274 -9.25 0.98 18.49
N ILE B 275 -9.59 2.21 18.12
CA ILE B 275 -9.49 3.34 19.05
C ILE B 275 -10.81 4.05 19.33
N TYR B 276 -11.83 3.76 18.55
CA TYR B 276 -13.15 4.36 18.78
C TYR B 276 -14.26 3.42 18.34
N ASN B 277 -15.37 3.45 19.07
CA ASN B 277 -16.55 2.64 18.74
C ASN B 277 -17.81 3.11 19.48
N SER B 278 -18.77 3.63 18.73
CA SER B 278 -20.12 3.89 19.24
C SER B 278 -21.16 3.88 18.12
N THR B 279 -22.42 3.73 18.51
CA THR B 279 -23.54 3.75 17.57
C THR B 279 -24.10 5.17 17.51
N VAL B 280 -24.54 5.57 16.32
CA VAL B 280 -25.10 6.91 16.10
C VAL B 280 -26.46 6.88 15.39
N PRO B 281 -27.36 7.81 15.74
CA PRO B 281 -28.65 7.98 15.06
C PRO B 281 -28.50 8.34 13.59
N PRO B 282 -29.61 8.26 12.82
CA PRO B 282 -29.63 8.76 11.44
C PRO B 282 -29.45 10.27 11.38
N GLY B 283 -28.79 10.74 10.32
CA GLY B 283 -28.50 12.16 10.13
C GLY B 283 -27.04 12.50 10.33
N PRO B 284 -26.69 13.80 10.25
CA PRO B 284 -25.29 14.22 10.43
C PRO B 284 -24.77 13.99 11.85
N PHE B 285 -23.50 13.65 11.96
CA PHE B 285 -22.87 13.41 13.26
C PHE B 285 -21.49 14.05 13.32
N THR B 286 -21.11 14.56 14.48
CA THR B 286 -19.77 15.11 14.69
C THR B 286 -19.05 14.42 15.81
N ILE B 287 -17.90 13.81 15.52
CA ILE B 287 -17.16 13.10 16.53
C ILE B 287 -15.97 13.91 17.05
N ASN B 288 -16.18 14.52 18.22
CA ASN B 288 -15.21 15.38 18.87
C ASN B 288 -14.52 14.69 20.03
N ASP B 289 -14.56 13.36 20.02
CA ASP B 289 -14.25 12.52 21.16
C ASP B 289 -12.94 11.74 21.10
N ILE B 290 -12.25 11.80 19.97
CA ILE B 290 -11.04 11.02 19.77
C ILE B 290 -9.90 11.52 20.66
N TYR B 291 -9.34 10.60 21.44
CA TYR B 291 -8.21 10.88 22.31
C TYR B 291 -7.03 11.39 21.52
N ALA B 292 -6.34 12.39 22.06
CA ALA B 292 -5.17 12.93 21.39
C ALA B 292 -4.11 11.85 21.27
N ALA B 293 -3.70 11.59 20.03
CA ALA B 293 -2.58 10.69 19.75
C ALA B 293 -1.88 11.21 18.50
N GLY B 294 -1.35 12.41 18.64
CA GLY B 294 -0.78 13.17 17.52
C GLY B 294 0.45 12.62 16.83
N ASN B 295 0.98 11.51 17.33
CA ASN B 295 2.13 10.84 16.69
C ASN B 295 1.88 9.40 16.25
N SER B 296 0.67 8.89 16.51
CA SER B 296 0.39 7.47 16.34
C SER B 296 -0.10 7.05 14.96
N GLY B 297 -0.58 7.98 14.16
CA GLY B 297 -0.89 7.67 12.75
C GLY B 297 -2.31 7.95 12.28
N ASP B 298 -2.57 7.54 11.03
CA ASP B 298 -3.82 7.86 10.34
C ASP B 298 -5.05 7.17 10.92
N LEU B 299 -6.16 7.89 10.95
CA LEU B 299 -7.43 7.35 11.42
C LEU B 299 -8.19 6.69 10.27
N GLN B 300 -8.47 5.40 10.42
CA GLN B 300 -9.31 4.67 9.48
C GLN B 300 -10.73 4.59 10.02
N VAL B 301 -11.59 5.47 9.52
CA VAL B 301 -12.99 5.48 9.92
C VAL B 301 -13.78 4.51 9.07
N THR B 302 -14.72 3.82 9.70
CA THR B 302 -15.63 2.93 9.00
C THR B 302 -17.03 3.07 9.61
N ILE B 303 -18.00 3.33 8.73
CA ILE B 303 -19.38 3.57 9.14
C ILE B 303 -20.27 2.43 8.66
N LYS B 304 -20.55 1.49 9.55
CA LYS B 304 -21.36 0.31 9.24
C LYS B 304 -22.84 0.65 9.41
N GLU B 305 -23.60 0.45 8.34
CA GLU B 305 -25.03 0.82 8.33
C GLU B 305 -25.93 -0.33 8.76
N ALA B 306 -27.24 -0.06 8.83
CA ALA B 306 -28.25 -1.06 9.17
C ALA B 306 -28.25 -2.25 8.20
N ASP B 307 -28.30 -1.95 6.90
CA ASP B 307 -28.33 -2.98 5.86
C ASP B 307 -27.03 -3.81 5.78
N GLY B 308 -25.92 -3.23 6.23
CA GLY B 308 -24.62 -3.89 6.16
C GLY B 308 -23.61 -3.18 5.27
N SER B 309 -24.08 -2.19 4.51
CA SER B 309 -23.22 -1.35 3.69
C SER B 309 -22.40 -0.41 4.57
N THR B 310 -21.25 0.01 4.05
CA THR B 310 -20.31 0.80 4.84
C THR B 310 -19.88 2.09 4.15
N GLN B 311 -19.21 2.94 4.92
CA GLN B 311 -18.40 4.02 4.37
C GLN B 311 -17.01 3.87 4.99
N ILE B 312 -15.99 3.69 4.15
CA ILE B 312 -14.63 3.44 4.60
C ILE B 312 -13.73 4.54 4.08
N PHE B 313 -13.39 5.48 4.95
CA PHE B 313 -12.47 6.57 4.60
C PHE B 313 -11.42 6.76 5.68
N THR B 314 -10.28 7.32 5.30
CA THR B 314 -9.21 7.59 6.26
C THR B 314 -9.02 9.09 6.55
N VAL B 315 -8.89 9.41 7.84
CA VAL B 315 -8.58 10.78 8.25
C VAL B 315 -7.12 10.84 8.71
N PRO B 316 -6.24 11.49 7.91
CA PRO B 316 -4.86 11.65 8.35
C PRO B 316 -4.77 12.51 9.60
N TYR B 317 -3.72 12.30 10.40
CA TYR B 317 -3.63 12.85 11.74
C TYR B 317 -2.17 13.05 12.16
N SER B 318 -1.63 14.20 11.81
CA SER B 318 -0.37 14.70 12.37
C SER B 318 -0.74 15.90 13.24
N SER B 319 0.19 16.36 14.07
CA SER B 319 -0.11 17.43 15.03
C SER B 319 1.10 18.20 15.52
N VAL B 320 0.99 19.52 15.54
CA VAL B 320 1.97 20.43 16.11
C VAL B 320 1.39 20.97 17.43
N PRO B 321 2.24 21.28 18.43
CA PRO B 321 1.73 21.65 19.78
C PRO B 321 0.71 22.79 19.87
N LEU B 322 0.78 23.74 18.94
CA LEU B 322 -0.12 24.89 18.99
C LEU B 322 -1.55 24.63 18.50
N LEU B 323 -1.78 23.52 17.79
CA LEU B 323 -3.09 23.24 17.21
C LEU B 323 -4.18 23.07 18.27
N GLN B 324 -5.35 23.62 18.00
CA GLN B 324 -6.51 23.45 18.85
C GLN B 324 -7.54 22.55 18.19
N ARG B 325 -8.23 21.74 18.99
CA ARG B 325 -9.32 20.90 18.51
C ARG B 325 -10.45 21.80 18.03
N GLU B 326 -11.12 21.40 16.94
CA GLU B 326 -12.17 22.23 16.33
C GLU B 326 -13.13 22.83 17.35
N GLY B 327 -13.24 24.15 17.33
CA GLY B 327 -14.15 24.86 18.23
C GLY B 327 -13.69 25.03 19.66
N HIS B 328 -12.42 24.75 19.94
CA HIS B 328 -11.84 24.99 21.26
C HIS B 328 -11.02 26.27 21.33
N THR B 329 -11.19 27.03 22.40
CA THR B 329 -10.48 28.28 22.58
C THR B 329 -9.62 28.20 23.83
N ARG B 330 -8.31 28.24 23.65
CA ARG B 330 -7.35 28.47 24.73
C ARG B 330 -6.93 29.95 24.74
N TYR B 331 -7.09 30.59 25.91
CA TYR B 331 -6.81 32.01 26.09
C TYR B 331 -6.18 32.24 27.45
N SER B 332 -5.47 33.36 27.58
CA SER B 332 -4.92 33.81 28.87
C SER B 332 -4.73 35.32 28.85
N ILE B 333 -5.10 35.98 29.96
CA ILE B 333 -4.90 37.42 30.15
C ILE B 333 -4.12 37.65 31.44
N THR B 334 -3.03 38.40 31.36
CA THR B 334 -2.19 38.63 32.53
C THR B 334 -1.72 40.09 32.62
N ALA B 335 -1.62 40.57 33.85
CA ALA B 335 -1.06 41.87 34.15
C ALA B 335 -0.37 41.77 35.50
N GLY B 336 0.86 42.27 35.59
CA GLY B 336 1.65 42.17 36.82
C GLY B 336 3.07 42.63 36.61
N GLU B 337 3.95 42.33 37.56
CA GLU B 337 5.36 42.70 37.46
C GLU B 337 6.27 41.51 37.17
N TYR B 338 7.27 41.74 36.33
CA TYR B 338 8.21 40.70 35.91
C TYR B 338 9.18 40.33 37.04
N ARG B 339 9.08 39.10 37.53
CA ARG B 339 9.91 38.63 38.65
C ARG B 339 10.69 37.38 38.26
N SER B 340 11.80 37.55 37.55
CA SER B 340 12.56 36.42 37.03
C SER B 340 13.38 35.70 38.10
N GLY B 341 13.87 36.45 39.08
CA GLY B 341 14.78 35.91 40.07
C GLY B 341 16.22 36.19 39.71
N ASN B 342 16.43 36.79 38.54
CA ASN B 342 17.73 37.26 38.13
C ASN B 342 17.94 38.65 38.70
N ALA B 343 18.93 38.78 39.58
CA ALA B 343 19.19 40.02 40.31
C ALA B 343 19.69 41.12 39.39
N GLN B 344 20.24 40.72 38.25
CA GLN B 344 20.74 41.67 37.26
C GLN B 344 19.65 42.16 36.31
N GLN B 345 18.40 42.03 36.74
CA GLN B 345 17.22 42.44 35.96
C GLN B 345 16.23 43.26 36.80
N GLU B 346 15.50 44.15 36.13
CA GLU B 346 14.48 44.98 36.79
C GLU B 346 13.20 44.19 37.06
N LYS B 347 12.12 44.89 37.38
CA LYS B 347 10.82 44.28 37.61
C LYS B 347 9.66 45.02 36.92
N PRO B 348 9.73 45.19 35.58
CA PRO B 348 8.77 46.01 34.85
C PRO B 348 7.34 45.46 34.88
N ARG B 349 6.38 46.36 35.07
CA ARG B 349 4.95 46.02 34.99
C ARG B 349 4.63 45.79 33.52
N PHE B 350 3.66 44.92 33.25
CA PHE B 350 3.39 44.51 31.87
C PHE B 350 1.99 43.92 31.72
N PHE B 351 1.54 43.81 30.47
CA PHE B 351 0.29 43.16 30.11
C PHE B 351 0.52 42.16 28.97
N GLN B 352 -0.08 40.98 29.11
CA GLN B 352 0.09 39.94 28.12
C GLN B 352 -1.22 39.22 27.99
N SER B 353 -1.61 38.94 26.76
CA SER B 353 -2.78 38.15 26.49
C SER B 353 -2.46 37.32 25.27
N THR B 354 -3.00 36.10 25.24
CA THR B 354 -2.82 35.20 24.11
C THR B 354 -4.14 34.49 23.91
N LEU B 355 -4.39 34.09 22.67
CA LEU B 355 -5.64 33.46 22.27
C LEU B 355 -5.34 32.48 21.16
N LEU B 356 -5.84 31.26 21.30
CA LEU B 356 -5.68 30.21 20.30
C LEU B 356 -7.06 29.64 20.01
N HIS B 357 -7.43 29.55 18.74
CA HIS B 357 -8.77 29.06 18.42
C HIS B 357 -8.77 27.92 17.41
N GLY B 358 -9.54 26.89 17.71
CA GLY B 358 -9.73 25.74 16.82
C GLY B 358 -10.91 25.92 15.88
N LEU B 359 -10.62 25.82 14.59
CA LEU B 359 -11.60 26.03 13.54
C LEU B 359 -11.92 24.72 12.82
N PRO B 360 -12.93 24.73 11.93
CA PRO B 360 -13.21 23.56 11.09
C PRO B 360 -12.04 23.17 10.17
N ALA B 361 -12.12 21.96 9.61
CA ALA B 361 -11.14 21.42 8.64
C ALA B 361 -9.70 21.31 9.15
N GLY B 362 -9.53 21.35 10.46
CA GLY B 362 -8.19 21.26 11.08
C GLY B 362 -7.35 22.51 11.03
N TRP B 363 -8.01 23.67 10.95
CA TRP B 363 -7.32 24.96 10.97
C TRP B 363 -7.18 25.52 12.39
N THR B 364 -6.13 26.28 12.63
CA THR B 364 -6.00 27.01 13.88
C THR B 364 -5.46 28.42 13.63
N ILE B 365 -6.18 29.41 14.15
CA ILE B 365 -5.65 30.78 14.19
C ILE B 365 -5.33 31.11 15.64
N TYR B 366 -4.28 31.90 15.82
CA TYR B 366 -3.84 32.26 17.14
C TYR B 366 -2.94 33.47 17.13
N GLY B 367 -2.71 34.02 18.31
CA GLY B 367 -1.82 35.14 18.46
C GLY B 367 -1.92 35.72 19.84
N GLY B 368 -1.17 36.79 20.07
CA GLY B 368 -1.21 37.46 21.35
C GLY B 368 -0.55 38.81 21.31
N THR B 369 -0.52 39.46 22.46
CA THR B 369 0.10 40.76 22.60
C THR B 369 0.89 40.80 23.90
N GLN B 370 1.84 41.72 23.95
CA GLN B 370 2.73 41.85 25.07
C GLN B 370 3.09 43.33 25.18
N LEU B 371 2.55 44.02 26.18
CA LEU B 371 2.78 45.46 26.35
C LEU B 371 3.51 45.77 27.66
N ALA B 372 4.57 46.57 27.54
CA ALA B 372 5.35 47.05 28.67
C ALA B 372 5.95 48.41 28.32
N ASP B 373 6.44 49.11 29.33
CA ASP B 373 6.97 50.45 29.16
C ASP B 373 8.11 50.50 28.12
N ARG B 374 8.97 49.48 28.14
CA ARG B 374 10.15 49.43 27.29
C ARG B 374 10.08 48.34 26.20
N TYR B 375 8.88 47.79 25.98
CA TYR B 375 8.72 46.67 25.06
C TYR B 375 7.26 46.51 24.66
N ARG B 376 7.00 46.43 23.37
CA ARG B 376 5.68 46.02 22.90
C ARG B 376 5.83 44.98 21.80
N ALA B 377 4.98 43.97 21.83
CA ALA B 377 5.08 42.86 20.87
C ALA B 377 3.73 42.30 20.48
N PHE B 378 3.58 41.99 19.20
CA PHE B 378 2.34 41.43 18.70
C PHE B 378 2.66 40.18 17.92
N ASN B 379 1.95 39.10 18.24
CA ASN B 379 2.12 37.84 17.54
C ASN B 379 0.81 37.47 16.85
N PHE B 380 0.95 36.81 15.71
CA PHE B 380 -0.19 36.22 15.01
C PHE B 380 0.27 34.96 14.29
N GLY B 381 -0.57 33.93 14.30
CA GLY B 381 -0.19 32.66 13.70
C GLY B 381 -1.31 31.89 13.03
N ILE B 382 -0.94 31.06 12.06
CA ILE B 382 -1.88 30.13 11.44
C ILE B 382 -1.27 28.75 11.54
N GLY B 383 -2.10 27.73 11.63
CA GLY B 383 -1.64 26.35 11.77
C GLY B 383 -2.67 25.38 11.28
N LYS B 384 -2.22 24.29 10.67
CA LYS B 384 -3.13 23.33 10.08
C LYS B 384 -2.64 21.88 10.21
N ASN B 385 -3.56 20.99 10.57
CA ASN B 385 -3.37 19.56 10.33
C ASN B 385 -3.65 19.33 8.85
N MET B 386 -2.59 19.33 8.04
CA MET B 386 -2.71 19.30 6.59
C MET B 386 -3.08 17.94 6.01
N GLY B 387 -3.11 16.91 6.86
CA GLY B 387 -3.42 15.57 6.38
C GLY B 387 -2.16 14.86 5.95
N ALA B 388 -2.12 14.43 4.69
CA ALA B 388 -1.04 13.54 4.22
C ALA B 388 0.35 14.18 4.25
N LEU B 389 0.40 15.49 4.05
CA LEU B 389 1.66 16.22 4.11
C LEU B 389 2.15 16.45 5.54
N GLY B 390 1.29 16.17 6.52
CA GLY B 390 1.66 16.29 7.92
C GLY B 390 0.97 17.46 8.59
N ALA B 391 1.64 18.07 9.56
CA ALA B 391 1.08 19.21 10.29
C ALA B 391 2.07 20.35 10.42
N LEU B 392 1.57 21.57 10.31
CA LEU B 392 2.40 22.78 10.24
C LEU B 392 1.74 23.96 10.94
N SER B 393 2.59 24.79 11.54
CA SER B 393 2.17 26.09 12.02
C SER B 393 3.26 27.09 11.69
N VAL B 394 2.84 28.31 11.42
CA VAL B 394 3.71 29.43 11.09
C VAL B 394 3.18 30.62 11.89
N ASP B 395 4.05 31.30 12.62
CA ASP B 395 3.66 32.54 13.30
C ASP B 395 4.69 33.65 13.15
N MET B 396 4.27 34.88 13.47
CA MET B 396 5.09 36.05 13.28
C MET B 396 4.96 36.92 14.51
N THR B 397 6.09 37.44 14.97
CA THR B 397 6.14 38.32 16.13
C THR B 397 6.74 39.64 15.72
N GLN B 398 5.99 40.72 15.91
CA GLN B 398 6.51 42.06 15.70
C GLN B 398 6.89 42.64 17.05
N ALA B 399 8.17 43.00 17.19
CA ALA B 399 8.66 43.45 18.47
C ALA B 399 9.38 44.79 18.39
N ASN B 400 8.86 45.71 19.19
CA ASN B 400 9.40 47.05 19.33
C ASN B 400 10.03 47.14 20.71
N SER B 401 11.34 47.38 20.77
CA SER B 401 12.09 47.26 22.03
C SER B 401 13.04 48.42 22.39
N THR B 402 13.18 48.68 23.69
CA THR B 402 14.18 49.62 24.23
C THR B 402 15.19 48.85 25.09
N LEU B 403 16.46 48.90 24.70
CA LEU B 403 17.50 48.19 25.45
C LEU B 403 17.94 49.00 26.68
N PRO B 404 18.78 48.41 27.57
CA PRO B 404 19.26 49.13 28.76
C PRO B 404 20.10 50.38 28.47
N ASP B 405 20.72 50.44 27.29
CA ASP B 405 21.45 51.64 26.87
C ASP B 405 20.52 52.69 26.25
N ASP B 406 19.22 52.51 26.46
CA ASP B 406 18.16 53.44 25.99
C ASP B 406 18.05 53.63 24.47
N SER B 407 18.63 52.69 23.71
CA SER B 407 18.49 52.70 22.25
C SER B 407 17.24 51.93 21.87
N GLN B 408 16.65 52.29 20.73
CA GLN B 408 15.38 51.72 20.32
C GLN B 408 15.51 50.80 19.12
N HIS B 409 14.88 49.63 19.20
CA HIS B 409 15.01 48.64 18.14
C HIS B 409 13.67 48.10 17.62
N ASP B 410 13.64 47.82 16.33
CA ASP B 410 12.52 47.18 15.67
C ASP B 410 12.95 45.85 15.12
N GLY B 411 12.13 44.83 15.33
CA GLY B 411 12.48 43.51 14.86
C GLY B 411 11.32 42.56 14.71
N GLN B 412 11.51 41.56 13.87
CA GLN B 412 10.53 40.51 13.68
C GLN B 412 11.15 39.14 13.90
N SER B 413 10.29 38.16 14.18
CA SER B 413 10.71 36.76 14.32
C SER B 413 9.63 35.83 13.77
N VAL B 414 10.01 34.91 12.88
CA VAL B 414 9.06 33.95 12.31
C VAL B 414 9.43 32.56 12.82
N ARG B 415 8.42 31.72 13.11
CA ARG B 415 8.71 30.33 13.45
C ARG B 415 7.83 29.30 12.75
N PHE B 416 8.49 28.32 12.15
CA PHE B 416 7.83 27.22 11.46
C PHE B 416 7.96 25.98 12.33
N LEU B 417 6.85 25.27 12.55
CA LEU B 417 6.89 24.00 13.27
C LEU B 417 6.24 22.92 12.41
N TYR B 418 7.03 21.90 12.09
CA TYR B 418 6.54 20.82 11.26
C TYR B 418 6.48 19.49 12.00
N ASN B 419 5.33 18.82 11.92
CA ASN B 419 5.18 17.45 12.42
C ASN B 419 4.65 16.52 11.35
N LYS B 420 5.16 15.30 11.36
CA LYS B 420 4.61 14.21 10.59
C LYS B 420 4.56 12.98 11.49
N SER B 421 3.35 12.50 11.76
CA SER B 421 3.12 11.34 12.64
C SER B 421 3.57 10.04 11.96
N LEU B 422 3.49 8.94 12.71
CA LEU B 422 4.08 7.65 12.31
C LEU B 422 3.66 7.10 10.92
N ASN B 423 4.67 6.91 10.07
CA ASN B 423 4.57 6.33 8.73
C ASN B 423 4.14 4.88 8.68
N GLU B 424 3.72 4.47 7.49
CA GLU B 424 3.68 3.07 7.13
C GLU B 424 5.10 2.49 7.20
N SER B 425 6.10 3.31 6.87
CA SER B 425 7.52 2.90 6.90
C SER B 425 8.19 3.07 8.27
N GLY B 426 7.39 3.36 9.30
CA GLY B 426 7.89 3.48 10.67
C GLY B 426 8.79 4.68 10.90
N THR B 427 8.54 5.77 10.17
CA THR B 427 9.21 7.03 10.41
C THR B 427 8.25 7.96 11.12
N ASN B 428 8.73 8.57 12.20
CA ASN B 428 7.97 9.57 12.93
C ASN B 428 8.80 10.84 13.01
N ILE B 429 8.46 11.81 12.17
CA ILE B 429 9.15 13.08 12.20
C ILE B 429 8.50 13.96 13.27
N GLN B 430 8.93 13.73 14.52
CA GLN B 430 8.26 14.28 15.70
C GLN B 430 8.22 15.79 15.70
N LEU B 431 9.34 16.41 15.38
CA LEU B 431 9.40 17.86 15.35
C LEU B 431 10.49 18.35 14.43
N VAL B 432 10.10 19.24 13.53
CA VAL B 432 11.06 20.02 12.76
C VAL B 432 10.74 21.46 13.11
N GLY B 433 11.74 22.19 13.56
CA GLY B 433 11.50 23.57 13.96
C GLY B 433 12.50 24.52 13.36
N TYR B 434 12.04 25.66 12.90
CA TYR B 434 12.95 26.71 12.47
C TYR B 434 12.43 28.05 12.92
N ARG B 435 13.27 28.75 13.67
CA ARG B 435 13.00 30.12 14.06
C ARG B 435 14.02 30.98 13.36
N TYR B 436 13.60 32.17 12.96
CA TYR B 436 14.50 33.14 12.38
C TYR B 436 14.13 34.53 12.88
N SER B 437 15.13 35.25 13.36
CA SER B 437 14.93 36.58 13.94
C SER B 437 15.79 37.64 13.25
N THR B 438 15.23 38.83 12.97
CA THR B 438 16.02 39.94 12.39
C THR B 438 16.97 40.55 13.41
N SER B 439 17.85 41.45 12.95
CA SER B 439 18.86 42.06 13.83
C SER B 439 18.23 42.73 15.04
N GLY B 440 17.19 43.52 14.80
CA GLY B 440 16.59 44.32 15.87
C GLY B 440 15.59 43.59 16.74
N TYR B 441 15.41 42.28 16.50
CA TYR B 441 14.44 41.52 17.27
C TYR B 441 14.92 41.19 18.67
N PHE B 442 14.04 41.36 19.65
CA PHE B 442 14.33 41.00 21.04
C PHE B 442 13.11 40.40 21.71
N ASN B 443 13.34 39.75 22.85
CA ASN B 443 12.28 39.25 23.72
C ASN B 443 12.11 40.17 24.91
N PHE B 444 10.93 40.09 25.56
CA PHE B 444 10.66 40.91 26.73
C PHE B 444 11.82 40.83 27.72
N ALA B 445 12.24 39.61 28.04
CA ALA B 445 13.36 39.37 28.95
C ALA B 445 14.60 40.20 28.60
N ASP B 446 14.86 40.40 27.31
CA ASP B 446 16.06 41.10 26.86
C ASP B 446 16.11 42.54 27.39
N THR B 447 14.93 43.14 27.58
CA THR B 447 14.78 44.53 27.97
C THR B 447 14.74 44.72 29.47
N THR B 448 14.60 43.63 30.21
CA THR B 448 14.48 43.70 31.67
C THR B 448 15.83 43.91 32.33
N TYR B 449 16.90 43.62 31.58
CA TYR B 449 18.25 43.80 32.06
C TYR B 449 18.56 45.24 32.50
N SER B 450 19.54 45.38 33.38
CA SER B 450 20.00 46.69 33.88
C SER B 450 21.15 47.28 33.04
N ARG B 451 22.08 46.41 32.63
CA ARG B 451 23.26 46.80 31.85
C ARG B 451 23.33 46.02 30.53
N MET B 452 23.91 46.65 29.51
CA MET B 452 24.07 46.06 28.18
C MET B 452 24.88 44.76 28.16
N ASN B 453 26.06 44.80 28.79
CA ASN B 453 27.00 43.69 28.75
C ASN B 453 26.57 42.51 29.66
N TYR B 474 26.25 37.02 29.62
CA TYR B 474 25.20 37.52 28.73
C TYR B 474 25.64 38.78 27.97
N ASN B 475 25.23 38.87 26.70
CA ASN B 475 25.56 40.02 25.84
C ASN B 475 24.48 40.33 24.79
N LEU B 476 23.91 41.52 24.87
CA LEU B 476 22.77 41.91 24.03
C LEU B 476 23.15 42.38 22.62
N ALA B 477 24.43 42.61 22.40
CA ALA B 477 24.95 42.87 21.05
C ALA B 477 24.87 41.59 20.20
N TYR B 478 25.05 40.43 20.84
CA TYR B 478 25.01 39.13 20.17
C TYR B 478 23.71 38.35 20.44
N ASN B 479 22.60 38.92 19.98
CA ASN B 479 21.30 38.26 20.05
C ASN B 479 21.17 37.21 18.95
N LYS B 480 20.32 36.22 19.19
CA LYS B 480 20.20 35.06 18.32
C LYS B 480 19.53 35.33 16.97
N ARG B 481 20.09 34.76 15.91
CA ARG B 481 19.58 34.92 14.56
C ARG B 481 18.61 33.79 14.18
N GLY B 482 19.13 32.62 13.87
CA GLY B 482 18.31 31.49 13.43
C GLY B 482 18.49 30.20 14.21
N LYS B 483 17.39 29.49 14.45
CA LYS B 483 17.43 28.23 15.19
C LYS B 483 16.66 27.09 14.51
N LEU B 484 17.36 25.99 14.26
CA LEU B 484 16.75 24.80 13.70
C LEU B 484 16.72 23.69 14.74
N GLN B 485 15.52 23.21 15.07
CA GLN B 485 15.33 22.09 15.98
C GLN B 485 14.91 20.90 15.14
N LEU B 486 15.24 19.70 15.62
CA LEU B 486 14.95 18.50 14.86
C LEU B 486 14.83 17.31 15.80
N THR B 487 13.74 16.56 15.67
CA THR B 487 13.58 15.28 16.37
C THR B 487 12.89 14.28 15.45
N VAL B 488 13.59 13.21 15.11
CA VAL B 488 13.04 12.15 14.26
C VAL B 488 13.25 10.81 14.96
N THR B 489 12.26 9.92 14.88
CA THR B 489 12.48 8.52 15.26
C THR B 489 12.26 7.56 14.08
N GLN B 490 12.87 6.38 14.15
CA GLN B 490 12.73 5.38 13.11
C GLN B 490 12.61 3.96 13.66
N GLN B 491 11.46 3.33 13.42
CA GLN B 491 11.28 1.90 13.70
C GLN B 491 12.26 1.10 12.84
N LEU B 492 12.83 0.05 13.43
CA LEU B 492 13.75 -0.84 12.71
C LEU B 492 13.41 -2.26 13.13
N GLY B 493 12.30 -2.75 12.59
CA GLY B 493 11.77 -4.05 12.98
C GLY B 493 10.87 -3.86 14.16
N ARG B 494 10.45 -4.97 14.78
CA ARG B 494 9.54 -4.94 15.92
C ARG B 494 10.21 -4.35 17.16
N THR B 495 11.50 -4.63 17.30
CA THR B 495 12.19 -4.55 18.59
C THR B 495 13.15 -3.37 18.77
N SER B 496 13.45 -2.66 17.69
CA SER B 496 14.43 -1.58 17.76
C SER B 496 13.87 -0.22 17.36
N THR B 497 14.51 0.85 17.83
CA THR B 497 14.09 2.22 17.54
C THR B 497 15.27 3.20 17.45
N LEU B 498 15.49 3.76 16.26
CA LEU B 498 16.53 4.75 16.06
C LEU B 498 15.99 6.15 16.36
N TYR B 499 16.78 6.94 17.09
CA TYR B 499 16.40 8.25 17.57
C TYR B 499 17.45 9.29 17.18
N LEU B 500 17.03 10.30 16.43
CA LEU B 500 17.90 11.43 16.05
C LEU B 500 17.31 12.75 16.52
N SER B 501 18.12 13.56 17.20
CA SER B 501 17.71 14.90 17.59
C SER B 501 18.88 15.88 17.61
N GLY B 502 18.65 17.06 17.07
CA GLY B 502 19.69 18.10 16.99
C GLY B 502 19.12 19.50 16.99
N SER B 503 20.00 20.46 17.27
CA SER B 503 19.65 21.88 17.27
C SER B 503 20.86 22.73 16.89
N HIS B 504 20.60 23.86 16.25
CA HIS B 504 21.62 24.70 15.62
C HIS B 504 21.20 26.16 15.76
N GLN B 505 22.10 26.97 16.32
CA GLN B 505 21.82 28.39 16.62
C GLN B 505 22.85 29.34 16.04
N THR B 506 22.44 30.14 15.05
CA THR B 506 23.27 31.24 14.56
C THR B 506 23.04 32.51 15.39
N TYR B 507 23.96 33.46 15.30
CA TYR B 507 23.84 34.74 16.00
C TYR B 507 24.18 35.91 15.07
N TRP B 508 23.79 37.12 15.47
CA TRP B 508 24.20 38.34 14.78
C TRP B 508 25.49 38.87 15.42
N GLY B 509 26.46 39.26 14.59
CA GLY B 509 27.76 39.73 15.07
C GLY B 509 28.83 38.70 14.80
N THR B 510 28.80 37.61 15.57
CA THR B 510 29.76 36.51 15.40
C THR B 510 29.35 35.57 14.26
N SER B 511 30.26 34.68 13.88
CA SER B 511 29.89 33.55 13.03
C SER B 511 29.85 32.27 13.89
N ASN B 512 29.93 32.49 15.20
CA ASN B 512 29.86 31.43 16.20
C ASN B 512 28.48 30.80 16.22
N VAL B 513 28.44 29.47 16.06
CA VAL B 513 27.20 28.72 16.04
C VAL B 513 27.05 27.96 17.37
N ASP B 514 25.87 27.36 17.60
CA ASP B 514 25.64 26.51 18.76
C ASP B 514 25.12 25.13 18.36
N GLU B 515 25.97 24.35 17.70
CA GLU B 515 25.59 23.00 17.28
C GLU B 515 25.34 22.08 18.47
N GLN B 516 24.53 21.05 18.25
CA GLN B 516 24.24 19.99 19.22
C GLN B 516 23.47 18.88 18.54
N PHE B 517 23.89 17.64 18.80
CA PHE B 517 23.34 16.50 18.10
C PHE B 517 23.38 15.29 19.01
N GLN B 518 22.29 14.55 19.07
CA GLN B 518 22.24 13.31 19.85
C GLN B 518 21.52 12.21 19.11
N ALA B 519 22.26 11.16 18.75
CA ALA B 519 21.68 9.96 18.16
C ALA B 519 21.64 8.85 19.21
N GLY B 520 20.78 7.87 18.99
CA GLY B 520 20.59 6.80 19.96
C GLY B 520 19.83 5.62 19.40
N LEU B 521 20.22 4.43 19.82
CA LEU B 521 19.60 3.19 19.38
C LEU B 521 19.10 2.44 20.61
N ASN B 522 17.89 1.91 20.53
CA ASN B 522 17.30 1.26 21.69
C ASN B 522 16.60 -0.02 21.31
N THR B 523 17.17 -1.14 21.74
CA THR B 523 16.69 -2.47 21.35
C THR B 523 16.06 -3.21 22.53
N ALA B 524 14.94 -3.85 22.26
CA ALA B 524 14.34 -4.76 23.22
C ALA B 524 14.75 -6.20 22.86
N PHE B 525 15.17 -6.93 23.87
CA PHE B 525 15.47 -8.34 23.76
C PHE B 525 14.67 -8.99 24.88
N GLU B 526 13.54 -9.63 24.52
CA GLU B 526 12.53 -10.11 25.48
C GLU B 526 12.20 -8.99 26.49
N ASP B 527 12.34 -9.29 27.77
CA ASP B 527 12.22 -8.30 28.87
C ASP B 527 13.23 -7.18 28.79
N ILE B 528 14.42 -7.50 28.30
CA ILE B 528 15.60 -6.68 28.46
C ILE B 528 15.60 -5.50 27.50
N ASN B 529 15.92 -4.31 28.01
CA ASN B 529 16.15 -3.15 27.14
C ASN B 529 17.63 -2.82 27.04
N TRP B 530 18.04 -2.52 25.82
CA TRP B 530 19.43 -2.26 25.50
C TRP B 530 19.49 -0.90 24.81
N THR B 531 20.38 -0.02 25.26
CA THR B 531 20.49 1.30 24.65
C THR B 531 21.93 1.74 24.41
N LEU B 532 22.23 2.09 23.16
CA LEU B 532 23.48 2.74 22.81
C LEU B 532 23.18 4.15 22.31
N SER B 533 23.94 5.14 22.79
CA SER B 533 23.69 6.53 22.41
C SER B 533 24.96 7.38 22.29
N TYR B 534 24.88 8.37 21.41
CA TYR B 534 25.98 9.28 21.15
C TYR B 534 25.48 10.73 21.14
N SER B 535 26.30 11.66 21.62
CA SER B 535 25.95 13.07 21.61
C SER B 535 27.16 13.98 21.40
N LEU B 536 26.99 15.01 20.58
CA LEU B 536 28.04 15.97 20.24
C LEU B 536 27.53 17.41 20.37
N THR B 537 28.09 18.16 21.33
CA THR B 537 27.65 19.53 21.60
C THR B 537 28.78 20.57 21.46
N LYS B 538 28.62 21.50 20.51
CA LYS B 538 29.63 22.53 20.21
C LYS B 538 29.07 23.92 20.54
N ASN B 539 29.30 24.36 21.78
CA ASN B 539 28.79 25.64 22.28
C ASN B 539 29.37 26.88 21.57
N ALA B 540 28.81 28.05 21.87
CA ALA B 540 29.23 29.31 21.24
C ALA B 540 30.48 29.88 21.89
N TRP B 541 30.35 30.23 23.17
CA TRP B 541 31.43 30.88 23.93
C TRP B 541 32.39 29.87 24.58
N GLN B 542 32.96 29.00 23.75
CA GLN B 542 34.02 28.07 24.14
C GLN B 542 34.66 27.47 22.88
N LYS B 543 35.66 26.60 23.09
CA LYS B 543 36.36 25.95 21.99
C LYS B 543 36.44 24.43 22.22
N GLY B 544 36.35 23.66 21.14
CA GLY B 544 36.48 22.21 21.19
C GLY B 544 35.16 21.48 21.42
N ARG B 545 35.06 20.29 20.84
CA ARG B 545 33.86 19.45 20.92
C ARG B 545 33.61 18.96 22.34
N ASP B 546 32.34 18.63 22.64
CA ASP B 546 31.99 17.87 23.84
C ASP B 546 31.22 16.62 23.44
N GLN B 547 31.74 15.46 23.79
CA GLN B 547 31.14 14.21 23.35
C GLN B 547 30.77 13.29 24.51
N MET B 548 29.79 12.43 24.27
CA MET B 548 29.43 11.38 25.20
C MET B 548 28.94 10.16 24.45
N LEU B 549 29.53 9.02 24.78
CA LEU B 549 29.09 7.73 24.25
C LEU B 549 28.59 6.94 25.44
N ALA B 550 27.38 6.40 25.32
CA ALA B 550 26.74 5.72 26.44
C ALA B 550 26.10 4.41 26.02
N LEU B 551 26.11 3.45 26.93
CA LEU B 551 25.49 2.16 26.72
C LEU B 551 24.86 1.74 28.02
N ASN B 552 23.63 1.26 27.96
CA ASN B 552 22.85 0.89 29.12
C ASN B 552 22.08 -0.41 28.87
N VAL B 553 22.06 -1.31 29.85
CA VAL B 553 21.33 -2.58 29.75
C VAL B 553 20.47 -2.78 30.98
N ASN B 554 19.19 -3.07 30.74
CA ASN B 554 18.20 -3.29 31.79
C ASN B 554 17.57 -4.67 31.76
N ILE B 555 17.80 -5.43 32.83
CA ILE B 555 17.33 -6.79 32.95
C ILE B 555 16.40 -6.90 34.16
N PRO B 556 15.07 -6.99 33.92
CA PRO B 556 14.16 -7.24 35.04
C PRO B 556 14.18 -8.72 35.37
N PHE B 557 14.07 -9.07 36.64
CA PHE B 557 14.11 -10.47 37.04
C PHE B 557 12.76 -11.16 37.08
N SER B 558 11.70 -10.38 36.90
CA SER B 558 10.31 -10.86 36.97
C SER B 558 10.09 -12.15 36.19
N HIS B 559 10.45 -12.14 34.90
CA HIS B 559 10.18 -13.29 34.03
C HIS B 559 11.30 -14.35 34.07
N TRP B 560 12.09 -14.34 35.14
CA TRP B 560 13.15 -15.33 35.34
C TRP B 560 12.70 -16.38 36.33
N LEU B 561 11.64 -16.07 37.05
CA LEU B 561 11.09 -16.96 38.05
C LEU B 561 9.68 -17.33 37.65
N ARG B 562 9.15 -18.39 38.24
CA ARG B 562 7.76 -18.80 38.06
C ARG B 562 6.80 -17.62 38.35
N SER B 563 5.68 -17.54 37.64
CA SER B 563 4.74 -16.43 37.82
C SER B 563 4.03 -16.39 39.18
N ASP B 564 3.98 -17.53 39.88
CA ASP B 564 3.48 -17.59 41.26
C ASP B 564 4.52 -17.09 42.25
N SER B 565 5.79 -17.04 41.83
CA SER B 565 6.90 -16.76 42.73
C SER B 565 6.52 -15.73 43.78
N LYS B 566 6.81 -16.06 45.03
CA LYS B 566 6.54 -15.15 46.13
C LYS B 566 7.81 -14.43 46.57
N SER B 567 8.93 -14.76 45.93
CA SER B 567 10.22 -14.15 46.27
C SER B 567 10.26 -12.69 45.87
N GLN B 568 10.99 -11.90 46.65
CA GLN B 568 11.14 -10.46 46.41
C GLN B 568 12.02 -10.14 45.20
N TRP B 569 12.79 -11.13 44.74
CA TRP B 569 13.61 -10.98 43.52
C TRP B 569 12.78 -10.68 42.27
N ARG B 570 11.52 -11.13 42.26
CA ARG B 570 10.63 -10.88 41.12
C ARG B 570 10.34 -9.38 40.93
N HIS B 571 10.49 -8.62 42.01
CA HIS B 571 10.32 -7.16 41.98
C HIS B 571 11.65 -6.41 41.79
N ALA B 572 12.66 -7.12 41.26
CA ALA B 572 14.02 -6.57 41.14
C ALA B 572 14.58 -6.64 39.73
N SER B 573 15.48 -5.71 39.43
CA SER B 573 16.12 -5.65 38.13
C SER B 573 17.58 -5.37 38.31
N ALA B 574 18.38 -5.97 37.45
CA ALA B 574 19.79 -5.62 37.36
C ALA B 574 19.93 -4.53 36.30
N SER B 575 20.96 -3.71 36.45
CA SER B 575 21.29 -2.70 35.46
C SER B 575 22.80 -2.62 35.30
N TYR B 576 23.24 -2.59 34.05
CA TYR B 576 24.62 -2.30 33.73
C TYR B 576 24.72 -1.13 32.72
N SER B 577 25.71 -0.26 32.90
CA SER B 577 25.89 0.88 32.00
C SER B 577 27.33 1.41 31.95
N MET B 578 27.70 2.02 30.82
CA MET B 578 29.00 2.68 30.66
C MET B 578 28.89 4.07 30.05
N SER B 579 29.80 4.95 30.44
CA SER B 579 30.01 6.24 29.80
C SER B 579 31.41 6.27 29.25
N HIS B 580 31.59 7.00 28.16
CA HIS B 580 32.92 7.36 27.68
C HIS B 580 32.83 8.70 26.95
N ASP B 581 33.50 9.71 27.49
CA ASP B 581 33.42 11.05 26.91
C ASP B 581 34.37 11.25 25.73
N LEU B 582 34.84 10.14 25.15
CA LEU B 582 35.77 10.11 24.01
C LEU B 582 37.03 10.99 24.18
N ASN B 583 37.24 11.46 25.41
CA ASN B 583 38.37 12.32 25.77
C ASN B 583 39.16 11.68 26.91
N GLY B 584 39.25 10.35 26.89
CA GLY B 584 39.98 9.60 27.91
C GLY B 584 39.14 9.04 29.04
N ARG B 585 38.22 9.86 29.55
CA ARG B 585 37.40 9.50 30.72
C ARG B 585 36.36 8.44 30.40
N MET B 586 36.35 7.38 31.20
CA MET B 586 35.37 6.31 31.09
C MET B 586 34.77 6.06 32.47
N THR B 587 33.48 5.76 32.50
CA THR B 587 32.82 5.32 33.72
C THR B 587 32.01 4.08 33.39
N ASN B 588 31.78 3.23 34.40
CA ASN B 588 30.83 2.14 34.27
C ASN B 588 30.23 1.74 35.63
N LEU B 589 29.01 1.20 35.59
CA LEU B 589 28.22 1.03 36.78
C LEU B 589 27.34 -0.21 36.64
N ALA B 590 27.50 -1.16 37.56
CA ALA B 590 26.53 -2.24 37.69
C ALA B 590 25.67 -1.95 38.93
N GLY B 591 24.38 -2.30 38.86
CA GLY B 591 23.48 -2.02 39.96
C GLY B 591 22.31 -2.98 40.08
N VAL B 592 21.61 -2.89 41.22
CA VAL B 592 20.38 -3.63 41.45
C VAL B 592 19.38 -2.64 42.04
N TYR B 593 18.12 -2.73 41.61
CA TYR B 593 17.06 -1.83 42.13
C TYR B 593 15.69 -2.52 42.10
N GLY B 594 14.84 -2.16 43.06
CA GLY B 594 13.50 -2.70 43.12
C GLY B 594 12.73 -2.19 44.32
N THR B 595 11.75 -2.98 44.74
CA THR B 595 10.94 -2.67 45.92
C THR B 595 10.91 -3.87 46.86
N LEU B 596 10.61 -3.62 48.14
CA LEU B 596 10.56 -4.63 49.18
C LEU B 596 9.32 -4.45 50.04
N LEU B 597 9.08 -5.43 50.93
CA LEU B 597 7.92 -5.47 51.86
C LEU B 597 6.62 -5.90 51.19
N GLU B 598 5.67 -6.36 51.99
CA GLU B 598 4.41 -6.93 51.51
C GLU B 598 3.53 -5.96 50.73
N ASP B 599 3.72 -4.66 50.92
CA ASP B 599 2.92 -3.67 50.20
C ASP B 599 3.76 -2.88 49.20
N ASN B 600 5.06 -3.18 49.17
CA ASN B 600 6.01 -2.52 48.28
C ASN B 600 6.20 -1.02 48.57
N ASN B 601 6.16 -0.65 49.86
CA ASN B 601 6.43 0.70 50.32
C ASN B 601 7.91 1.06 50.29
N LEU B 602 8.76 0.05 50.27
CA LEU B 602 10.19 0.29 50.38
C LEU B 602 10.92 0.10 49.05
N SER B 603 11.61 1.16 48.63
CA SER B 603 12.35 1.20 47.39
C SER B 603 13.85 1.24 47.68
N TYR B 604 14.61 0.48 46.92
CA TYR B 604 16.05 0.49 47.08
C TYR B 604 16.74 0.62 45.74
N SER B 605 17.90 1.26 45.77
CA SER B 605 18.83 1.25 44.67
C SER B 605 20.22 1.08 45.26
N VAL B 606 20.97 0.13 44.70
CA VAL B 606 22.35 -0.11 45.07
C VAL B 606 23.09 -0.22 43.76
N GLN B 607 24.19 0.51 43.62
CA GLN B 607 25.07 0.36 42.46
C GLN B 607 26.52 0.77 42.66
N THR B 608 27.42 -0.15 42.35
CA THR B 608 28.83 0.16 42.40
C THR B 608 29.49 0.08 41.02
N GLY B 609 30.42 1.00 40.78
CA GLY B 609 31.14 1.06 39.53
C GLY B 609 32.49 1.69 39.74
N TYR B 610 33.08 2.17 38.65
CA TYR B 610 34.40 2.79 38.68
C TYR B 610 34.63 3.72 37.48
N ALA B 611 35.12 4.93 37.77
CA ALA B 611 35.42 5.91 36.74
C ALA B 611 36.91 6.22 36.73
N GLY B 612 37.50 6.30 35.54
CA GLY B 612 38.94 6.50 35.41
C GLY B 612 39.40 7.12 34.10
N GLY B 613 40.39 8.02 34.21
CA GLY B 613 40.95 8.70 33.05
C GLY B 613 40.50 10.14 32.94
N GLY B 614 40.70 10.73 31.75
CA GLY B 614 40.25 12.09 31.44
C GLY B 614 40.93 13.19 32.24
N ASP B 615 40.30 13.56 33.36
CA ASP B 615 40.80 14.64 34.23
C ASP B 615 42.00 14.22 35.09
N GLY B 616 42.38 12.94 35.00
CA GLY B 616 43.44 12.37 35.83
C GLY B 616 42.88 11.86 37.14
N ASN B 617 41.58 11.60 37.16
CA ASN B 617 40.87 11.15 38.36
C ASN B 617 40.28 9.75 38.20
N SER B 618 40.91 8.77 38.84
CA SER B 618 40.44 7.38 38.80
C SER B 618 40.11 6.83 40.20
N GLY B 619 39.38 5.72 40.22
CA GLY B 619 38.94 5.09 41.46
C GLY B 619 37.51 4.59 41.35
N SER B 620 37.15 3.65 42.22
CA SER B 620 35.80 3.08 42.22
C SER B 620 34.77 3.97 42.92
N THR B 621 33.49 3.71 42.62
CA THR B 621 32.36 4.48 43.13
C THR B 621 31.26 3.55 43.66
N GLY B 622 30.42 4.08 44.54
CA GLY B 622 29.28 3.33 45.11
C GLY B 622 28.12 4.25 45.51
N TYR B 623 26.90 3.87 45.12
CA TYR B 623 25.71 4.65 45.41
C TYR B 623 24.58 3.77 45.91
N ALA B 624 23.87 4.22 46.95
CA ALA B 624 22.72 3.48 47.48
C ALA B 624 21.61 4.44 47.91
N THR B 625 20.37 3.95 47.89
CA THR B 625 19.21 4.72 48.36
C THR B 625 18.14 3.77 48.89
N LEU B 626 17.60 4.09 50.07
CA LEU B 626 16.39 3.46 50.57
C LEU B 626 15.33 4.54 50.59
N ASN B 627 14.08 4.12 50.41
CA ASN B 627 12.97 5.05 50.29
C ASN B 627 11.68 4.44 50.82
N TYR B 628 11.10 5.06 51.85
CA TYR B 628 9.96 4.47 52.50
C TYR B 628 8.71 5.33 52.42
N ARG B 629 7.62 4.73 51.94
CA ARG B 629 6.32 5.39 51.88
C ARG B 629 5.39 4.71 52.85
N GLY B 630 5.02 5.41 53.92
CA GLY B 630 4.23 4.79 54.98
C GLY B 630 2.93 5.50 55.32
N GLY B 631 2.36 5.13 56.46
CA GLY B 631 1.11 5.67 56.95
C GLY B 631 1.18 7.14 57.30
N TYR B 632 2.30 7.56 57.90
CA TYR B 632 2.41 8.88 58.52
C TYR B 632 3.39 9.85 57.86
N GLY B 633 3.96 9.45 56.72
CA GLY B 633 4.97 10.23 56.02
C GLY B 633 5.98 9.37 55.28
N ASN B 634 7.04 9.98 54.78
CA ASN B 634 8.08 9.26 54.04
C ASN B 634 9.45 9.41 54.68
N ALA B 635 10.34 8.47 54.41
CA ALA B 635 11.72 8.53 54.87
C ALA B 635 12.68 8.09 53.77
N ASN B 636 13.81 8.78 53.67
CA ASN B 636 14.89 8.41 52.75
C ASN B 636 16.21 8.23 53.47
N ILE B 637 17.02 7.30 52.99
CA ILE B 637 18.44 7.29 53.30
C ILE B 637 19.17 7.13 51.97
N GLY B 638 20.28 7.82 51.83
CA GLY B 638 21.13 7.68 50.67
C GLY B 638 22.57 7.58 51.12
N TYR B 639 23.38 6.89 50.33
CA TYR B 639 24.78 6.75 50.64
C TYR B 639 25.56 6.91 49.34
N SER B 640 26.67 7.65 49.42
CA SER B 640 27.48 7.96 48.26
C SER B 640 28.97 7.89 48.58
N HIS B 641 29.71 7.26 47.69
CA HIS B 641 31.14 7.08 47.83
C HIS B 641 31.79 7.35 46.47
N SER B 642 32.57 8.43 46.39
CA SER B 642 33.23 8.85 45.14
C SER B 642 34.77 8.81 45.21
N ASP B 643 35.30 7.87 46.00
CA ASP B 643 36.77 7.68 46.19
C ASP B 643 37.46 8.82 46.96
N ASP B 644 36.95 10.04 46.80
CA ASP B 644 37.43 11.21 47.51
C ASP B 644 36.35 11.68 48.47
N ILE B 645 35.22 12.14 47.90
CA ILE B 645 34.03 12.51 48.68
C ILE B 645 33.36 11.23 49.19
N LYS B 646 32.71 11.33 50.35
CA LYS B 646 32.03 10.22 50.97
C LYS B 646 30.87 10.81 51.76
N GLN B 647 29.63 10.55 51.35
CA GLN B 647 28.48 11.25 51.95
C GLN B 647 27.23 10.44 52.27
N LEU B 648 26.44 10.96 53.22
CA LEU B 648 25.24 10.28 53.74
C LEU B 648 23.99 11.18 53.66
N TYR B 649 22.89 10.66 53.14
CA TYR B 649 21.64 11.43 52.98
C TYR B 649 20.53 10.86 53.85
N TYR B 650 19.83 11.73 54.54
CA TYR B 650 18.76 11.30 55.43
C TYR B 650 17.66 12.34 55.34
N GLY B 651 16.42 11.89 55.38
CA GLY B 651 15.30 12.79 55.17
C GLY B 651 13.98 12.23 55.61
N VAL B 652 13.13 13.10 56.13
CA VAL B 652 11.76 12.75 56.44
C VAL B 652 10.82 13.73 55.72
N SER B 653 9.73 13.22 55.18
CA SER B 653 8.74 14.07 54.53
C SER B 653 7.32 13.65 54.91
N GLY B 654 6.34 14.55 54.74
CA GLY B 654 4.95 14.19 54.98
C GLY B 654 3.96 15.33 54.82
N GLY B 655 2.68 15.00 54.90
CA GLY B 655 1.60 15.99 54.80
C GLY B 655 0.77 16.09 56.07
N VAL B 656 0.28 17.29 56.34
CA VAL B 656 -0.57 17.56 57.50
C VAL B 656 -1.84 18.23 57.02
N LEU B 657 -2.97 17.80 57.57
CA LEU B 657 -4.27 18.40 57.26
C LEU B 657 -5.00 18.74 58.55
N ALA B 658 -5.44 20.00 58.66
CA ALA B 658 -6.25 20.45 59.80
C ALA B 658 -7.66 20.70 59.30
N HIS B 659 -8.63 19.96 59.84
CA HIS B 659 -10.01 20.00 59.37
C HIS B 659 -11.02 19.94 60.52
N ALA B 660 -12.30 20.06 60.20
CA ALA B 660 -13.39 20.02 61.20
C ALA B 660 -13.27 18.89 62.23
N ASN B 661 -12.74 17.74 61.82
CA ASN B 661 -12.61 16.59 62.71
C ASN B 661 -11.19 16.33 63.19
N GLY B 662 -10.37 17.39 63.19
CA GLY B 662 -9.04 17.35 63.79
C GLY B 662 -7.86 17.51 62.85
N VAL B 663 -6.74 16.91 63.23
CA VAL B 663 -5.53 16.91 62.43
C VAL B 663 -5.23 15.47 62.02
N THR B 664 -4.95 15.26 60.74
CA THR B 664 -4.62 13.95 60.18
C THR B 664 -3.28 14.06 59.46
N LEU B 665 -2.41 13.06 59.64
CA LEU B 665 -1.10 13.07 58.99
C LEU B 665 -1.04 12.02 57.90
N GLY B 666 -0.08 12.16 57.00
CA GLY B 666 0.11 11.18 55.93
C GLY B 666 1.29 11.54 55.06
N GLN B 667 1.43 10.80 53.96
CA GLN B 667 2.43 11.14 52.94
C GLN B 667 2.16 12.56 52.43
N PRO B 668 3.19 13.24 51.86
CA PRO B 668 2.95 14.63 51.41
C PRO B 668 1.76 14.76 50.45
N LEU B 669 1.13 15.93 50.47
CA LEU B 669 -0.12 16.19 49.73
C LEU B 669 0.10 16.72 48.31
N ASN B 670 -0.93 16.55 47.47
CA ASN B 670 -0.84 16.93 46.05
C ASN B 670 -2.01 17.76 45.51
N ASP B 671 -2.16 18.97 46.01
CA ASP B 671 -3.17 19.89 45.54
C ASP B 671 -4.54 19.32 45.89
N THR B 672 -4.96 18.29 45.16
CA THR B 672 -6.27 17.67 45.35
C THR B 672 -6.22 16.54 46.38
N VAL B 673 -6.89 16.75 47.51
CA VAL B 673 -6.77 15.87 48.67
C VAL B 673 -8.08 15.18 49.03
N VAL B 674 -8.06 13.86 49.02
CA VAL B 674 -9.19 13.09 49.53
C VAL B 674 -8.90 12.77 50.99
N LEU B 675 -9.85 13.10 51.86
CA LEU B 675 -9.76 12.79 53.28
C LEU B 675 -10.66 11.60 53.60
N VAL B 676 -10.05 10.43 53.81
CA VAL B 676 -10.81 9.25 54.22
C VAL B 676 -11.23 9.44 55.69
N LYS B 677 -12.55 9.38 55.93
CA LYS B 677 -13.13 9.48 57.27
C LYS B 677 -13.89 8.20 57.64
N ALA B 678 -13.22 7.32 58.38
CA ALA B 678 -13.78 6.01 58.72
C ALA B 678 -13.52 5.63 60.18
N PRO B 679 -14.17 6.35 61.13
CA PRO B 679 -13.98 6.13 62.55
C PRO B 679 -14.21 4.67 62.93
N GLY B 680 -13.18 4.02 63.46
CA GLY B 680 -13.26 2.64 63.89
C GLY B 680 -12.49 1.67 63.01
N ALA B 681 -11.99 2.15 61.87
CA ALA B 681 -11.17 1.32 60.98
C ALA B 681 -9.72 1.80 61.06
N LYS B 682 -8.94 1.17 61.94
CA LYS B 682 -7.68 1.75 62.41
C LYS B 682 -6.51 1.60 61.44
N ASP B 683 -6.02 0.38 61.23
CA ASP B 683 -4.87 0.23 60.33
C ASP B 683 -5.34 -0.15 58.91
N ALA B 684 -6.45 0.44 58.48
CA ALA B 684 -7.11 0.04 57.24
C ALA B 684 -6.42 0.65 56.03
N LYS B 685 -6.01 -0.23 55.12
CA LYS B 685 -5.32 0.17 53.88
C LYS B 685 -6.30 0.73 52.82
N VAL B 686 -5.87 1.80 52.14
CA VAL B 686 -6.62 2.35 51.00
C VAL B 686 -6.06 1.75 49.69
N GLU B 687 -6.96 1.19 48.88
CA GLU B 687 -6.61 0.50 47.64
C GLU B 687 -5.92 1.41 46.63
N ASN B 688 -4.90 0.89 45.95
CA ASN B 688 -4.16 1.61 44.89
C ASN B 688 -3.27 2.78 45.33
N GLN B 689 -3.12 2.96 46.64
CA GLN B 689 -2.29 4.03 47.16
C GLN B 689 -1.25 3.40 48.08
N THR B 690 -0.06 3.14 47.54
CA THR B 690 1.02 2.49 48.27
C THR B 690 1.31 3.11 49.64
N GLY B 691 1.27 2.27 50.68
CA GLY B 691 1.64 2.70 52.04
C GLY B 691 0.61 3.52 52.77
N VAL B 692 -0.47 3.91 52.09
CA VAL B 692 -1.50 4.72 52.68
C VAL B 692 -2.39 3.83 53.55
N ARG B 693 -2.44 4.17 54.83
CA ARG B 693 -3.24 3.46 55.83
C ARG B 693 -3.95 4.51 56.68
N THR B 694 -5.13 4.17 57.20
CA THR B 694 -5.80 5.03 58.19
C THR B 694 -5.03 5.05 59.51
N ASP B 695 -5.05 6.20 60.19
CA ASP B 695 -4.39 6.32 61.49
C ASP B 695 -5.23 5.71 62.62
N TRP B 696 -4.78 5.93 63.86
CA TRP B 696 -5.37 5.31 65.06
C TRP B 696 -6.78 5.79 65.34
N ARG B 697 -7.30 6.64 64.46
CA ARG B 697 -8.66 7.15 64.57
C ARG B 697 -9.56 6.74 63.43
N GLY B 698 -8.96 6.24 62.35
CA GLY B 698 -9.70 5.90 61.12
C GLY B 698 -9.71 7.01 60.09
N TYR B 699 -8.69 7.89 60.16
CA TYR B 699 -8.52 8.99 59.22
C TYR B 699 -7.26 8.82 58.38
N ALA B 700 -7.36 9.22 57.11
CA ALA B 700 -6.24 9.18 56.20
C ALA B 700 -6.29 10.39 55.28
N VAL B 701 -5.13 10.79 54.76
CA VAL B 701 -5.10 11.73 53.65
C VAL B 701 -4.44 11.09 52.44
N LEU B 702 -5.14 11.09 51.31
CA LEU B 702 -4.64 10.45 50.10
C LEU B 702 -3.73 11.41 49.33
N PRO B 703 -2.54 10.92 48.95
CA PRO B 703 -1.62 11.72 48.15
C PRO B 703 -2.07 11.89 46.70
N TYR B 704 -3.04 11.10 46.24
CA TYR B 704 -3.35 11.04 44.81
C TYR B 704 -4.83 10.99 44.49
N ALA B 705 -5.31 12.04 43.83
CA ALA B 705 -6.66 12.08 43.27
C ALA B 705 -6.66 12.90 42.00
N THR B 706 -7.60 12.60 41.13
CA THR B 706 -7.73 13.33 39.87
C THR B 706 -8.95 14.26 39.88
N GLU B 707 -8.70 15.56 39.70
CA GLU B 707 -9.72 16.61 39.65
C GLU B 707 -10.72 16.44 38.52
N TYR B 708 -11.95 16.89 38.77
CA TYR B 708 -12.99 17.00 37.73
C TYR B 708 -13.43 15.67 37.14
N ARG B 709 -13.02 14.58 37.79
CA ARG B 709 -13.41 13.24 37.42
C ARG B 709 -13.90 12.52 38.68
N GLU B 710 -14.52 11.37 38.47
CA GLU B 710 -14.94 10.54 39.58
C GLU B 710 -13.73 9.80 40.11
N ASN B 711 -13.65 9.68 41.43
CA ASN B 711 -12.53 9.01 42.07
C ASN B 711 -13.05 7.92 42.99
N ARG B 712 -12.81 6.67 42.61
CA ARG B 712 -13.10 5.54 43.47
C ARG B 712 -12.17 5.59 44.65
N VAL B 713 -12.76 5.51 45.84
CA VAL B 713 -12.01 5.54 47.07
C VAL B 713 -12.49 4.35 47.89
N ALA B 714 -11.69 3.29 47.93
CA ALA B 714 -12.09 2.06 48.60
C ALA B 714 -11.17 1.72 49.75
N LEU B 715 -11.72 1.11 50.79
CA LEU B 715 -10.89 0.53 51.85
C LEU B 715 -10.66 -0.95 51.56
N ASP B 716 -9.42 -1.41 51.70
CA ASP B 716 -9.08 -2.82 51.48
C ASP B 716 -9.63 -3.65 52.65
N THR B 717 -10.72 -4.37 52.37
CA THR B 717 -11.46 -5.09 53.42
C THR B 717 -10.67 -6.25 53.96
N ASN B 718 -9.66 -6.69 53.22
CA ASN B 718 -8.71 -7.68 53.70
C ASN B 718 -7.99 -7.19 54.95
N THR B 719 -7.67 -5.90 54.98
CA THR B 719 -6.86 -5.31 56.04
C THR B 719 -7.67 -4.88 57.27
N LEU B 720 -8.97 -5.16 57.27
CA LEU B 720 -9.82 -4.79 58.39
C LEU B 720 -9.61 -5.69 59.60
N ALA B 721 -9.87 -5.16 60.79
CA ALA B 721 -9.85 -5.96 62.01
C ALA B 721 -10.98 -6.99 61.94
N ASP B 722 -10.75 -8.17 62.53
CA ASP B 722 -11.71 -9.27 62.47
C ASP B 722 -13.09 -8.88 63.00
N ASN B 723 -13.14 -7.92 63.91
CA ASN B 723 -14.42 -7.47 64.48
C ASN B 723 -14.94 -6.19 63.82
N VAL B 724 -14.45 -5.89 62.62
CA VAL B 724 -14.87 -4.69 61.91
C VAL B 724 -15.45 -5.03 60.55
N ASP B 725 -16.63 -4.47 60.28
CA ASP B 725 -17.20 -4.47 58.94
C ASP B 725 -17.66 -3.06 58.63
N LEU B 726 -17.74 -2.72 57.35
CA LEU B 726 -18.18 -1.39 56.93
C LEU B 726 -19.49 -1.46 56.19
N ASP B 727 -20.36 -0.49 56.43
CA ASP B 727 -21.60 -0.35 55.66
C ASP B 727 -21.32 -0.30 54.17
N ASN B 728 -20.25 0.40 53.78
CA ASN B 728 -19.86 0.52 52.39
C ASN B 728 -18.36 0.61 52.23
N ALA B 729 -17.77 -0.42 51.62
CA ALA B 729 -16.33 -0.44 51.40
C ALA B 729 -15.85 0.48 50.26
N VAL B 730 -16.78 1.01 49.48
CA VAL B 730 -16.43 1.89 48.36
C VAL B 730 -17.14 3.23 48.43
N ALA B 731 -16.38 4.32 48.35
CA ALA B 731 -16.92 5.67 48.20
C ALA B 731 -16.47 6.23 46.86
N ASN B 732 -17.14 7.28 46.40
CA ASN B 732 -16.89 7.87 45.09
C ASN B 732 -16.94 9.38 45.22
N VAL B 733 -15.91 10.09 44.75
CA VAL B 733 -15.90 11.57 44.85
C VAL B 733 -15.56 12.30 43.55
N VAL B 734 -15.97 13.57 43.48
CA VAL B 734 -15.77 14.39 42.28
C VAL B 734 -15.22 15.78 42.65
N PRO B 735 -13.91 15.87 42.99
CA PRO B 735 -13.27 17.10 43.47
C PRO B 735 -12.85 18.08 42.38
N THR B 736 -12.80 19.36 42.73
CA THR B 736 -12.17 20.38 41.88
C THR B 736 -10.67 20.40 42.16
N ARG B 737 -9.90 21.13 41.36
CA ARG B 737 -8.48 21.21 41.63
C ARG B 737 -8.22 21.93 42.95
N GLY B 738 -7.37 21.32 43.77
CA GLY B 738 -7.05 21.86 45.08
C GLY B 738 -8.10 21.54 46.12
N ALA B 739 -9.19 20.91 45.70
CA ALA B 739 -10.28 20.60 46.62
C ALA B 739 -9.87 19.58 47.67
N ILE B 740 -10.43 19.74 48.87
CA ILE B 740 -10.31 18.77 49.95
C ILE B 740 -11.70 18.18 50.21
N VAL B 741 -11.84 16.89 49.93
CA VAL B 741 -13.12 16.21 49.92
C VAL B 741 -13.13 15.03 50.89
N ARG B 742 -14.24 14.84 51.59
CA ARG B 742 -14.38 13.68 52.47
C ARG B 742 -14.85 12.47 51.70
N ALA B 743 -14.31 11.31 52.06
CA ALA B 743 -14.82 10.02 51.61
C ALA B 743 -15.20 9.26 52.87
N GLU B 744 -16.49 9.11 53.11
CA GLU B 744 -16.97 8.56 54.36
C GLU B 744 -17.30 7.08 54.32
N PHE B 745 -16.81 6.38 55.34
CA PHE B 745 -17.10 4.97 55.53
C PHE B 745 -17.63 4.77 56.94
N LYS B 746 -18.66 3.94 57.06
CA LYS B 746 -19.30 3.68 58.34
C LYS B 746 -18.89 2.31 58.89
N ALA B 747 -18.15 2.30 59.98
CA ALA B 747 -17.62 1.05 60.53
C ALA B 747 -18.51 0.53 61.63
N ARG B 748 -18.94 -0.72 61.48
CA ARG B 748 -19.63 -1.44 62.55
C ARG B 748 -18.58 -2.28 63.26
N VAL B 749 -18.32 -1.93 64.52
CA VAL B 749 -17.32 -2.64 65.32
C VAL B 749 -18.01 -3.52 66.36
N GLY B 750 -17.68 -4.80 66.34
CA GLY B 750 -18.34 -5.79 67.17
C GLY B 750 -18.33 -7.13 66.48
N ILE B 751 -19.04 -8.09 67.04
CA ILE B 751 -19.03 -9.45 66.53
C ILE B 751 -19.75 -9.56 65.18
N LYS B 752 -19.25 -10.44 64.32
CA LYS B 752 -19.94 -10.75 63.08
C LYS B 752 -20.61 -12.12 63.22
N LEU B 753 -21.92 -12.18 62.95
CA LEU B 753 -22.61 -13.45 63.06
C LEU B 753 -23.60 -13.75 61.95
N LEU B 754 -23.65 -15.02 61.57
CA LEU B 754 -24.64 -15.54 60.63
C LEU B 754 -25.64 -16.42 61.39
N MET B 755 -26.79 -15.82 61.70
CA MET B 755 -27.83 -16.45 62.51
C MET B 755 -28.87 -17.22 61.70
N THR B 756 -29.11 -18.47 62.10
CA THR B 756 -30.24 -19.24 61.62
C THR B 756 -31.39 -19.06 62.60
N LEU B 757 -32.43 -18.37 62.14
CA LEU B 757 -33.56 -18.05 63.00
C LEU B 757 -34.75 -18.92 62.65
N THR B 758 -35.25 -19.62 63.66
CA THR B 758 -36.32 -20.57 63.48
C THR B 758 -37.51 -20.23 64.38
N HIS B 759 -38.69 -20.69 63.96
CA HIS B 759 -39.95 -20.39 64.62
C HIS B 759 -40.87 -21.60 64.45
N ASN B 760 -41.17 -22.27 65.56
CA ASN B 760 -41.89 -23.56 65.53
C ASN B 760 -41.14 -24.56 64.64
N ASN B 761 -39.82 -24.64 64.85
CA ASN B 761 -38.94 -25.53 64.08
C ASN B 761 -39.00 -25.29 62.56
N LYS B 762 -39.49 -24.11 62.16
CA LYS B 762 -39.48 -23.69 60.76
C LYS B 762 -38.78 -22.32 60.62
N PRO B 763 -37.80 -22.22 59.70
CA PRO B 763 -36.98 -21.02 59.54
C PRO B 763 -37.78 -19.77 59.21
N LEU B 764 -37.34 -18.62 59.69
CA LEU B 764 -38.01 -17.34 59.40
C LEU B 764 -38.00 -17.03 57.91
N PRO B 765 -39.09 -16.45 57.39
CA PRO B 765 -39.25 -16.23 55.96
C PRO B 765 -38.24 -15.26 55.36
N PHE B 766 -37.95 -15.44 54.06
CA PHE B 766 -37.14 -14.51 53.29
C PHE B 766 -37.66 -13.07 53.43
N GLY B 767 -36.75 -12.09 53.40
CA GLY B 767 -37.13 -10.68 53.43
C GLY B 767 -37.41 -10.08 54.80
N ALA B 768 -37.43 -10.94 55.82
CA ALA B 768 -37.69 -10.52 57.20
C ALA B 768 -36.68 -9.49 57.66
N MET B 769 -37.17 -8.36 58.15
CA MET B 769 -36.30 -7.34 58.71
C MET B 769 -35.88 -7.76 60.10
N VAL B 770 -34.57 -7.71 60.35
CA VAL B 770 -34.00 -8.05 61.63
C VAL B 770 -33.26 -6.84 62.17
N THR B 771 -33.51 -6.51 63.43
CA THR B 771 -32.88 -5.33 64.05
C THR B 771 -32.51 -5.54 65.52
N SER B 772 -31.28 -5.19 65.88
CA SER B 772 -30.73 -5.45 67.21
C SER B 772 -31.28 -4.48 68.27
N GLU B 773 -31.30 -4.92 69.52
CA GLU B 773 -31.67 -4.07 70.65
C GLU B 773 -30.44 -3.38 71.25
N SER B 774 -29.31 -4.09 71.28
CA SER B 774 -28.09 -3.63 71.93
C SER B 774 -27.25 -2.66 71.09
N SER B 775 -27.16 -2.90 69.78
CA SER B 775 -26.35 -2.06 68.88
C SER B 775 -27.20 -1.37 67.83
N GLN B 776 -26.55 -0.58 66.96
CA GLN B 776 -27.24 0.13 65.89
C GLN B 776 -27.36 -0.74 64.62
N SER B 777 -26.86 -1.98 64.71
CA SER B 777 -26.83 -2.90 63.57
C SER B 777 -28.17 -3.56 63.25
N SER B 778 -28.37 -3.90 61.98
CA SER B 778 -29.59 -4.56 61.50
C SER B 778 -29.36 -5.34 60.21
N GLY B 779 -30.28 -6.25 59.88
CA GLY B 779 -30.12 -7.13 58.71
C GLY B 779 -31.42 -7.62 58.08
N ILE B 780 -31.29 -8.32 56.94
CA ILE B 780 -32.44 -8.94 56.28
C ILE B 780 -32.21 -10.45 56.16
N VAL B 781 -33.25 -11.23 56.46
CA VAL B 781 -33.18 -12.69 56.40
C VAL B 781 -33.26 -13.19 54.96
N ALA B 782 -32.26 -13.99 54.57
CA ALA B 782 -32.23 -14.57 53.24
C ALA B 782 -32.77 -15.99 53.27
N ASP B 783 -32.05 -16.92 52.65
CA ASP B 783 -32.40 -18.34 52.61
C ASP B 783 -32.08 -19.03 53.93
N ASN B 784 -32.62 -20.24 54.10
CA ASN B 784 -32.40 -21.08 55.30
C ASN B 784 -32.66 -20.37 56.63
N GLY B 785 -33.37 -19.24 56.55
CA GLY B 785 -33.59 -18.38 57.71
C GLY B 785 -32.32 -17.75 58.27
N GLN B 786 -31.36 -17.46 57.40
CA GLN B 786 -30.09 -16.88 57.83
C GLN B 786 -30.08 -15.36 57.70
N VAL B 787 -29.52 -14.69 58.70
CA VAL B 787 -29.23 -13.26 58.60
C VAL B 787 -27.77 -12.99 58.97
N TYR B 788 -27.20 -11.96 58.36
CA TYR B 788 -25.84 -11.55 58.67
C TYR B 788 -25.90 -10.29 59.52
N LEU B 789 -25.11 -10.26 60.60
CA LEU B 789 -25.05 -9.08 61.48
C LEU B 789 -23.62 -8.74 61.90
N SER B 790 -23.28 -7.46 61.77
CA SER B 790 -21.97 -6.96 62.16
C SER B 790 -22.12 -6.04 63.36
N GLY B 791 -21.00 -5.73 64.02
CA GLY B 791 -21.00 -4.79 65.14
C GLY B 791 -21.86 -5.22 66.31
N MET B 792 -21.89 -6.53 66.56
CA MET B 792 -22.76 -7.13 67.57
C MET B 792 -22.04 -7.33 68.91
N PRO B 793 -22.81 -7.31 70.03
CA PRO B 793 -22.32 -7.69 71.36
C PRO B 793 -22.21 -9.21 71.56
N LEU B 794 -21.44 -9.63 72.57
CA LEU B 794 -21.27 -11.04 72.92
C LEU B 794 -22.61 -11.74 73.18
N ALA B 795 -23.54 -11.00 73.78
CA ALA B 795 -24.88 -11.52 74.08
C ALA B 795 -25.91 -10.42 73.88
N GLY B 796 -27.10 -10.76 73.40
CA GLY B 796 -28.12 -9.76 73.12
C GLY B 796 -29.47 -10.25 72.65
N LYS B 797 -30.37 -9.29 72.44
CA LYS B 797 -31.75 -9.55 72.03
C LYS B 797 -31.96 -8.99 70.62
N VAL B 798 -32.72 -9.71 69.80
CA VAL B 798 -32.94 -9.35 68.39
C VAL B 798 -34.43 -9.24 68.03
N GLN B 799 -34.80 -8.10 67.44
CA GLN B 799 -36.18 -7.84 67.02
C GLN B 799 -36.38 -8.13 65.52
N VAL B 800 -37.41 -8.91 65.22
CA VAL B 800 -37.69 -9.35 63.85
C VAL B 800 -39.12 -8.96 63.46
N LYS B 801 -39.28 -8.44 62.25
CA LYS B 801 -40.59 -7.98 61.77
C LYS B 801 -40.77 -8.09 60.25
N TRP B 802 -41.74 -8.87 59.80
CA TRP B 802 -42.09 -8.91 58.38
C TRP B 802 -43.51 -8.39 58.11
N GLY B 803 -44.48 -8.86 58.90
CA GLY B 803 -45.86 -8.42 58.78
C GLY B 803 -46.16 -7.29 59.76
N GLU B 804 -47.31 -6.65 59.57
CA GLU B 804 -47.77 -5.58 60.46
C GLU B 804 -49.21 -5.78 60.87
N ALA B 808 -43.97 -6.05 64.10
CA ALA B 808 -43.29 -6.87 65.10
C ALA B 808 -43.87 -8.27 65.14
N HIS B 809 -43.01 -9.26 65.35
CA HIS B 809 -43.40 -10.67 65.45
C HIS B 809 -42.49 -11.45 66.41
N CYS B 810 -41.52 -12.19 65.86
CA CYS B 810 -40.60 -12.98 66.67
C CYS B 810 -39.57 -12.11 67.38
N VAL B 811 -39.10 -12.58 68.53
CA VAL B 811 -37.96 -12.00 69.22
C VAL B 811 -37.06 -13.14 69.70
N ALA B 812 -35.76 -13.05 69.40
CA ALA B 812 -34.79 -14.07 69.78
C ALA B 812 -33.65 -13.48 70.61
N ASN B 813 -33.01 -14.33 71.42
CA ASN B 813 -31.87 -13.93 72.23
C ASN B 813 -30.70 -14.85 71.96
N TYR B 814 -29.50 -14.40 72.27
CA TYR B 814 -28.31 -15.22 72.10
C TYR B 814 -27.27 -14.87 73.14
N GLN B 815 -26.28 -15.74 73.26
CA GLN B 815 -25.16 -15.57 74.16
C GLN B 815 -24.03 -16.41 73.59
N LEU B 816 -23.12 -15.76 72.88
CA LEU B 816 -21.97 -16.45 72.31
C LEU B 816 -20.94 -16.73 73.38
N PRO B 817 -20.42 -17.97 73.43
CA PRO B 817 -19.37 -18.32 74.39
C PRO B 817 -18.11 -17.48 74.13
N PRO B 818 -17.62 -16.76 75.16
CA PRO B 818 -16.49 -15.82 75.06
C PRO B 818 -15.37 -16.25 74.11
N GLU B 819 -15.14 -17.56 74.04
CA GLU B 819 -14.05 -18.15 73.24
C GLU B 819 -14.14 -17.93 71.71
N SER B 820 -15.21 -17.31 71.24
CA SER B 820 -15.43 -17.11 69.81
C SER B 820 -15.00 -15.73 69.29
N GLN B 821 -14.26 -15.00 70.12
CA GLN B 821 -13.83 -13.63 69.81
C GLN B 821 -12.84 -13.53 68.64
N GLN B 822 -11.81 -14.38 68.66
CA GLN B 822 -10.79 -14.39 67.62
C GLN B 822 -11.35 -14.66 66.23
N GLN B 823 -12.53 -15.28 66.19
CA GLN B 823 -13.16 -15.71 64.93
C GLN B 823 -13.67 -14.55 64.07
N LEU B 824 -13.61 -14.75 62.76
CA LEU B 824 -14.15 -13.82 61.77
C LEU B 824 -15.66 -13.74 61.88
N LEU B 825 -16.30 -14.90 61.80
CA LEU B 825 -17.74 -15.03 61.68
C LEU B 825 -18.18 -16.30 62.41
N THR B 826 -19.03 -16.14 63.41
CA THR B 826 -19.56 -17.30 64.13
C THR B 826 -21.04 -17.51 63.83
N GLN B 827 -21.41 -18.78 63.69
CA GLN B 827 -22.76 -19.16 63.30
C GLN B 827 -23.47 -19.75 64.52
N LEU B 828 -24.61 -19.17 64.87
CA LEU B 828 -25.44 -19.71 65.95
C LEU B 828 -26.92 -19.69 65.58
N SER B 829 -27.68 -20.61 66.17
CA SER B 829 -29.12 -20.73 65.96
C SER B 829 -29.88 -20.11 67.12
N ALA B 830 -31.04 -19.54 66.85
CA ALA B 830 -31.87 -18.95 67.89
C ALA B 830 -33.34 -19.22 67.63
N GLU B 831 -34.07 -19.58 68.69
CA GLU B 831 -35.51 -19.80 68.59
C GLU B 831 -36.24 -18.44 68.57
N CYS B 832 -37.57 -18.46 68.63
CA CYS B 832 -38.35 -17.23 68.64
C CYS B 832 -39.48 -17.18 69.69
N ARG B 833 -40.35 -16.19 69.54
CA ARG B 833 -41.51 -16.02 70.41
C ARG B 833 -42.70 -16.85 69.95
N SER B 834 -43.60 -17.19 70.88
CA SER B 834 -44.87 -17.89 70.61
C SER B 834 -44.63 -19.31 70.10
N GLY C 1 -28.14 -1.40 35.25
CA GLY C 1 -28.17 -2.80 35.75
C GLY C 1 -27.08 -3.06 36.77
N VAL C 2 -27.05 -4.29 37.30
CA VAL C 2 -26.07 -4.70 38.29
C VAL C 2 -24.99 -5.54 37.61
N ALA C 3 -23.73 -5.11 37.77
CA ALA C 3 -22.60 -5.80 37.15
C ALA C 3 -21.50 -6.17 38.15
N LEU C 4 -20.85 -7.29 37.88
CA LEU C 4 -19.74 -7.78 38.69
C LEU C 4 -18.41 -7.26 38.17
N GLY C 5 -17.46 -7.05 39.09
CA GLY C 5 -16.12 -6.55 38.76
C GLY C 5 -15.26 -7.50 37.94
N ALA C 6 -15.50 -8.79 38.05
CA ALA C 6 -14.72 -9.81 37.36
C ALA C 6 -15.63 -10.94 36.86
N THR C 7 -15.10 -11.80 36.00
CA THR C 7 -15.88 -12.89 35.40
C THR C 7 -15.49 -14.27 35.97
N ARG C 8 -14.47 -14.27 36.84
CA ARG C 8 -14.05 -15.44 37.60
C ARG C 8 -13.31 -14.95 38.84
N VAL C 9 -13.32 -15.75 39.89
CA VAL C 9 -12.57 -15.40 41.09
C VAL C 9 -11.66 -16.55 41.47
N ILE C 10 -10.35 -16.27 41.53
CA ILE C 10 -9.37 -17.22 42.02
C ILE C 10 -9.24 -17.06 43.53
N TYR C 11 -9.40 -18.14 44.27
CA TYR C 11 -9.22 -18.10 45.71
C TYR C 11 -7.91 -18.75 46.11
N PRO C 12 -6.93 -17.94 46.56
CA PRO C 12 -5.68 -18.55 46.97
C PRO C 12 -5.85 -19.18 48.36
N ALA C 13 -5.51 -20.45 48.50
CA ALA C 13 -5.59 -21.11 49.80
C ALA C 13 -4.77 -20.37 50.85
N GLY C 14 -5.27 -20.33 52.08
CA GLY C 14 -4.59 -19.63 53.18
C GLY C 14 -5.00 -18.18 53.34
N GLN C 15 -5.66 -17.62 52.32
CA GLN C 15 -6.23 -16.28 52.42
C GLN C 15 -7.50 -16.34 53.25
N LYS C 16 -7.64 -15.42 54.20
CA LYS C 16 -8.89 -15.29 54.95
C LYS C 16 -10.06 -15.05 53.98
N GLN C 17 -9.96 -14.00 53.18
CA GLN C 17 -11.02 -13.64 52.26
C GLN C 17 -10.50 -13.22 50.90
N VAL C 18 -11.43 -13.09 49.94
CA VAL C 18 -11.18 -12.43 48.65
C VAL C 18 -12.32 -11.45 48.39
N GLN C 19 -12.00 -10.35 47.70
CA GLN C 19 -12.97 -9.32 47.38
C GLN C 19 -13.54 -9.52 45.98
N LEU C 20 -14.82 -9.17 45.81
CA LEU C 20 -15.43 -9.17 44.48
C LEU C 20 -16.36 -7.97 44.33
N ALA C 21 -16.07 -7.12 43.36
CA ALA C 21 -16.79 -5.87 43.16
C ALA C 21 -18.21 -6.09 42.63
N VAL C 22 -19.17 -5.35 43.20
CA VAL C 22 -20.53 -5.34 42.69
C VAL C 22 -20.98 -3.88 42.42
N THR C 23 -21.26 -3.57 41.16
CA THR C 23 -21.55 -2.20 40.76
C THR C 23 -22.97 -2.03 40.19
N ASN C 24 -23.68 -1.02 40.69
CA ASN C 24 -24.98 -0.60 40.10
C ASN C 24 -24.90 0.78 39.44
N ASN C 25 -25.06 0.83 38.12
CA ASN C 25 -25.00 2.11 37.40
C ASN C 25 -26.36 2.76 37.11
N ASP C 26 -27.42 2.24 37.71
CA ASP C 26 -28.76 2.80 37.56
C ASP C 26 -29.08 3.77 38.69
N GLU C 27 -29.15 5.06 38.36
CA GLU C 27 -29.35 6.14 39.33
C GLU C 27 -30.69 6.09 40.05
N ASN C 28 -31.72 5.65 39.35
CA ASN C 28 -33.09 5.67 39.89
C ASN C 28 -33.55 4.35 40.50
N SER C 29 -32.80 3.27 40.25
CA SER C 29 -33.20 1.93 40.68
C SER C 29 -32.72 1.56 42.07
N THR C 30 -33.50 0.71 42.75
CA THR C 30 -33.08 0.10 44.01
C THR C 30 -33.23 -1.41 43.94
N TYR C 31 -32.15 -2.12 44.27
CA TYR C 31 -32.11 -3.57 44.15
C TYR C 31 -31.88 -4.21 45.50
N LEU C 32 -32.43 -5.41 45.66
CA LEU C 32 -32.08 -6.27 46.78
C LEU C 32 -31.07 -7.26 46.23
N ILE C 33 -29.81 -7.12 46.66
CA ILE C 33 -28.75 -7.97 46.14
C ILE C 33 -28.61 -9.23 47.01
N GLN C 34 -28.65 -10.39 46.36
CA GLN C 34 -28.56 -11.64 47.05
C GLN C 34 -27.48 -12.49 46.42
N SER C 35 -26.47 -12.86 47.20
CA SER C 35 -25.32 -13.60 46.66
C SER C 35 -25.10 -14.91 47.41
N TRP C 36 -24.72 -15.97 46.69
CA TRP C 36 -24.48 -17.28 47.30
C TRP C 36 -23.52 -18.16 46.50
N VAL C 37 -22.81 -19.03 47.21
CA VAL C 37 -21.82 -19.95 46.61
C VAL C 37 -22.35 -21.39 46.61
N GLU C 38 -22.40 -22.00 45.42
CA GLU C 38 -22.75 -23.42 45.27
C GLU C 38 -21.49 -24.21 44.96
N ASN C 39 -21.56 -25.53 45.11
CA ASN C 39 -20.48 -26.38 44.61
C ASN C 39 -20.69 -26.77 43.15
N ALA C 40 -19.88 -27.71 42.67
CA ALA C 40 -19.95 -28.13 41.28
C ALA C 40 -21.32 -28.72 40.90
N ASP C 41 -22.08 -29.13 41.91
CA ASP C 41 -23.38 -29.79 41.72
C ASP C 41 -24.58 -28.85 41.86
N GLY C 42 -24.40 -27.76 42.59
CA GLY C 42 -25.46 -26.78 42.78
C GLY C 42 -25.86 -26.62 44.23
N VAL C 43 -25.13 -27.27 45.13
CA VAL C 43 -25.45 -27.23 46.54
C VAL C 43 -24.68 -26.12 47.27
N LYS C 44 -25.42 -25.25 47.95
CA LYS C 44 -24.85 -24.26 48.85
C LYS C 44 -24.29 -24.95 50.11
N ASP C 45 -23.10 -25.53 49.99
CA ASP C 45 -22.54 -26.37 51.05
C ASP C 45 -21.81 -25.62 52.17
N GLY C 46 -21.82 -24.29 52.09
CA GLY C 46 -21.22 -23.45 53.13
C GLY C 46 -19.71 -23.58 53.25
N ARG C 47 -19.06 -24.09 52.21
CA ARG C 47 -17.60 -24.16 52.16
C ARG C 47 -16.99 -22.77 51.92
N PHE C 48 -17.81 -21.86 51.39
CA PHE C 48 -17.45 -20.45 51.26
C PHE C 48 -18.66 -19.61 51.62
N ILE C 49 -18.47 -18.63 52.51
CA ILE C 49 -19.54 -17.71 52.90
C ILE C 49 -19.28 -16.37 52.21
N VAL C 50 -20.31 -15.80 51.59
CA VAL C 50 -20.21 -14.46 51.00
C VAL C 50 -21.01 -13.45 51.83
N THR C 51 -20.36 -12.36 52.21
CA THR C 51 -21.02 -11.32 53.01
C THR C 51 -20.89 -9.98 52.31
N PRO C 52 -21.97 -9.17 52.33
CA PRO C 52 -23.25 -9.54 52.94
C PRO C 52 -24.06 -10.44 52.00
N PRO C 53 -24.75 -11.46 52.56
CA PRO C 53 -25.52 -12.42 51.74
C PRO C 53 -26.69 -11.75 51.04
N LEU C 54 -27.22 -10.71 51.67
CA LEU C 54 -28.37 -9.99 51.15
C LEU C 54 -28.30 -8.55 51.65
N PHE C 55 -28.54 -7.60 50.75
CA PHE C 55 -28.50 -6.17 51.11
C PHE C 55 -29.12 -5.27 50.04
N ALA C 56 -29.67 -4.15 50.49
CA ALA C 56 -30.21 -3.14 49.59
C ALA C 56 -29.09 -2.36 48.92
N MET C 57 -29.38 -1.85 47.74
CA MET C 57 -28.41 -1.14 46.92
C MET C 57 -29.17 -0.13 46.06
N LYS C 58 -28.93 1.16 46.33
CA LYS C 58 -29.64 2.24 45.63
C LYS C 58 -28.72 3.09 44.75
N GLY C 59 -29.20 3.38 43.54
CA GLY C 59 -28.54 4.34 42.66
C GLY C 59 -27.20 3.87 42.14
N LYS C 60 -26.38 4.82 41.69
CA LYS C 60 -25.00 4.54 41.29
C LYS C 60 -24.11 4.26 42.52
N LYS C 61 -23.66 3.02 42.63
CA LYS C 61 -22.93 2.56 43.80
C LYS C 61 -22.07 1.34 43.46
N GLU C 62 -20.88 1.28 44.03
CA GLU C 62 -20.13 0.04 44.06
C GLU C 62 -20.09 -0.41 45.51
N ASN C 63 -20.27 -1.71 45.74
CA ASN C 63 -20.00 -2.28 47.04
C ASN C 63 -19.05 -3.46 46.90
N THR C 64 -18.48 -3.89 48.02
CA THR C 64 -17.53 -4.98 48.06
C THR C 64 -18.13 -6.21 48.72
N LEU C 65 -18.09 -7.33 48.00
CA LEU C 65 -18.49 -8.61 48.55
C LEU C 65 -17.26 -9.27 49.11
N ARG C 66 -17.39 -9.76 50.34
CA ARG C 66 -16.31 -10.47 51.02
C ARG C 66 -16.60 -11.96 50.98
N ILE C 67 -15.71 -12.71 50.35
CA ILE C 67 -15.87 -14.14 50.24
C ILE C 67 -14.93 -14.85 51.21
N LEU C 68 -15.50 -15.41 52.27
CA LEU C 68 -14.73 -16.05 53.33
C LEU C 68 -14.57 -17.54 53.11
N ASP C 69 -13.33 -18.01 53.21
CA ASP C 69 -13.01 -19.45 53.22
C ASP C 69 -13.47 -20.12 54.53
N ALA C 70 -14.44 -21.01 54.40
CA ALA C 70 -14.94 -21.80 55.52
C ALA C 70 -14.83 -23.30 55.21
N THR C 71 -13.67 -23.73 54.72
CA THR C 71 -13.48 -25.12 54.32
C THR C 71 -12.79 -25.94 55.40
N ASN C 72 -11.91 -25.30 56.17
CA ASN C 72 -11.04 -25.99 57.15
C ASN C 72 -10.23 -27.10 56.47
N ASN C 73 -9.53 -26.75 55.39
CA ASN C 73 -8.61 -27.64 54.67
C ASN C 73 -9.23 -28.93 54.12
N GLN C 74 -10.56 -29.03 54.13
CA GLN C 74 -11.25 -30.24 53.68
C GLN C 74 -11.01 -30.52 52.19
N LEU C 75 -10.74 -29.47 51.42
CA LEU C 75 -10.61 -29.59 49.97
C LEU C 75 -9.24 -30.08 49.56
N PRO C 76 -9.14 -30.78 48.40
CA PRO C 76 -7.88 -31.36 47.94
C PRO C 76 -6.76 -30.33 47.87
N GLN C 77 -5.52 -30.78 48.09
CA GLN C 77 -4.35 -29.90 48.01
C GLN C 77 -3.49 -30.08 46.75
N ASP C 78 -3.98 -30.86 45.77
CA ASP C 78 -3.20 -31.14 44.57
C ASP C 78 -3.88 -30.67 43.26
N ARG C 79 -4.99 -29.94 43.40
CA ARG C 79 -5.84 -29.55 42.28
C ARG C 79 -6.82 -28.44 42.65
N GLU C 80 -7.30 -27.71 41.66
CA GLU C 80 -8.35 -26.74 41.87
C GLU C 80 -9.69 -27.43 42.13
N SER C 81 -10.52 -26.81 42.98
CA SER C 81 -11.92 -27.20 43.13
C SER C 81 -12.81 -26.12 42.54
N LEU C 82 -13.91 -26.54 41.91
CA LEU C 82 -14.84 -25.62 41.26
C LEU C 82 -16.03 -25.26 42.14
N PHE C 83 -16.25 -23.97 42.30
CA PHE C 83 -17.45 -23.47 42.95
C PHE C 83 -18.06 -22.39 42.05
N TRP C 84 -19.31 -22.04 42.29
CA TRP C 84 -19.99 -21.04 41.47
C TRP C 84 -20.49 -19.90 42.33
N MET C 85 -20.13 -18.69 41.95
CA MET C 85 -20.56 -17.50 42.66
C MET C 85 -21.77 -16.93 41.94
N ASN C 86 -22.87 -16.70 42.68
CA ASN C 86 -24.12 -16.26 42.09
C ASN C 86 -24.62 -14.98 42.73
N VAL C 87 -24.86 -13.95 41.92
CA VAL C 87 -25.35 -12.67 42.43
C VAL C 87 -26.66 -12.29 41.77
N LYS C 88 -27.73 -12.31 42.56
CA LYS C 88 -29.10 -12.08 42.10
C LYS C 88 -29.53 -10.65 42.40
N ALA C 89 -29.94 -9.92 41.37
CA ALA C 89 -30.38 -8.54 41.51
C ALA C 89 -31.91 -8.49 41.47
N ILE C 90 -32.52 -8.50 42.65
CA ILE C 90 -33.99 -8.56 42.80
C ILE C 90 -34.58 -7.17 42.72
N PRO C 91 -35.30 -6.87 41.63
CA PRO C 91 -35.90 -5.55 41.43
C PRO C 91 -36.84 -5.20 42.56
N SER C 92 -36.91 -3.91 42.88
CA SER C 92 -37.70 -3.41 44.00
C SER C 92 -39.18 -3.42 43.66
N MET C 93 -39.98 -4.07 44.48
CA MET C 93 -41.42 -4.21 44.27
C MET C 93 -42.22 -2.96 44.67
N ASP C 94 -43.03 -2.45 43.73
CA ASP C 94 -43.77 -1.21 43.92
C ASP C 94 -45.22 -1.43 44.36
N LYS C 95 -45.69 -0.57 45.26
CA LYS C 95 -47.10 -0.53 45.66
C LYS C 95 -47.94 0.22 44.62
N SER C 96 -47.25 1.04 43.83
CA SER C 96 -47.87 1.86 42.77
C SER C 96 -48.48 1.04 41.62
N LYS C 97 -48.01 -0.20 41.46
CA LYS C 97 -48.50 -1.08 40.40
C LYS C 97 -48.88 -2.45 40.96
N LEU C 98 -49.60 -2.45 42.09
CA LEU C 98 -50.04 -3.70 42.73
C LEU C 98 -51.33 -4.22 42.10
N THR C 99 -52.30 -3.32 41.92
CA THR C 99 -53.60 -3.67 41.32
C THR C 99 -53.52 -3.76 39.79
N GLU C 100 -52.31 -3.93 39.28
CA GLU C 100 -52.07 -4.11 37.84
C GLU C 100 -51.38 -5.43 37.56
N ASN C 101 -51.27 -5.77 36.27
CA ASN C 101 -50.56 -6.97 35.83
C ASN C 101 -49.11 -6.67 35.44
N THR C 102 -48.18 -7.24 36.21
CA THR C 102 -46.76 -6.90 36.08
C THR C 102 -45.83 -8.10 36.08
N LEU C 103 -44.78 -8.01 35.26
CA LEU C 103 -43.70 -8.98 35.23
C LEU C 103 -42.40 -8.34 35.70
N GLN C 104 -41.71 -9.02 36.61
CA GLN C 104 -40.42 -8.55 37.08
C GLN C 104 -39.32 -9.52 36.69
N LEU C 105 -38.14 -8.98 36.44
CA LEU C 105 -36.99 -9.79 36.05
C LEU C 105 -35.85 -9.62 37.06
N ALA C 106 -35.36 -10.76 37.56
CA ALA C 106 -34.20 -10.79 38.43
C ALA C 106 -32.98 -11.21 37.63
N ILE C 107 -31.98 -10.34 37.60
CA ILE C 107 -30.75 -10.66 36.89
C ILE C 107 -29.77 -11.32 37.86
N ILE C 108 -29.26 -12.46 37.44
CA ILE C 108 -28.30 -13.22 38.20
C ILE C 108 -27.03 -13.32 37.38
N SER C 109 -25.93 -12.86 37.96
CA SER C 109 -24.62 -13.12 37.40
C SER C 109 -24.12 -14.41 38.00
N ARG C 110 -23.62 -15.30 37.14
CA ARG C 110 -23.09 -16.57 37.59
C ARG C 110 -21.69 -16.78 37.06
N ILE C 111 -20.72 -16.80 37.96
CA ILE C 111 -19.29 -16.85 37.61
C ILE C 111 -18.56 -17.95 38.38
N LYS C 112 -17.45 -18.42 37.84
CA LYS C 112 -16.68 -19.48 38.50
C LYS C 112 -15.85 -18.95 39.67
N LEU C 113 -15.77 -19.75 40.73
CA LEU C 113 -14.84 -19.51 41.85
C LEU C 113 -13.93 -20.73 41.97
N TYR C 114 -12.62 -20.50 41.86
CA TYR C 114 -11.65 -21.59 41.94
C TYR C 114 -10.92 -21.55 43.27
N TYR C 115 -10.94 -22.67 43.99
CA TYR C 115 -10.11 -22.81 45.19
C TYR C 115 -8.75 -23.31 44.75
N ARG C 116 -7.76 -22.42 44.72
CA ARG C 116 -6.43 -22.76 44.28
C ARG C 116 -5.53 -23.08 45.47
N PRO C 117 -5.08 -24.34 45.57
CA PRO C 117 -4.13 -24.75 46.62
C PRO C 117 -2.77 -24.08 46.45
N ALA C 118 -2.10 -23.83 47.57
CA ALA C 118 -0.74 -23.27 47.58
C ALA C 118 0.28 -24.32 47.14
N LYS C 119 1.32 -23.87 46.43
CA LYS C 119 2.43 -24.73 45.98
C LYS C 119 1.98 -25.84 45.00
N LEU C 120 1.81 -25.49 43.73
CA LEU C 120 1.26 -26.44 42.77
C LEU C 120 2.26 -27.10 41.82
N ALA C 121 3.54 -26.79 41.94
CA ALA C 121 4.59 -27.40 41.11
C ALA C 121 4.50 -26.97 39.64
N LEU C 122 3.29 -26.73 39.16
CA LEU C 122 3.10 -26.16 37.85
C LEU C 122 2.45 -24.79 37.99
N PRO C 123 3.14 -23.72 37.53
CA PRO C 123 2.57 -22.37 37.46
C PRO C 123 1.41 -22.30 36.48
N PRO C 124 0.36 -21.52 36.81
CA PRO C 124 -0.86 -21.40 36.01
C PRO C 124 -0.65 -21.00 34.56
N ASP C 125 0.20 -20.00 34.32
CA ASP C 125 0.43 -19.49 32.97
C ASP C 125 1.21 -20.46 32.07
N GLN C 126 1.30 -21.72 32.50
CA GLN C 126 1.95 -22.80 31.73
C GLN C 126 1.02 -23.99 31.51
N ALA C 127 -0.16 -23.94 32.12
CA ALA C 127 -1.10 -25.06 32.08
C ALA C 127 -1.72 -25.26 30.70
N ALA C 128 -2.07 -24.15 30.06
CA ALA C 128 -2.81 -24.16 28.78
C ALA C 128 -2.12 -24.96 27.68
N GLU C 129 -0.80 -25.06 27.74
CA GLU C 129 -0.03 -25.76 26.74
C GLU C 129 -0.12 -27.29 26.87
N LYS C 130 -0.42 -27.77 28.08
CA LYS C 130 -0.33 -29.20 28.39
C LYS C 130 -1.54 -30.01 27.95
N LEU C 131 -2.52 -29.31 27.39
CA LEU C 131 -3.76 -29.91 26.93
C LEU C 131 -3.51 -30.97 25.86
N ARG C 132 -4.29 -32.05 25.92
CA ARG C 132 -4.13 -33.15 24.99
C ARG C 132 -5.48 -33.53 24.39
N PHE C 133 -5.45 -34.05 23.16
CA PHE C 133 -6.68 -34.34 22.43
C PHE C 133 -6.76 -35.78 21.95
N ARG C 134 -7.98 -36.21 21.62
CA ARG C 134 -8.27 -37.56 21.14
C ARG C 134 -9.52 -37.57 20.26
N ARG C 135 -9.31 -37.52 18.94
CA ARG C 135 -10.43 -37.63 17.99
C ARG C 135 -10.83 -39.09 17.81
N SER C 136 -12.13 -39.36 17.91
CA SER C 136 -12.66 -40.72 17.73
C SER C 136 -13.73 -40.73 16.62
N ALA C 137 -14.88 -41.33 16.93
CA ALA C 137 -16.00 -41.38 15.98
C ALA C 137 -16.63 -40.00 15.80
N ASN C 138 -17.38 -39.56 16.80
CA ASN C 138 -18.04 -38.25 16.78
C ASN C 138 -17.36 -37.25 17.70
N SER C 139 -16.80 -37.77 18.78
CA SER C 139 -16.36 -36.94 19.89
C SER C 139 -14.86 -36.66 19.92
N LEU C 140 -14.52 -35.39 20.12
CA LEU C 140 -13.16 -34.99 20.46
C LEU C 140 -13.07 -34.77 21.96
N THR C 141 -12.12 -35.47 22.59
CA THR C 141 -11.94 -35.43 24.02
C THR C 141 -10.72 -34.58 24.38
N LEU C 142 -10.93 -33.60 25.24
CA LEU C 142 -9.84 -32.78 25.78
C LEU C 142 -9.32 -33.41 27.07
N ILE C 143 -8.02 -33.70 27.11
CA ILE C 143 -7.38 -34.27 28.29
C ILE C 143 -6.44 -33.26 28.95
N ASN C 144 -6.67 -33.03 30.24
CA ASN C 144 -5.94 -32.02 31.00
C ASN C 144 -5.20 -32.63 32.19
N PRO C 145 -3.87 -32.77 32.08
CA PRO C 145 -3.04 -33.34 33.14
C PRO C 145 -2.63 -32.35 34.23
N THR C 146 -3.05 -31.09 34.10
CA THR C 146 -2.66 -30.03 35.04
C THR C 146 -3.60 -29.96 36.26
N PRO C 147 -3.19 -29.23 37.31
CA PRO C 147 -4.08 -29.12 38.45
C PRO C 147 -5.08 -27.97 38.32
N TYR C 148 -5.18 -27.40 37.12
CA TYR C 148 -6.02 -26.21 36.89
C TYR C 148 -7.17 -26.50 35.93
N TYR C 149 -8.36 -26.01 36.29
CA TYR C 149 -9.48 -25.96 35.36
C TYR C 149 -9.14 -25.13 34.12
N LEU C 150 -9.49 -25.65 32.94
CA LEU C 150 -9.22 -24.96 31.68
C LEU C 150 -10.51 -24.53 30.99
N THR C 151 -10.59 -23.24 30.65
CA THR C 151 -11.77 -22.69 30.00
C THR C 151 -11.49 -22.53 28.52
N VAL C 152 -11.38 -23.67 27.83
CA VAL C 152 -10.97 -23.74 26.42
C VAL C 152 -12.01 -23.15 25.49
N THR C 153 -11.62 -22.10 24.78
CA THR C 153 -12.54 -21.37 23.91
C THR C 153 -12.03 -21.29 22.47
N GLU C 154 -12.94 -20.97 21.56
CA GLU C 154 -12.67 -20.93 20.11
C GLU C 154 -11.91 -22.17 19.63
N LEU C 155 -12.45 -23.33 20.00
CA LEU C 155 -11.90 -24.62 19.61
C LEU C 155 -12.26 -24.92 18.15
N ASN C 156 -11.24 -25.23 17.35
CA ASN C 156 -11.41 -25.44 15.90
C ASN C 156 -10.85 -26.76 15.36
N ALA C 157 -11.71 -27.53 14.67
CA ALA C 157 -11.30 -28.75 13.98
C ALA C 157 -11.38 -28.51 12.47
N GLY C 158 -10.53 -27.61 11.98
CA GLY C 158 -10.63 -27.06 10.64
C GLY C 158 -11.20 -25.66 10.73
N THR C 159 -12.17 -25.36 9.88
CA THR C 159 -12.91 -24.08 9.96
C THR C 159 -14.22 -24.25 10.75
N ARG C 160 -14.45 -25.46 11.26
CA ARG C 160 -15.60 -25.76 12.11
C ARG C 160 -15.30 -25.45 13.57
N VAL C 161 -15.96 -24.42 14.08
CA VAL C 161 -15.86 -24.02 15.48
C VAL C 161 -16.77 -24.94 16.31
N LEU C 162 -16.23 -25.49 17.39
CA LEU C 162 -16.98 -26.47 18.20
C LEU C 162 -17.53 -25.86 19.49
N GLU C 163 -18.12 -26.70 20.35
CA GLU C 163 -18.60 -26.24 21.64
C GLU C 163 -17.39 -25.83 22.46
N ASN C 164 -17.54 -24.80 23.26
CA ASN C 164 -16.54 -24.47 24.27
C ASN C 164 -16.50 -25.61 25.29
N ALA C 165 -15.43 -25.69 26.05
CA ALA C 165 -15.30 -26.75 27.05
C ALA C 165 -14.67 -26.27 28.35
N LEU C 166 -15.20 -26.78 29.46
CA LEU C 166 -14.54 -26.65 30.74
C LEU C 166 -13.85 -27.97 31.03
N VAL C 167 -12.53 -27.96 31.08
CA VAL C 167 -11.77 -29.19 31.28
C VAL C 167 -11.25 -29.28 32.72
N PRO C 168 -11.67 -30.33 33.45
CA PRO C 168 -11.36 -30.59 34.86
C PRO C 168 -9.86 -30.81 35.12
N PRO C 169 -9.38 -30.41 36.31
CA PRO C 169 -7.97 -30.59 36.64
C PRO C 169 -7.66 -32.08 36.71
N MET C 170 -6.74 -32.53 35.89
CA MET C 170 -6.33 -33.94 35.89
C MET C 170 -7.49 -34.88 35.52
N GLY C 171 -8.33 -34.41 34.59
CA GLY C 171 -9.43 -35.21 34.07
C GLY C 171 -9.59 -34.97 32.59
N GLU C 172 -10.83 -35.06 32.10
CA GLU C 172 -11.12 -34.89 30.68
C GLU C 172 -12.54 -34.40 30.43
N SER C 173 -12.78 -33.99 29.19
CA SER C 173 -14.08 -33.52 28.72
C SER C 173 -14.16 -33.71 27.20
N ALA C 174 -15.36 -33.95 26.69
CA ALA C 174 -15.55 -34.19 25.26
C ALA C 174 -16.56 -33.25 24.61
N VAL C 175 -16.42 -33.08 23.29
CA VAL C 175 -17.36 -32.31 22.48
C VAL C 175 -17.80 -33.14 21.26
N LYS C 176 -18.57 -32.53 20.35
CA LYS C 176 -19.21 -33.28 19.26
C LYS C 176 -18.61 -33.08 17.86
N LEU C 177 -19.24 -33.74 16.87
CA LEU C 177 -18.98 -33.61 15.42
C LEU C 177 -17.70 -34.30 14.89
N PRO C 178 -17.87 -35.20 13.90
CA PRO C 178 -16.75 -35.79 13.14
C PRO C 178 -16.26 -34.86 12.03
CA SER C 183 -8.92 -32.00 10.52
C SER C 183 -7.98 -31.65 11.67
N ASN C 184 -7.24 -30.56 11.50
CA ASN C 184 -6.33 -30.07 12.53
C ASN C 184 -7.07 -29.22 13.56
N ILE C 185 -6.58 -29.25 14.81
CA ILE C 185 -7.24 -28.58 15.93
C ILE C 185 -6.46 -27.41 16.54
N THR C 186 -7.13 -26.28 16.69
CA THR C 186 -6.53 -25.09 17.31
C THR C 186 -7.45 -24.55 18.40
N TYR C 187 -6.85 -24.04 19.48
CA TYR C 187 -7.61 -23.54 20.63
C TYR C 187 -7.01 -22.32 21.33
N ARG C 188 -7.86 -21.54 21.97
CA ARG C 188 -7.43 -20.53 22.92
C ARG C 188 -7.99 -20.91 24.28
N THR C 189 -7.51 -20.26 25.34
CA THR C 189 -8.10 -20.42 26.68
C THR C 189 -8.36 -19.07 27.32
N ILE C 190 -9.15 -19.09 28.40
CA ILE C 190 -9.43 -17.89 29.19
C ILE C 190 -8.69 -17.97 30.52
N ASN C 191 -7.77 -17.02 30.75
CA ASN C 191 -6.90 -17.00 31.92
C ASN C 191 -7.58 -16.38 33.16
N ASP C 192 -6.81 -16.28 34.25
CA ASP C 192 -7.30 -15.81 35.54
C ASP C 192 -7.89 -14.40 35.50
N TYR C 193 -7.53 -13.65 34.48
CA TYR C 193 -7.96 -12.27 34.36
C TYR C 193 -9.13 -12.11 33.40
N GLY C 194 -9.67 -13.25 32.96
CA GLY C 194 -10.80 -13.27 32.04
C GLY C 194 -10.40 -12.88 30.63
N ALA C 195 -9.13 -13.11 30.31
CA ALA C 195 -8.58 -12.74 29.00
C ALA C 195 -8.18 -13.97 28.21
N LEU C 196 -8.28 -13.86 26.90
CA LEU C 196 -7.94 -14.95 25.98
C LEU C 196 -6.44 -15.07 25.86
N THR C 197 -5.93 -16.29 26.02
CA THR C 197 -4.53 -16.58 25.73
C THR C 197 -4.36 -16.66 24.19
N PRO C 198 -3.10 -16.75 23.69
CA PRO C 198 -2.96 -16.84 22.24
C PRO C 198 -3.47 -18.17 21.66
N LYS C 199 -3.62 -18.24 20.34
CA LYS C 199 -3.99 -19.49 19.67
C LYS C 199 -2.85 -20.50 19.74
N MET C 200 -3.19 -21.75 20.07
CA MET C 200 -2.22 -22.85 20.14
C MET C 200 -2.66 -24.00 19.24
N THR C 201 -1.69 -24.84 18.84
CA THR C 201 -1.98 -26.01 18.02
C THR C 201 -2.24 -27.19 18.92
N GLY C 202 -3.42 -27.78 18.79
CA GLY C 202 -3.81 -28.94 19.57
C GLY C 202 -2.85 -30.10 19.38
N VAL C 203 -2.46 -30.71 20.50
CA VAL C 203 -1.57 -31.86 20.50
C VAL C 203 -2.34 -33.14 20.81
N MET C 204 -2.05 -34.19 20.04
CA MET C 204 -2.73 -35.47 20.16
C MET C 204 -2.00 -36.43 21.10
N GLU C 205 -2.76 -37.34 21.71
CA GLU C 205 -2.21 -38.37 22.60
C GLU C 205 -1.03 -39.10 21.96
N PHE D 1 40.72 10.43 -33.94
CA PHE D 1 39.55 9.58 -33.61
C PHE D 1 39.61 8.26 -34.37
N ALA D 2 39.27 7.18 -33.68
CA ALA D 2 39.32 5.83 -34.24
C ALA D 2 38.46 4.91 -33.41
N CYS D 3 38.02 3.80 -34.02
CA CYS D 3 37.16 2.82 -33.33
C CYS D 3 37.64 1.37 -33.51
N LYS D 4 37.14 0.47 -32.67
CA LYS D 4 37.40 -0.96 -32.81
C LYS D 4 36.27 -1.80 -32.21
N THR D 5 36.15 -3.07 -32.64
CA THR D 5 35.02 -3.93 -32.22
C THR D 5 35.37 -5.05 -31.24
N ALA D 6 34.33 -5.67 -30.68
CA ALA D 6 34.47 -6.86 -29.85
C ALA D 6 34.93 -8.08 -30.66
N ASN D 7 34.60 -8.10 -31.95
CA ASN D 7 35.27 -8.99 -32.89
C ASN D 7 36.54 -8.30 -33.38
N GLY D 8 37.20 -8.85 -34.39
CA GLY D 8 38.55 -8.39 -34.72
C GLY D 8 38.76 -7.00 -35.29
N THR D 9 37.69 -6.34 -35.71
CA THR D 9 37.81 -5.22 -36.66
C THR D 9 38.01 -3.83 -36.05
N ALA D 10 38.39 -2.89 -36.91
CA ALA D 10 38.71 -1.53 -36.50
C ALA D 10 38.63 -0.60 -37.71
N ILE D 11 38.54 0.70 -37.44
CA ILE D 11 38.58 1.73 -38.47
C ILE D 11 39.50 2.80 -37.92
N PRO D 12 40.52 3.22 -38.70
CA PRO D 12 41.48 4.15 -38.13
C PRO D 12 41.08 5.61 -38.31
N ILE D 13 41.96 6.50 -37.86
CA ILE D 13 41.82 7.94 -38.03
C ILE D 13 41.40 8.26 -39.48
N GLY D 14 40.48 9.21 -39.66
CA GLY D 14 40.01 9.59 -40.99
C GLY D 14 38.93 8.70 -41.57
N GLY D 15 38.55 7.63 -40.86
CA GLY D 15 37.41 6.81 -41.25
C GLY D 15 37.64 5.71 -42.27
N GLY D 16 36.54 5.07 -42.67
CA GLY D 16 36.54 3.85 -43.48
C GLY D 16 35.34 3.02 -43.06
N SER D 17 35.32 1.74 -43.44
CA SER D 17 34.25 0.83 -43.01
C SER D 17 34.81 -0.44 -42.38
N ALA D 18 33.97 -1.16 -41.65
CA ALA D 18 34.37 -2.37 -40.94
C ALA D 18 33.14 -3.19 -40.55
N ASN D 19 33.33 -4.50 -40.42
CA ASN D 19 32.22 -5.39 -40.12
C ASN D 19 32.04 -5.64 -38.64
N VAL D 20 30.79 -5.84 -38.24
CA VAL D 20 30.45 -6.18 -36.86
C VAL D 20 29.51 -7.38 -36.89
N TYR D 21 29.79 -8.36 -36.05
CA TYR D 21 28.99 -9.58 -35.99
C TYR D 21 28.43 -9.76 -34.60
N VAL D 22 27.12 -10.00 -34.53
CA VAL D 22 26.36 -10.03 -33.27
C VAL D 22 25.34 -11.16 -33.18
N ASN D 23 25.09 -11.61 -31.95
CA ASN D 23 24.18 -12.71 -31.66
C ASN D 23 22.81 -12.15 -31.35
N LEU D 24 21.76 -12.86 -31.75
CA LEU D 24 20.41 -12.35 -31.61
C LEU D 24 19.47 -13.35 -30.95
N ALA D 25 18.45 -12.84 -30.26
CA ALA D 25 17.42 -13.70 -29.72
C ALA D 25 16.99 -14.66 -30.83
N PRO D 26 17.10 -15.98 -30.59
CA PRO D 26 16.85 -16.97 -31.65
C PRO D 26 15.38 -17.10 -32.03
N VAL D 27 14.49 -16.78 -31.10
CA VAL D 27 13.05 -16.93 -31.31
C VAL D 27 12.36 -15.65 -30.87
N VAL D 28 11.67 -14.98 -31.78
CA VAL D 28 10.89 -13.78 -31.43
C VAL D 28 9.49 -13.87 -32.03
N ASN D 29 8.48 -13.73 -31.17
CA ASN D 29 7.09 -13.75 -31.62
C ASN D 29 6.57 -12.39 -32.08
N VAL D 30 5.62 -12.43 -33.01
CA VAL D 30 4.89 -11.26 -33.44
C VAL D 30 4.32 -10.56 -32.20
N GLY D 31 4.44 -9.24 -32.17
CA GLY D 31 4.01 -8.47 -30.99
C GLY D 31 5.12 -8.30 -29.96
N GLN D 32 6.11 -9.19 -30.02
CA GLN D 32 7.28 -9.14 -29.14
C GLN D 32 8.49 -8.55 -29.86
N ASN D 33 9.49 -8.18 -29.08
CA ASN D 33 10.58 -7.34 -29.58
C ASN D 33 11.96 -8.00 -29.51
N LEU D 34 12.87 -7.44 -30.30
CA LEU D 34 14.25 -7.88 -30.39
C LEU D 34 15.19 -6.69 -30.20
N VAL D 35 16.25 -6.90 -29.44
CA VAL D 35 17.23 -5.85 -29.18
C VAL D 35 18.55 -6.23 -29.85
N VAL D 36 19.19 -5.26 -30.49
CA VAL D 36 20.56 -5.41 -30.94
C VAL D 36 21.32 -4.24 -30.31
N ASP D 37 21.95 -4.49 -29.16
CA ASP D 37 22.72 -3.44 -28.47
C ASP D 37 24.18 -3.51 -28.86
N LEU D 38 24.63 -2.48 -29.58
CA LEU D 38 25.96 -2.44 -30.17
C LEU D 38 26.98 -1.71 -29.30
N SER D 39 26.53 -1.10 -28.21
CA SER D 39 27.42 -0.39 -27.29
C SER D 39 28.43 -1.33 -26.63
N THR D 40 28.01 -2.57 -26.40
CA THR D 40 28.88 -3.64 -25.90
C THR D 40 29.89 -4.07 -26.96
N GLN D 41 29.72 -3.57 -28.19
CA GLN D 41 30.38 -4.13 -29.38
C GLN D 41 31.28 -3.17 -30.15
N ILE D 42 30.99 -1.88 -30.08
CA ILE D 42 31.77 -0.87 -30.81
C ILE D 42 32.31 0.20 -29.86
N PHE D 43 33.64 0.38 -29.86
CA PHE D 43 34.31 1.34 -28.96
C PHE D 43 35.17 2.32 -29.73
N CYS D 44 35.24 3.56 -29.25
CA CYS D 44 36.00 4.63 -29.92
C CYS D 44 36.73 5.55 -28.93
N HIS D 45 37.63 6.39 -29.44
CA HIS D 45 38.24 7.44 -28.62
C HIS D 45 38.70 8.66 -29.43
N ASN D 46 38.87 9.77 -28.71
CA ASN D 46 39.54 10.96 -29.21
C ASN D 46 41.05 10.74 -29.17
N ASP D 47 41.77 11.28 -30.15
CA ASP D 47 43.22 11.09 -30.22
C ASP D 47 43.99 12.25 -29.62
N TYR D 48 43.45 13.46 -29.72
CA TYR D 48 44.11 14.64 -29.18
C TYR D 48 43.21 15.40 -28.19
N PRO D 49 42.78 14.72 -27.10
CA PRO D 49 41.74 15.21 -26.20
C PRO D 49 42.05 16.54 -25.51
N GLU D 50 43.32 16.78 -25.19
CA GLU D 50 43.73 18.01 -24.50
C GLU D 50 43.48 19.26 -25.34
N THR D 51 43.38 19.09 -26.66
CA THR D 51 43.25 20.21 -27.59
C THR D 51 41.99 20.19 -28.46
N ILE D 52 41.51 19.01 -28.84
CA ILE D 52 40.34 18.89 -29.72
C ILE D 52 39.22 18.09 -29.07
N THR D 53 37.98 18.54 -29.28
CA THR D 53 36.79 17.81 -28.84
C THR D 53 36.12 17.17 -30.05
N ASP D 54 35.85 15.86 -29.96
CA ASP D 54 35.22 15.12 -31.04
C ASP D 54 33.70 14.99 -30.89
N TYR D 55 32.99 15.21 -31.99
CA TYR D 55 31.54 15.06 -32.01
C TYR D 55 31.15 13.95 -32.97
N VAL D 56 30.33 13.04 -32.48
CA VAL D 56 30.00 11.81 -33.18
C VAL D 56 28.49 11.62 -33.27
N THR D 57 28.01 11.38 -34.49
CA THR D 57 26.59 11.16 -34.71
C THR D 57 26.32 9.88 -35.49
N LEU D 58 25.16 9.26 -35.24
CA LEU D 58 24.64 8.26 -36.16
C LEU D 58 24.01 9.04 -37.30
N GLN D 59 24.75 9.15 -38.39
CA GLN D 59 24.29 9.95 -39.52
C GLN D 59 23.13 9.27 -40.20
N ARG D 60 23.35 8.03 -40.61
CA ARG D 60 22.34 7.24 -41.30
C ARG D 60 22.35 5.82 -40.73
N GLY D 61 21.19 5.16 -40.83
CA GLY D 61 21.06 3.76 -40.44
C GLY D 61 20.06 3.03 -41.32
N SER D 62 20.57 2.04 -42.06
CA SER D 62 19.79 1.30 -43.03
C SER D 62 19.64 -0.17 -42.63
N ALA D 63 18.51 -0.77 -42.95
CA ALA D 63 18.29 -2.20 -42.73
C ALA D 63 18.43 -2.99 -44.01
N TYR D 64 19.00 -4.19 -43.90
CA TYR D 64 19.13 -5.12 -45.03
C TYR D 64 18.56 -6.51 -44.72
N GLY D 65 18.58 -7.39 -45.72
CA GLY D 65 18.17 -8.78 -45.59
C GLY D 65 16.88 -9.02 -44.80
N GLY D 66 16.96 -9.94 -43.86
CA GLY D 66 15.82 -10.27 -43.04
C GLY D 66 15.30 -9.12 -42.21
N VAL D 67 16.17 -8.23 -41.76
CA VAL D 67 15.73 -7.10 -40.95
C VAL D 67 14.92 -6.10 -41.78
N LEU D 68 15.37 -5.85 -43.02
CA LEU D 68 14.66 -4.94 -43.90
C LEU D 68 13.26 -5.44 -44.19
N SER D 69 13.15 -6.67 -44.71
CA SER D 69 11.86 -7.20 -45.13
C SER D 69 10.93 -7.67 -44.01
N ASN D 70 11.48 -8.09 -42.88
CA ASN D 70 10.66 -8.65 -41.79
C ASN D 70 10.50 -7.82 -40.51
N PHE D 71 11.20 -6.69 -40.41
CA PHE D 71 11.25 -5.95 -39.16
C PHE D 71 11.14 -4.46 -39.32
N SER D 72 10.50 -3.83 -38.34
CA SER D 72 10.52 -2.38 -38.20
C SER D 72 10.90 -2.06 -36.77
N GLY D 73 11.28 -0.81 -36.50
CA GLY D 73 11.50 -0.40 -35.12
C GLY D 73 12.17 0.95 -34.90
N THR D 74 12.78 1.08 -33.73
CA THR D 74 13.50 2.29 -33.39
C THR D 74 14.98 2.01 -33.19
N VAL D 75 15.78 3.04 -33.35
CA VAL D 75 17.17 3.05 -32.93
C VAL D 75 17.34 3.97 -31.71
N LYS D 76 17.96 3.47 -30.65
CA LYS D 76 18.28 4.31 -29.49
C LYS D 76 19.71 4.82 -29.67
N TYR D 77 19.90 6.12 -29.40
CA TYR D 77 21.21 6.74 -29.51
C TYR D 77 21.48 7.65 -28.33
N SER D 78 22.42 7.24 -27.47
CA SER D 78 22.79 7.99 -26.27
C SER D 78 21.58 8.50 -25.49
N GLY D 79 20.56 7.65 -25.37
CA GLY D 79 19.36 7.99 -24.61
C GLY D 79 18.14 8.40 -25.41
N SER D 80 18.33 9.03 -26.56
CA SER D 80 17.19 9.46 -27.40
C SER D 80 16.76 8.36 -28.36
N SER D 81 15.52 8.46 -28.86
CA SER D 81 14.95 7.45 -29.74
C SER D 81 14.55 7.99 -31.11
N TYR D 82 14.83 7.22 -32.15
CA TYR D 82 14.52 7.58 -33.55
C TYR D 82 14.05 6.37 -34.35
N PRO D 83 13.20 6.60 -35.36
CA PRO D 83 12.76 5.51 -36.24
C PRO D 83 13.93 4.80 -36.92
N PHE D 84 13.80 3.47 -37.06
CA PHE D 84 14.73 2.67 -37.85
C PHE D 84 13.94 1.82 -38.86
N PRO D 85 14.34 1.84 -40.16
CA PRO D 85 15.41 2.62 -40.76
C PRO D 85 15.28 4.12 -40.46
N THR D 86 16.41 4.81 -40.51
CA THR D 86 16.47 6.18 -40.06
C THR D 86 16.06 7.14 -41.17
N THR D 87 15.43 8.23 -40.78
CA THR D 87 15.04 9.29 -41.72
C THR D 87 15.73 10.62 -41.37
N SER D 88 16.62 10.59 -40.37
CA SER D 88 17.31 11.78 -39.88
C SER D 88 18.64 11.48 -39.19
N GLU D 89 19.46 12.52 -39.06
CA GLU D 89 20.71 12.45 -38.29
C GLU D 89 20.40 12.68 -36.82
N THR D 90 21.14 12.02 -35.96
CA THR D 90 20.94 12.11 -34.52
C THR D 90 21.71 13.30 -33.96
N PRO D 91 21.45 13.65 -32.69
CA PRO D 91 22.31 14.60 -31.98
C PRO D 91 23.67 14.00 -31.69
N ARG D 92 24.65 14.85 -31.41
CA ARG D 92 26.03 14.41 -31.18
C ARG D 92 26.32 13.90 -29.76
N VAL D 93 27.27 12.97 -29.69
CA VAL D 93 27.89 12.53 -28.45
C VAL D 93 29.31 13.09 -28.44
N VAL D 94 29.71 13.70 -27.31
CA VAL D 94 31.09 14.20 -27.19
C VAL D 94 32.08 13.09 -26.86
N TYR D 95 33.25 13.15 -27.50
CA TYR D 95 34.35 12.23 -27.21
C TYR D 95 35.58 13.06 -26.86
N ASN D 96 35.94 13.05 -25.57
CA ASN D 96 37.05 13.86 -25.09
C ASN D 96 38.10 13.13 -24.24
N SER D 97 38.25 11.82 -24.47
CA SER D 97 39.32 11.04 -23.85
C SER D 97 40.09 10.22 -24.88
N ARG D 98 41.38 10.02 -24.61
CA ARG D 98 42.20 9.06 -25.34
C ARG D 98 41.72 7.66 -24.96
N THR D 99 41.01 7.56 -23.83
CA THR D 99 40.57 6.29 -23.27
C THR D 99 39.19 5.89 -23.81
N ASP D 100 39.12 4.67 -24.33
CA ASP D 100 37.99 4.19 -25.11
C ASP D 100 36.67 4.14 -24.36
N LYS D 101 35.57 4.25 -25.11
CA LYS D 101 34.23 4.15 -24.55
C LYS D 101 33.24 3.73 -25.64
N PRO D 102 32.16 3.01 -25.25
CA PRO D 102 31.19 2.52 -26.21
C PRO D 102 30.62 3.60 -27.14
N TRP D 103 30.28 3.20 -28.35
CA TRP D 103 29.45 4.01 -29.22
C TRP D 103 27.98 3.68 -28.89
N PRO D 104 27.28 4.62 -28.21
CA PRO D 104 25.98 4.33 -27.58
C PRO D 104 24.83 4.19 -28.57
N VAL D 105 24.60 2.96 -29.03
CA VAL D 105 23.59 2.69 -30.05
C VAL D 105 23.03 1.27 -29.93
N ALA D 106 21.71 1.18 -29.84
CA ALA D 106 21.03 -0.09 -29.83
C ALA D 106 19.85 -0.04 -30.79
N LEU D 107 19.65 -1.11 -31.53
CA LEU D 107 18.46 -1.24 -32.36
C LEU D 107 17.43 -2.02 -31.58
N TYR D 108 16.18 -1.67 -31.80
CA TYR D 108 15.06 -2.30 -31.14
C TYR D 108 14.02 -2.54 -32.24
N LEU D 109 13.69 -3.81 -32.46
CA LEU D 109 12.89 -4.21 -33.63
C LEU D 109 11.74 -5.15 -33.30
N THR D 110 10.65 -4.99 -34.03
CA THR D 110 9.49 -5.87 -33.95
C THR D 110 9.27 -6.52 -35.31
N PRO D 111 9.00 -7.83 -35.34
CA PRO D 111 8.60 -8.51 -36.57
C PRO D 111 7.26 -8.01 -37.10
N VAL D 112 7.15 -7.88 -38.42
CA VAL D 112 5.89 -7.48 -39.07
C VAL D 112 4.93 -8.66 -39.14
N SER D 113 3.63 -8.37 -39.21
CA SER D 113 2.57 -9.39 -39.09
C SER D 113 2.64 -10.53 -40.11
N SER D 114 3.25 -10.28 -41.27
CA SER D 114 3.41 -11.29 -42.31
C SER D 114 4.71 -12.08 -42.18
N ALA D 115 5.53 -11.76 -41.17
CA ALA D 115 6.80 -12.45 -40.91
C ALA D 115 6.58 -13.82 -40.27
N GLY D 116 7.37 -14.80 -40.69
CA GLY D 116 7.28 -16.18 -40.17
C GLY D 116 8.38 -17.08 -40.70
N GLY D 117 8.71 -18.13 -39.97
CA GLY D 117 9.81 -19.00 -40.36
C GLY D 117 11.15 -18.43 -39.95
N VAL D 118 12.17 -18.60 -40.80
CA VAL D 118 13.47 -17.98 -40.52
C VAL D 118 13.48 -16.56 -41.07
N ALA D 119 13.22 -15.60 -40.19
CA ALA D 119 13.10 -14.20 -40.58
C ALA D 119 14.43 -13.48 -40.71
N ILE D 120 15.49 -14.03 -40.10
CA ILE D 120 16.85 -13.53 -40.23
C ILE D 120 17.82 -14.70 -40.36
N LYS D 121 18.62 -14.70 -41.43
CA LYS D 121 19.51 -15.81 -41.73
C LYS D 121 20.84 -15.65 -41.00
N ALA D 122 21.38 -16.75 -40.47
CA ALA D 122 22.69 -16.71 -39.83
C ALA D 122 23.72 -16.31 -40.85
N GLY D 123 24.63 -15.41 -40.45
CA GLY D 123 25.70 -14.93 -41.33
C GLY D 123 25.34 -13.75 -42.23
N SER D 124 24.08 -13.36 -42.26
CA SER D 124 23.62 -12.34 -43.18
C SER D 124 23.73 -10.91 -42.67
N LEU D 125 24.06 -9.99 -43.59
CA LEU D 125 24.01 -8.55 -43.33
C LEU D 125 22.59 -8.17 -42.95
N ILE D 126 22.47 -7.52 -41.80
CA ILE D 126 21.17 -7.08 -41.32
C ILE D 126 21.04 -5.55 -41.28
N ALA D 127 22.17 -4.84 -41.27
CA ALA D 127 22.14 -3.37 -41.17
C ALA D 127 23.48 -2.70 -41.47
N VAL D 128 23.40 -1.46 -41.93
CA VAL D 128 24.57 -0.59 -42.07
C VAL D 128 24.31 0.69 -41.26
N LEU D 129 25.26 1.05 -40.39
CA LEU D 129 25.13 2.22 -39.53
C LEU D 129 26.29 3.14 -39.78
N ILE D 130 26.01 4.37 -40.21
CA ILE D 130 27.07 5.33 -40.53
C ILE D 130 27.38 6.28 -39.36
N LEU D 131 28.56 6.10 -38.77
CA LEU D 131 29.05 6.99 -37.70
C LEU D 131 29.71 8.19 -38.38
N ARG D 132 29.19 9.38 -38.12
CA ARG D 132 29.81 10.58 -38.63
C ARG D 132 30.55 11.30 -37.51
N GLN D 133 31.86 11.49 -37.70
CA GLN D 133 32.71 12.11 -36.69
C GLN D 133 33.25 13.45 -37.18
N THR D 134 32.95 14.50 -36.42
CA THR D 134 33.49 15.84 -36.68
C THR D 134 34.15 16.36 -35.41
N ASN D 135 34.70 17.57 -35.46
CA ASN D 135 35.33 18.17 -34.29
C ASN D 135 35.13 19.68 -34.20
N ASN D 136 35.39 20.25 -33.03
CA ASN D 136 35.63 21.68 -32.94
C ASN D 136 37.10 21.91 -33.30
N TYR D 137 37.51 23.15 -33.50
CA TYR D 137 38.89 23.44 -33.91
C TYR D 137 39.10 23.29 -35.43
N ASN D 138 38.66 22.16 -35.99
CA ASN D 138 38.92 21.83 -37.39
C ASN D 138 37.63 21.74 -38.22
N SER D 139 37.79 21.36 -39.49
CA SER D 139 36.68 21.14 -40.42
C SER D 139 36.56 19.66 -40.84
N ASP D 140 37.18 18.76 -40.07
CA ASP D 140 37.11 17.31 -40.33
C ASP D 140 35.67 16.78 -40.29
N ASP D 141 35.34 15.96 -41.29
CA ASP D 141 34.02 15.32 -41.41
C ASP D 141 34.21 13.90 -41.97
N PHE D 142 34.20 12.91 -41.09
CA PHE D 142 34.53 11.54 -41.47
C PHE D 142 33.41 10.53 -41.21
N GLN D 143 33.32 9.55 -42.09
CA GLN D 143 32.32 8.50 -41.97
C GLN D 143 32.92 7.14 -41.60
N PHE D 144 32.39 6.56 -40.53
CA PHE D 144 32.81 5.24 -40.06
C PHE D 144 31.68 4.27 -40.35
N VAL D 145 31.84 3.50 -41.43
CA VAL D 145 30.72 2.72 -41.96
C VAL D 145 30.68 1.30 -41.35
N TRP D 146 29.66 1.04 -40.56
CA TRP D 146 29.58 -0.19 -39.81
C TRP D 146 28.57 -1.12 -40.43
N ASN D 147 29.06 -2.24 -40.94
CA ASN D 147 28.18 -3.27 -41.48
C ASN D 147 27.91 -4.31 -40.42
N ILE D 148 26.63 -4.60 -40.20
CA ILE D 148 26.20 -5.46 -39.09
C ILE D 148 25.69 -6.80 -39.59
N TYR D 149 26.31 -7.87 -39.11
CA TYR D 149 25.91 -9.22 -39.50
C TYR D 149 25.40 -10.01 -38.29
N ALA D 150 24.40 -10.85 -38.53
CA ALA D 150 23.87 -11.76 -37.51
C ALA D 150 24.69 -13.03 -37.44
N ASN D 151 24.87 -13.56 -36.23
CA ASN D 151 25.56 -14.83 -36.02
C ASN D 151 24.67 -16.07 -36.01
N ASN D 152 23.40 -15.90 -35.68
CA ASN D 152 22.49 -17.02 -35.62
C ASN D 152 21.22 -16.71 -36.39
N ASP D 153 20.43 -17.73 -36.69
CA ASP D 153 19.11 -17.56 -37.27
C ASP D 153 18.20 -16.87 -36.26
N VAL D 154 17.16 -16.21 -36.77
CA VAL D 154 16.08 -15.70 -35.92
C VAL D 154 14.77 -16.21 -36.50
N VAL D 155 14.01 -16.92 -35.67
CA VAL D 155 12.74 -17.49 -36.09
C VAL D 155 11.56 -16.70 -35.52
N VAL D 156 10.56 -16.48 -36.36
CA VAL D 156 9.28 -15.94 -35.90
C VAL D 156 8.22 -17.03 -36.04
N PRO D 157 7.85 -17.66 -34.90
CA PRO D 157 6.83 -18.71 -34.87
C PRO D 157 5.48 -18.22 -35.33
N THR D 158 4.73 -19.10 -35.99
CA THR D 158 3.43 -18.77 -36.53
C THR D 158 2.35 -18.91 -35.45
N GLY D 159 1.38 -17.99 -35.48
CA GLY D 159 0.26 -17.99 -34.54
C GLY D 159 -1.00 -18.61 -35.11
N GLY D 160 -2.07 -18.56 -34.36
CA GLY D 160 -3.37 -19.04 -34.83
C GLY D 160 -4.00 -18.05 -35.79
N CYS D 161 -4.99 -18.50 -36.54
CA CYS D 161 -5.72 -17.66 -37.48
C CYS D 161 -6.90 -17.05 -36.76
N ASP D 162 -7.29 -15.82 -37.12
CA ASP D 162 -8.44 -15.21 -36.46
C ASP D 162 -9.75 -15.51 -37.15
N VAL D 163 -10.53 -16.37 -36.52
CA VAL D 163 -11.87 -16.71 -36.96
C VAL D 163 -12.79 -15.57 -36.54
N SER D 164 -13.14 -14.72 -37.50
CA SER D 164 -13.82 -13.44 -37.23
C SER D 164 -15.23 -13.63 -36.68
N ALA D 165 -15.43 -13.09 -35.48
CA ALA D 165 -16.72 -13.15 -34.79
C ALA D 165 -17.88 -12.74 -35.70
N ARG D 166 -17.76 -11.54 -36.28
CA ARG D 166 -18.72 -10.97 -37.21
C ARG D 166 -20.04 -10.60 -36.53
N ASP D 167 -20.74 -11.61 -36.03
CA ASP D 167 -21.95 -11.40 -35.26
C ASP D 167 -22.04 -12.45 -34.16
N VAL D 168 -22.03 -11.98 -32.92
CA VAL D 168 -22.04 -12.83 -31.72
C VAL D 168 -23.28 -13.74 -31.68
N THR D 169 -24.44 -13.13 -31.49
CA THR D 169 -25.71 -13.84 -31.48
C THR D 169 -26.44 -13.59 -32.80
N VAL D 170 -26.60 -14.67 -33.57
CA VAL D 170 -27.33 -14.63 -34.84
C VAL D 170 -28.82 -14.84 -34.60
N THR D 171 -29.64 -13.95 -35.14
CA THR D 171 -31.10 -14.10 -35.06
C THR D 171 -31.64 -14.83 -36.30
N LEU D 172 -32.37 -15.91 -36.05
CA LEU D 172 -33.04 -16.69 -37.08
C LEU D 172 -34.36 -16.03 -37.46
N PRO D 173 -34.80 -16.20 -38.72
CA PRO D 173 -36.07 -15.58 -39.09
C PRO D 173 -37.26 -16.39 -38.55
N ASP D 174 -38.46 -16.08 -39.03
CA ASP D 174 -39.63 -16.87 -38.69
C ASP D 174 -39.55 -18.24 -39.38
N TYR D 175 -40.23 -19.23 -38.78
CA TYR D 175 -40.12 -20.63 -39.21
C TYR D 175 -40.30 -20.88 -40.72
N ARG D 176 -39.57 -21.87 -41.23
CA ARG D 176 -39.43 -22.16 -42.66
C ARG D 176 -38.42 -21.22 -43.33
N GLY D 177 -37.91 -20.26 -42.55
CA GLY D 177 -36.90 -19.30 -43.01
C GLY D 177 -35.49 -19.66 -42.58
N SER D 178 -34.49 -19.09 -43.25
CA SER D 178 -33.08 -19.41 -43.01
C SER D 178 -32.15 -18.20 -43.20
N VAL D 179 -31.13 -18.10 -42.35
CA VAL D 179 -30.10 -17.05 -42.49
C VAL D 179 -28.75 -17.68 -42.87
N PRO D 180 -28.04 -17.07 -43.84
CA PRO D 180 -26.61 -17.31 -43.93
C PRO D 180 -25.89 -16.66 -42.73
N ILE D 181 -24.84 -17.31 -42.24
CA ILE D 181 -24.14 -16.85 -41.03
C ILE D 181 -22.77 -16.25 -41.35
N PRO D 182 -22.52 -15.01 -40.89
CA PRO D 182 -21.25 -14.33 -41.06
C PRO D 182 -20.13 -14.97 -40.22
N LEU D 183 -19.26 -15.72 -40.90
CA LEU D 183 -18.13 -16.37 -40.25
C LEU D 183 -16.96 -16.54 -41.20
N THR D 184 -16.00 -15.62 -41.07
CA THR D 184 -14.82 -15.58 -41.92
C THR D 184 -13.58 -15.92 -41.10
N VAL D 185 -12.66 -16.66 -41.70
CA VAL D 185 -11.38 -16.95 -41.07
C VAL D 185 -10.23 -16.42 -41.92
N TYR D 186 -9.26 -15.77 -41.27
CA TYR D 186 -8.07 -15.26 -41.95
C TYR D 186 -6.80 -15.46 -41.13
N CYS D 187 -5.71 -15.76 -41.81
CA CYS D 187 -4.41 -16.00 -41.17
C CYS D 187 -3.40 -14.91 -41.52
N ALA D 188 -2.58 -14.52 -40.55
CA ALA D 188 -1.46 -13.62 -40.81
C ALA D 188 -0.45 -14.29 -41.74
N LYS D 189 -0.19 -15.57 -41.50
CA LYS D 189 0.69 -16.35 -42.35
C LYS D 189 -0.10 -17.53 -42.91
N SER D 190 -0.09 -17.66 -44.23
CA SER D 190 -0.91 -18.65 -44.95
C SER D 190 -0.60 -20.10 -44.56
N GLN D 191 -1.64 -20.83 -44.17
CA GLN D 191 -1.52 -22.23 -43.77
C GLN D 191 -2.79 -22.99 -44.15
N ASN D 192 -2.79 -24.30 -43.90
CA ASN D 192 -3.93 -25.16 -44.24
C ASN D 192 -4.91 -25.37 -43.09
N LEU D 193 -6.10 -24.81 -43.24
CA LEU D 193 -7.13 -24.87 -42.19
C LEU D 193 -8.18 -25.96 -42.44
N GLY D 194 -8.66 -26.56 -41.36
CA GLY D 194 -9.71 -27.57 -41.41
C GLY D 194 -10.58 -27.52 -40.17
N TYR D 195 -11.88 -27.32 -40.37
CA TYR D 195 -12.82 -27.14 -39.26
C TYR D 195 -13.98 -28.14 -39.23
N TYR D 196 -14.54 -28.36 -38.04
CA TYR D 196 -15.75 -29.15 -37.88
C TYR D 196 -16.71 -28.53 -36.86
N LEU D 197 -17.98 -28.91 -36.96
CA LEU D 197 -19.01 -28.46 -36.03
C LEU D 197 -19.25 -29.50 -34.95
N SER D 198 -19.66 -29.05 -33.75
CA SER D 198 -19.97 -29.95 -32.65
C SER D 198 -21.05 -29.37 -31.73
N GLY D 199 -21.64 -30.24 -30.92
CA GLY D 199 -22.73 -29.85 -30.01
C GLY D 199 -23.78 -30.93 -29.93
N THR D 200 -24.74 -30.72 -29.05
CA THR D 200 -25.82 -31.68 -28.83
C THR D 200 -26.78 -31.71 -30.03
N HIS D 201 -26.68 -32.79 -30.80
CA HIS D 201 -27.52 -32.98 -31.98
C HIS D 201 -28.69 -33.93 -31.65
N ALA D 202 -29.54 -34.21 -32.64
CA ALA D 202 -30.80 -34.93 -32.42
C ALA D 202 -30.93 -36.30 -33.11
N ASP D 203 -30.30 -36.47 -34.27
CA ASP D 203 -30.54 -37.65 -35.12
C ASP D 203 -29.45 -38.73 -35.07
N ALA D 204 -29.68 -39.82 -35.81
CA ALA D 204 -28.71 -40.89 -35.97
C ALA D 204 -27.57 -40.43 -36.87
N GLY D 205 -27.93 -39.81 -37.99
CA GLY D 205 -26.97 -39.24 -38.92
C GLY D 205 -26.14 -38.12 -38.32
N ASN D 206 -26.62 -37.55 -37.22
CA ASN D 206 -25.91 -36.52 -36.47
C ASN D 206 -25.78 -35.22 -37.27
N SER D 207 -26.92 -34.59 -37.55
CA SER D 207 -26.97 -33.42 -38.43
C SER D 207 -27.93 -32.31 -38.00
N ILE D 208 -28.70 -32.55 -36.95
CA ILE D 208 -29.64 -31.55 -36.44
C ILE D 208 -29.37 -31.23 -34.98
N PHE D 209 -29.00 -29.99 -34.71
CA PHE D 209 -28.70 -29.54 -33.36
C PHE D 209 -29.99 -29.30 -32.59
N THR D 210 -30.03 -29.83 -31.37
CA THR D 210 -31.23 -29.81 -30.55
C THR D 210 -31.54 -28.40 -30.05
N ASN D 211 -32.84 -28.10 -29.99
CA ASN D 211 -33.36 -26.87 -29.39
C ASN D 211 -33.01 -26.81 -27.90
N THR D 212 -32.00 -26.01 -27.57
CA THR D 212 -31.52 -25.90 -26.18
C THR D 212 -32.04 -24.65 -25.45
N ALA D 213 -33.15 -24.10 -25.94
CA ALA D 213 -33.79 -22.91 -25.36
C ALA D 213 -34.31 -23.19 -23.95
N SER D 214 -33.94 -22.31 -23.02
CA SER D 214 -34.25 -22.47 -21.61
C SER D 214 -35.72 -22.16 -21.29
N PHE D 215 -36.23 -21.06 -21.83
CA PHE D 215 -37.58 -20.58 -21.51
C PHE D 215 -38.50 -20.58 -22.74
N SER D 216 -39.55 -21.42 -22.68
CA SER D 216 -40.49 -21.67 -23.78
C SER D 216 -39.87 -22.35 -25.01
N PRO D 217 -39.51 -23.65 -24.90
CA PRO D 217 -38.99 -24.36 -26.06
C PRO D 217 -40.09 -24.69 -27.08
N ALA D 218 -39.78 -25.57 -28.03
CA ALA D 218 -40.74 -26.04 -29.02
C ALA D 218 -40.28 -27.39 -29.54
N GLN D 219 -41.11 -28.40 -29.37
CA GLN D 219 -40.77 -29.77 -29.78
C GLN D 219 -40.83 -29.95 -31.30
N GLY D 220 -40.17 -31.00 -31.78
CA GLY D 220 -40.26 -31.39 -33.18
C GLY D 220 -39.42 -30.58 -34.17
N VAL D 221 -38.79 -29.51 -33.70
CA VAL D 221 -38.02 -28.60 -34.56
C VAL D 221 -36.58 -28.41 -34.06
N GLY D 222 -35.63 -28.38 -35.01
CA GLY D 222 -34.22 -28.18 -34.68
C GLY D 222 -33.52 -27.18 -35.58
N VAL D 223 -32.19 -27.17 -35.52
CA VAL D 223 -31.35 -26.28 -36.34
C VAL D 223 -30.33 -27.10 -37.15
N GLN D 224 -30.21 -26.77 -38.43
CA GLN D 224 -29.33 -27.51 -39.33
C GLN D 224 -28.50 -26.52 -40.16
N LEU D 225 -27.23 -26.87 -40.38
CA LEU D 225 -26.33 -25.97 -41.10
C LEU D 225 -25.98 -26.49 -42.49
N THR D 226 -25.95 -25.58 -43.47
CA THR D 226 -25.63 -25.92 -44.87
C THR D 226 -24.51 -25.06 -45.48
N ARG D 227 -23.59 -25.74 -46.17
CA ARG D 227 -22.63 -25.09 -47.07
C ARG D 227 -23.11 -25.27 -48.49
N ASN D 228 -23.47 -24.15 -49.13
CA ASN D 228 -23.99 -24.13 -50.50
C ASN D 228 -25.10 -25.17 -50.73
N GLY D 229 -26.11 -25.14 -49.86
CA GLY D 229 -27.27 -26.02 -49.96
C GLY D 229 -27.03 -27.50 -49.72
N THR D 230 -25.98 -27.83 -48.96
CA THR D 230 -25.75 -29.21 -48.55
C THR D 230 -25.74 -29.33 -47.03
N ILE D 231 -26.45 -30.35 -46.52
CA ILE D 231 -26.49 -30.62 -45.08
C ILE D 231 -25.07 -30.89 -44.56
N ILE D 232 -24.67 -30.13 -43.54
CA ILE D 232 -23.38 -30.35 -42.87
C ILE D 232 -23.59 -31.00 -41.51
N PRO D 233 -23.12 -32.25 -41.36
CA PRO D 233 -23.17 -32.94 -40.08
C PRO D 233 -22.14 -32.41 -39.08
N ALA D 234 -22.13 -33.00 -37.88
CA ALA D 234 -21.14 -32.71 -36.86
C ALA D 234 -20.04 -33.76 -36.88
N ASN D 235 -18.83 -33.35 -36.49
CA ASN D 235 -17.65 -34.21 -36.61
C ASN D 235 -17.50 -34.72 -38.05
N ASN D 236 -17.50 -33.77 -38.98
CA ASN D 236 -17.17 -34.00 -40.37
C ASN D 236 -16.37 -32.77 -40.83
N THR D 237 -15.05 -32.93 -40.96
CA THR D 237 -14.13 -31.82 -41.17
C THR D 237 -14.14 -31.28 -42.60
N VAL D 238 -14.71 -30.08 -42.76
CA VAL D 238 -14.61 -29.35 -44.01
C VAL D 238 -13.17 -28.87 -44.18
N SER D 239 -12.59 -29.14 -45.35
CA SER D 239 -11.22 -28.73 -45.66
C SER D 239 -11.21 -27.44 -46.49
N LEU D 240 -10.68 -26.37 -45.90
CA LEU D 240 -10.64 -25.04 -46.54
C LEU D 240 -9.35 -24.82 -47.31
N GLY D 241 -8.48 -25.83 -47.32
CA GLY D 241 -7.17 -25.76 -47.98
C GLY D 241 -6.25 -24.75 -47.30
N ALA D 242 -5.64 -23.89 -48.11
CA ALA D 242 -4.80 -22.80 -47.60
C ALA D 242 -5.60 -21.51 -47.44
N VAL D 243 -5.35 -20.79 -46.35
CA VAL D 243 -6.00 -19.50 -46.10
C VAL D 243 -4.96 -18.47 -45.68
N GLY D 244 -4.99 -17.31 -46.35
CA GLY D 244 -4.08 -16.21 -46.06
C GLY D 244 -4.79 -15.01 -45.47
N THR D 245 -4.39 -13.81 -45.88
CA THR D 245 -4.94 -12.57 -45.33
C THR D 245 -6.33 -12.22 -45.86
N SER D 246 -6.73 -12.88 -46.95
CA SER D 246 -8.11 -12.78 -47.46
C SER D 246 -9.07 -13.53 -46.54
N ALA D 247 -9.96 -12.79 -45.87
CA ALA D 247 -10.91 -13.36 -44.91
C ALA D 247 -11.90 -14.34 -45.56
N VAL D 248 -11.54 -15.62 -45.55
CA VAL D 248 -12.36 -16.68 -46.18
C VAL D 248 -13.60 -17.04 -45.35
N SER D 249 -14.77 -16.90 -45.97
CA SER D 249 -16.06 -17.30 -45.40
C SER D 249 -16.30 -18.81 -45.55
N LEU D 250 -17.05 -19.38 -44.62
CA LEU D 250 -17.26 -20.83 -44.59
C LEU D 250 -18.47 -21.26 -45.43
N GLY D 251 -19.37 -20.31 -45.67
CA GLY D 251 -20.57 -20.55 -46.47
C GLY D 251 -21.67 -21.22 -45.67
N LEU D 252 -21.75 -20.88 -44.38
CA LEU D 252 -22.71 -21.51 -43.48
C LEU D 252 -24.05 -20.79 -43.49
N THR D 253 -25.10 -21.57 -43.75
CA THR D 253 -26.49 -21.11 -43.70
C THR D 253 -27.25 -21.94 -42.68
N ALA D 254 -27.97 -21.27 -41.79
CA ALA D 254 -28.71 -21.92 -40.70
C ALA D 254 -30.18 -22.20 -41.05
N ASN D 255 -30.47 -23.47 -41.36
CA ASN D 255 -31.81 -23.94 -41.67
C ASN D 255 -32.54 -24.50 -40.45
N TYR D 256 -33.88 -24.45 -40.46
CA TYR D 256 -34.67 -25.23 -39.51
C TYR D 256 -34.81 -26.65 -40.03
N ALA D 257 -34.96 -27.61 -39.11
CA ALA D 257 -35.15 -29.00 -39.49
C ALA D 257 -36.08 -29.70 -38.51
N ARG D 258 -36.88 -30.61 -39.04
CA ARG D 258 -37.92 -31.29 -38.28
C ARG D 258 -37.34 -32.51 -37.57
N THR D 259 -37.54 -32.60 -36.25
CA THR D 259 -37.01 -33.72 -35.44
C THR D 259 -38.04 -34.77 -35.03
N GLY D 260 -39.01 -34.36 -34.22
CA GLY D 260 -39.95 -35.29 -33.58
C GLY D 260 -41.24 -35.53 -34.35
N GLY D 261 -42.23 -34.68 -34.10
CA GLY D 261 -43.53 -34.83 -34.73
C GLY D 261 -44.20 -33.50 -34.99
N GLN D 262 -44.93 -33.01 -33.99
CA GLN D 262 -45.65 -31.76 -34.14
C GLN D 262 -44.74 -30.57 -33.85
N VAL D 263 -44.83 -29.56 -34.71
CA VAL D 263 -44.03 -28.34 -34.59
C VAL D 263 -44.75 -27.34 -33.67
N THR D 264 -44.33 -27.32 -32.40
CA THR D 264 -44.96 -26.49 -31.37
C THR D 264 -44.59 -25.02 -31.52
N ALA D 265 -45.44 -24.14 -30.98
CA ALA D 265 -45.10 -22.73 -30.83
C ALA D 265 -44.06 -22.60 -29.72
N GLY D 266 -43.25 -21.53 -29.78
CA GLY D 266 -42.18 -21.31 -28.81
C GLY D 266 -40.83 -21.11 -29.47
N ASN D 267 -39.83 -20.78 -28.66
CA ASN D 267 -38.50 -20.40 -29.15
C ASN D 267 -37.65 -21.56 -29.67
N VAL D 268 -36.71 -21.23 -30.54
CA VAL D 268 -35.68 -22.16 -30.99
C VAL D 268 -34.28 -21.54 -30.80
N GLN D 269 -33.51 -22.11 -29.88
CA GLN D 269 -32.16 -21.62 -29.59
C GLN D 269 -31.15 -22.76 -29.64
N SER D 270 -30.04 -22.51 -30.34
CA SER D 270 -28.95 -23.46 -30.41
C SER D 270 -27.60 -22.77 -30.23
N ILE D 271 -26.68 -23.48 -29.57
CA ILE D 271 -25.29 -23.05 -29.45
C ILE D 271 -24.44 -24.14 -30.08
N ILE D 272 -23.81 -23.81 -31.20
CA ILE D 272 -22.98 -24.76 -31.93
C ILE D 272 -21.52 -24.37 -31.76
N GLY D 273 -20.69 -25.36 -31.47
CA GLY D 273 -19.26 -25.17 -31.44
C GLY D 273 -18.69 -25.30 -32.83
N VAL D 274 -17.68 -24.47 -33.13
CA VAL D 274 -16.91 -24.56 -34.36
C VAL D 274 -15.43 -24.73 -34.01
N THR D 275 -14.85 -25.84 -34.45
CA THR D 275 -13.47 -26.18 -34.05
C THR D 275 -12.51 -26.24 -35.24
N PHE D 276 -11.47 -25.42 -35.16
CA PHE D 276 -10.40 -25.42 -36.15
C PHE D 276 -9.23 -26.25 -35.65
N VAL D 277 -8.89 -27.28 -36.42
CA VAL D 277 -7.76 -28.13 -36.09
C VAL D 277 -6.57 -27.60 -36.89
N TYR D 278 -5.50 -27.24 -36.18
CA TYR D 278 -4.32 -26.73 -36.83
C TYR D 278 -3.35 -27.84 -37.14
N GLN D 279 -2.79 -27.79 -38.36
CA GLN D 279 -1.76 -28.73 -38.80
C GLN D 279 -0.55 -28.68 -37.89
N GLN E 26 -33.81 -8.18 -61.21
CA GLN E 26 -35.12 -8.03 -60.51
C GLN E 26 -35.24 -6.68 -59.81
N GLU E 27 -36.42 -6.06 -59.94
CA GLU E 27 -36.68 -4.76 -59.30
C GLU E 27 -37.37 -4.93 -57.95
N LEU E 28 -37.61 -3.81 -57.26
CA LEU E 28 -38.22 -3.82 -55.92
C LEU E 28 -39.15 -2.63 -55.72
N PRO E 29 -40.04 -2.71 -54.72
CA PRO E 29 -40.76 -1.49 -54.35
C PRO E 29 -39.90 -0.59 -53.47
N PRO E 30 -40.04 0.75 -53.64
CA PRO E 30 -39.41 1.71 -52.75
C PRO E 30 -39.87 1.53 -51.29
N GLY E 31 -39.10 2.06 -50.34
CA GLY E 31 -39.48 1.97 -48.93
C GLY E 31 -38.33 1.64 -47.99
N THR E 32 -38.62 1.58 -46.70
CA THR E 32 -37.60 1.37 -45.67
C THR E 32 -37.40 -0.10 -45.34
N TYR E 33 -36.14 -0.48 -45.10
CA TYR E 33 -35.74 -1.82 -44.71
C TYR E 33 -34.70 -1.77 -43.58
N ARG E 34 -34.90 -2.56 -42.54
CA ARG E 34 -33.91 -2.70 -41.46
C ARG E 34 -32.75 -3.55 -41.97
N VAL E 35 -31.66 -2.89 -42.37
CA VAL E 35 -30.52 -3.57 -43.01
C VAL E 35 -29.18 -3.46 -42.29
N ASP E 36 -28.36 -4.49 -42.46
CA ASP E 36 -26.94 -4.47 -42.10
C ASP E 36 -26.17 -3.88 -43.27
N ILE E 37 -25.47 -2.77 -43.02
CA ILE E 37 -24.73 -2.08 -44.08
C ILE E 37 -23.29 -2.58 -44.20
N TYR E 38 -22.97 -3.13 -45.36
CA TYR E 38 -21.63 -3.61 -45.67
C TYR E 38 -20.98 -2.73 -46.73
N LEU E 39 -19.81 -2.18 -46.39
CA LEU E 39 -18.98 -1.47 -47.36
C LEU E 39 -17.73 -2.29 -47.66
N ASN E 40 -17.56 -2.65 -48.93
CA ASN E 40 -16.40 -3.40 -49.40
C ASN E 40 -16.12 -4.66 -48.58
N ASN E 41 -17.17 -5.42 -48.27
CA ASN E 41 -17.09 -6.65 -47.46
C ASN E 41 -16.77 -6.44 -45.99
N GLY E 42 -16.98 -5.21 -45.51
CA GLY E 42 -16.78 -4.87 -44.11
C GLY E 42 -18.04 -4.33 -43.49
N TYR E 43 -18.47 -4.95 -42.40
CA TYR E 43 -19.65 -4.51 -41.64
C TYR E 43 -19.49 -3.08 -41.13
N MET E 44 -20.54 -2.27 -41.28
CA MET E 44 -20.49 -0.89 -40.81
C MET E 44 -21.43 -0.60 -39.63
N ALA E 45 -22.73 -0.71 -39.88
CA ALA E 45 -23.76 -0.56 -38.84
C ALA E 45 -25.10 -1.15 -39.30
N THR E 46 -26.06 -1.22 -38.37
CA THR E 46 -27.42 -1.65 -38.71
C THR E 46 -28.40 -0.48 -38.50
N ARG E 47 -28.96 -0.01 -39.61
CA ARG E 47 -29.90 1.11 -39.59
C ARG E 47 -31.05 0.86 -40.56
N ASP E 48 -32.20 1.46 -40.27
CA ASP E 48 -33.37 1.41 -41.15
C ASP E 48 -33.16 2.39 -42.30
N VAL E 49 -32.97 1.86 -43.50
CA VAL E 49 -32.52 2.66 -44.65
C VAL E 49 -33.60 2.83 -45.73
N THR E 50 -33.80 4.07 -46.15
CA THR E 50 -34.79 4.39 -47.17
C THR E 50 -34.25 4.14 -48.58
N PHE E 51 -35.11 3.59 -49.44
CA PHE E 51 -34.74 3.35 -50.82
C PHE E 51 -35.74 4.02 -51.76
N ASN E 52 -35.34 5.15 -52.32
CA ASN E 52 -36.13 5.83 -53.33
C ASN E 52 -36.00 5.15 -54.67
N THR E 53 -37.02 5.30 -55.50
CA THR E 53 -36.94 4.91 -56.90
C THR E 53 -35.88 5.79 -57.54
N GLY E 54 -34.96 5.17 -58.27
CA GLY E 54 -33.91 5.91 -58.93
C GLY E 54 -33.32 5.22 -60.14
N ASP E 55 -32.37 5.89 -60.78
CA ASP E 55 -31.60 5.30 -61.86
C ASP E 55 -30.71 4.18 -61.29
N SER E 56 -31.20 2.94 -61.42
CA SER E 56 -30.57 1.78 -60.79
C SER E 56 -30.99 0.47 -61.46
N GLU E 57 -30.21 -0.58 -61.21
CA GLU E 57 -30.54 -1.92 -61.68
C GLU E 57 -31.78 -2.48 -60.94
N GLN E 58 -31.76 -2.41 -59.62
CA GLN E 58 -32.85 -2.90 -58.79
C GLN E 58 -34.00 -1.88 -58.71
N GLY E 59 -33.96 -0.85 -59.55
CA GLY E 59 -34.98 0.19 -59.58
C GLY E 59 -34.95 1.16 -58.40
N ILE E 60 -34.20 0.83 -57.36
CA ILE E 60 -34.12 1.66 -56.16
C ILE E 60 -32.69 2.01 -55.76
N VAL E 61 -32.53 3.15 -55.09
CA VAL E 61 -31.23 3.59 -54.59
C VAL E 61 -31.32 3.89 -53.08
N PRO E 62 -30.27 3.54 -52.31
CA PRO E 62 -30.29 3.88 -50.89
C PRO E 62 -30.09 5.38 -50.68
N CYS E 63 -30.69 5.92 -49.64
CA CYS E 63 -30.48 7.32 -49.31
C CYS E 63 -29.60 7.42 -48.08
N LEU E 64 -28.35 7.80 -48.32
CA LEU E 64 -27.35 7.97 -47.27
C LEU E 64 -26.73 9.36 -47.38
N THR E 65 -26.29 9.90 -46.24
CA THR E 65 -25.82 11.28 -46.17
C THR E 65 -24.29 11.37 -46.17
N ARG E 66 -23.79 12.54 -46.55
CA ARG E 66 -22.35 12.80 -46.58
C ARG E 66 -21.76 12.52 -45.20
N ALA E 67 -22.40 13.04 -44.17
CA ALA E 67 -21.99 12.79 -42.78
C ALA E 67 -21.90 11.29 -42.48
N GLN E 68 -22.92 10.55 -42.94
CA GLN E 68 -22.96 9.09 -42.77
C GLN E 68 -21.92 8.37 -43.59
N LEU E 69 -21.69 8.84 -44.81
CA LEU E 69 -20.69 8.24 -45.66
C LEU E 69 -19.29 8.53 -45.14
N ALA E 70 -19.09 9.74 -44.62
CA ALA E 70 -17.80 10.15 -44.07
C ALA E 70 -17.38 9.23 -42.92
N SER E 71 -18.32 8.91 -42.04
CA SER E 71 -18.05 8.05 -40.90
C SER E 71 -17.79 6.60 -41.32
N MET E 72 -18.33 6.23 -42.48
CA MET E 72 -18.07 4.91 -43.05
C MET E 72 -16.72 4.82 -43.78
N GLY E 73 -15.78 5.70 -43.44
CA GLY E 73 -14.44 5.65 -44.03
C GLY E 73 -14.24 6.33 -45.38
N LEU E 74 -15.31 6.88 -45.97
CA LEU E 74 -15.17 7.65 -47.21
C LEU E 74 -14.47 8.99 -46.95
N ASN E 75 -13.56 9.35 -47.84
CA ASN E 75 -12.92 10.66 -47.79
C ASN E 75 -13.66 11.61 -48.71
N THR E 76 -14.56 12.39 -48.13
CA THR E 76 -15.53 13.20 -48.89
C THR E 76 -14.92 14.38 -49.66
N ALA E 77 -13.68 14.73 -49.35
CA ALA E 77 -12.98 15.80 -50.05
C ALA E 77 -12.44 15.33 -51.40
N SER E 78 -12.21 14.02 -51.53
CA SER E 78 -11.68 13.44 -52.77
C SER E 78 -12.75 13.23 -53.85
N VAL E 79 -13.99 13.56 -53.51
CA VAL E 79 -15.11 13.46 -54.46
C VAL E 79 -15.76 14.82 -54.69
N ALA E 80 -15.79 15.24 -55.94
CA ALA E 80 -16.33 16.55 -56.33
C ALA E 80 -17.83 16.69 -56.02
N GLY E 81 -18.26 17.93 -55.80
CA GLY E 81 -19.67 18.24 -55.57
C GLY E 81 -20.25 17.89 -54.22
N MET E 82 -19.61 16.96 -53.51
CA MET E 82 -20.16 16.43 -52.25
C MET E 82 -20.22 17.47 -51.13
N ASN E 83 -19.24 18.37 -51.13
CA ASN E 83 -19.18 19.49 -50.19
C ASN E 83 -20.29 20.54 -50.40
N LEU E 84 -20.98 20.45 -51.53
CA LEU E 84 -22.03 21.41 -51.91
C LEU E 84 -23.44 20.98 -51.51
N LEU E 85 -23.62 19.68 -51.20
CA LEU E 85 -24.93 19.15 -50.82
C LEU E 85 -25.28 19.57 -49.41
N ALA E 86 -26.58 19.57 -49.10
CA ALA E 86 -27.05 19.87 -47.75
C ALA E 86 -26.77 18.67 -46.83
N ASP E 87 -26.62 18.93 -45.53
CA ASP E 87 -26.29 17.88 -44.55
C ASP E 87 -27.29 16.74 -44.52
N ASP E 88 -28.50 17.02 -44.99
CA ASP E 88 -29.60 16.05 -45.00
C ASP E 88 -29.78 15.35 -46.36
N ALA E 89 -29.41 16.05 -47.44
CA ALA E 89 -29.60 15.57 -48.82
C ALA E 89 -29.07 14.17 -49.07
N CYS E 90 -29.84 13.37 -49.80
CA CYS E 90 -29.43 12.01 -50.17
C CYS E 90 -28.32 12.12 -51.21
N VAL E 91 -27.13 11.65 -50.85
CA VAL E 91 -26.02 11.58 -51.77
C VAL E 91 -26.40 10.67 -52.94
N PRO E 92 -26.39 11.19 -54.18
CA PRO E 92 -26.59 10.36 -55.37
C PRO E 92 -25.40 9.46 -55.66
N LEU E 93 -25.08 8.58 -54.71
CA LEU E 93 -23.87 7.75 -54.73
C LEU E 93 -23.58 7.11 -56.10
N THR E 94 -24.64 6.68 -56.78
CA THR E 94 -24.54 6.00 -58.06
C THR E 94 -23.91 6.86 -59.15
N THR E 95 -24.15 8.18 -59.10
CA THR E 95 -23.71 9.11 -60.14
C THR E 95 -22.57 10.03 -59.70
N MET E 96 -22.57 10.42 -58.43
CA MET E 96 -21.59 11.36 -57.89
C MET E 96 -20.21 10.70 -57.64
N VAL E 97 -20.22 9.44 -57.24
CA VAL E 97 -18.98 8.69 -57.00
C VAL E 97 -18.70 7.69 -58.15
N GLN E 98 -17.64 7.99 -58.89
CA GLN E 98 -17.15 7.19 -60.02
C GLN E 98 -16.97 5.71 -59.66
N ASP E 99 -17.64 4.84 -60.43
CA ASP E 99 -17.57 3.37 -60.27
C ASP E 99 -18.09 2.83 -58.93
N ALA E 100 -18.91 3.60 -58.24
CA ALA E 100 -19.50 3.13 -57.00
C ALA E 100 -20.77 2.37 -57.33
N THR E 101 -21.09 1.35 -56.52
CA THR E 101 -22.32 0.58 -56.69
C THR E 101 -23.05 0.30 -55.38
N ALA E 102 -24.34 -0.01 -55.53
CA ALA E 102 -25.20 -0.41 -54.42
C ALA E 102 -25.92 -1.71 -54.75
N HIS E 103 -26.17 -2.54 -53.73
CA HIS E 103 -26.89 -3.80 -53.90
C HIS E 103 -27.60 -4.27 -52.62
N LEU E 104 -28.83 -4.75 -52.79
CA LEU E 104 -29.70 -5.09 -51.67
C LEU E 104 -30.05 -6.58 -51.58
N ASP E 105 -30.16 -7.06 -50.34
CA ASP E 105 -30.51 -8.45 -50.04
C ASP E 105 -31.26 -8.50 -48.70
N VAL E 106 -32.58 -8.60 -48.76
CA VAL E 106 -33.42 -8.58 -47.53
C VAL E 106 -33.41 -9.95 -46.85
N GLY E 107 -33.10 -10.99 -47.63
CA GLY E 107 -33.02 -12.37 -47.12
C GLY E 107 -31.94 -12.60 -46.06
N GLN E 108 -31.08 -11.60 -45.87
CA GLN E 108 -30.07 -11.62 -44.80
C GLN E 108 -30.22 -10.36 -43.95
N GLN E 109 -31.03 -9.42 -44.43
CA GLN E 109 -31.08 -8.03 -43.94
C GLN E 109 -29.74 -7.34 -44.22
N ARG E 110 -29.41 -7.20 -45.50
CA ARG E 110 -28.07 -6.79 -45.93
C ARG E 110 -28.08 -5.83 -47.12
N LEU E 111 -27.45 -4.67 -46.92
CA LEU E 111 -27.17 -3.72 -48.01
C LEU E 111 -25.68 -3.76 -48.33
N ASN E 112 -25.37 -3.97 -49.61
CA ASN E 112 -23.98 -4.10 -50.05
C ASN E 112 -23.49 -2.93 -50.91
N LEU E 113 -22.53 -2.19 -50.37
CA LEU E 113 -21.95 -1.05 -51.06
C LEU E 113 -20.50 -1.31 -51.43
N THR E 114 -20.09 -0.85 -52.61
CA THR E 114 -18.69 -0.84 -53.01
C THR E 114 -18.31 0.54 -53.54
N ILE E 115 -17.28 1.13 -52.93
CA ILE E 115 -16.70 2.41 -53.35
C ILE E 115 -15.18 2.25 -53.46
N PRO E 116 -14.59 2.69 -54.60
CA PRO E 116 -13.14 2.60 -54.87
C PRO E 116 -12.27 3.08 -53.70
N GLN E 117 -11.28 2.27 -53.33
CA GLN E 117 -10.47 2.57 -52.14
C GLN E 117 -9.68 3.87 -52.29
N ALA E 118 -9.55 4.33 -53.53
CA ALA E 118 -8.92 5.62 -53.83
C ALA E 118 -9.71 6.79 -53.24
N PHE E 119 -10.98 6.56 -52.91
CA PHE E 119 -11.81 7.62 -52.31
C PHE E 119 -11.96 7.43 -50.81
N MET E 120 -11.18 6.50 -50.26
CA MET E 120 -11.26 6.10 -48.85
C MET E 120 -10.06 6.60 -48.05
N SER E 121 -10.16 6.52 -46.72
CA SER E 121 -9.10 7.00 -45.83
C SER E 121 -8.69 5.96 -44.77
N ASN E 122 -7.60 6.25 -44.05
CA ASN E 122 -6.98 5.35 -43.06
C ASN E 122 -6.49 4.03 -43.67
N ARG E 123 -6.13 4.10 -44.96
CA ARG E 123 -5.75 2.94 -45.76
C ARG E 123 -4.43 2.29 -45.31
N ALA E 124 -3.68 2.99 -44.46
CA ALA E 124 -2.34 2.52 -44.04
C ALA E 124 -2.40 1.45 -42.96
N ARG E 125 -1.55 0.44 -43.11
CA ARG E 125 -1.44 -0.63 -42.13
C ARG E 125 -0.51 -0.23 -40.99
N GLY E 126 -0.85 -0.66 -39.79
CA GLY E 126 -0.17 -0.22 -38.59
C GLY E 126 -0.67 1.13 -38.10
N TYR E 127 -1.65 1.70 -38.80
CA TYR E 127 -2.25 2.96 -38.37
C TYR E 127 -2.81 2.83 -36.95
N ILE E 128 -2.51 3.81 -36.12
CA ILE E 128 -3.02 3.87 -34.75
C ILE E 128 -3.59 5.27 -34.52
N PRO E 129 -4.85 5.36 -34.06
CA PRO E 129 -5.46 6.67 -33.88
C PRO E 129 -4.68 7.51 -32.87
N PRO E 130 -4.50 8.81 -33.17
CA PRO E 130 -3.76 9.78 -32.35
C PRO E 130 -4.30 9.95 -30.93
N GLU E 131 -5.58 9.67 -30.73
CA GLU E 131 -6.18 9.83 -29.40
C GLU E 131 -5.83 8.66 -28.48
N LEU E 132 -5.16 7.64 -29.00
CA LEU E 132 -4.68 6.54 -28.18
C LEU E 132 -3.24 6.76 -27.67
N TRP E 133 -2.57 7.78 -28.21
CA TRP E 133 -1.21 8.10 -27.82
C TRP E 133 -1.15 8.76 -26.45
N ASP E 134 -0.55 8.06 -25.50
CA ASP E 134 -0.47 8.50 -24.11
C ASP E 134 0.74 9.42 -23.83
N PRO E 135 0.48 10.68 -23.43
CA PRO E 135 1.57 11.58 -23.00
C PRO E 135 2.42 11.00 -21.87
N GLY E 136 1.81 10.25 -20.96
CA GLY E 136 2.54 9.63 -19.86
C GLY E 136 2.30 10.31 -18.52
N ILE E 137 2.90 9.76 -17.46
CA ILE E 137 2.76 10.29 -16.10
C ILE E 137 3.83 11.32 -15.73
N ASN E 138 3.63 12.02 -14.62
CA ASN E 138 4.63 12.94 -14.09
C ASN E 138 5.72 12.19 -13.32
N ALA E 139 6.98 12.48 -13.63
CA ALA E 139 8.11 11.78 -12.99
C ALA E 139 9.42 12.52 -13.17
N GLY E 140 10.40 12.17 -12.35
CA GLY E 140 11.76 12.64 -12.50
C GLY E 140 12.57 11.49 -13.05
N LEU E 141 13.68 11.81 -13.72
CA LEU E 141 14.48 10.80 -14.41
C LEU E 141 15.96 11.02 -14.17
N LEU E 142 16.73 9.94 -14.08
CA LEU E 142 18.17 10.09 -13.94
C LEU E 142 18.95 8.93 -14.53
N ASN E 143 19.85 9.24 -15.46
CA ASN E 143 20.75 8.25 -16.03
C ASN E 143 22.19 8.53 -15.65
N TYR E 144 22.74 7.69 -14.77
CA TYR E 144 24.13 7.81 -14.38
C TYR E 144 24.98 6.78 -15.13
N ASN E 145 26.21 7.19 -15.45
CA ASN E 145 27.21 6.31 -15.99
C ASN E 145 28.53 6.63 -15.32
N PHE E 146 28.85 5.88 -14.26
CA PHE E 146 30.08 6.10 -13.50
C PHE E 146 31.19 5.16 -13.97
N SER E 147 32.14 5.73 -14.71
CA SER E 147 33.19 4.97 -15.36
C SER E 147 34.57 5.42 -14.92
N GLY E 148 35.56 4.54 -15.02
CA GLY E 148 36.94 4.87 -14.69
C GLY E 148 37.94 3.89 -15.23
N ASN E 149 39.15 4.37 -15.52
CA ASN E 149 40.25 3.49 -15.91
C ASN E 149 41.60 3.85 -15.29
N SER E 150 42.46 2.84 -15.13
CA SER E 150 43.80 3.01 -14.55
C SER E 150 44.87 2.54 -15.51
N VAL E 151 45.85 3.40 -15.74
CA VAL E 151 46.92 3.13 -16.70
C VAL E 151 48.26 2.85 -15.99
N GLN E 152 49.02 1.90 -16.53
CA GLN E 152 50.40 1.62 -16.11
C GLN E 152 51.32 1.85 -17.30
N ASN E 153 52.21 2.84 -17.18
CA ASN E 153 52.90 3.40 -18.34
C ASN E 153 54.33 2.92 -18.62
N ARG E 154 54.89 3.45 -19.71
CA ARG E 154 56.29 3.29 -20.12
C ARG E 154 57.27 3.21 -18.95
N ILE E 155 57.52 4.34 -18.31
CA ILE E 155 58.47 4.44 -17.20
C ILE E 155 57.88 5.18 -16.01
N GLY E 156 58.26 4.76 -14.80
CA GLY E 156 57.87 5.36 -13.53
C GLY E 156 56.68 6.31 -13.54
N GLY E 157 55.48 5.75 -13.70
CA GLY E 157 54.27 6.57 -13.71
C GLY E 157 52.98 5.81 -13.96
N ASN E 158 51.98 6.12 -13.15
CA ASN E 158 50.62 5.62 -13.33
C ASN E 158 49.64 6.77 -13.58
N SER E 159 48.39 6.44 -13.92
CA SER E 159 47.36 7.44 -14.22
C SER E 159 45.96 6.89 -13.94
N HIS E 160 45.19 7.60 -13.13
CA HIS E 160 43.81 7.23 -12.85
C HIS E 160 42.84 8.24 -13.47
N TYR E 161 41.85 7.74 -14.20
CA TYR E 161 40.83 8.59 -14.82
C TYR E 161 39.43 8.20 -14.37
N ALA E 162 38.59 9.20 -14.12
CA ALA E 162 37.22 8.98 -13.64
C ALA E 162 36.24 10.02 -14.22
N TYR E 163 35.23 9.52 -14.93
CA TYR E 163 34.19 10.36 -15.53
C TYR E 163 32.84 9.92 -15.01
N LEU E 164 31.96 10.89 -14.78
CA LEU E 164 30.59 10.59 -14.34
C LEU E 164 29.61 11.35 -15.22
N ASN E 165 28.87 10.63 -16.05
CA ASN E 165 27.89 11.24 -16.94
C ASN E 165 26.48 11.18 -16.40
N LEU E 166 25.86 12.35 -16.26
CA LEU E 166 24.50 12.47 -15.81
C LEU E 166 23.56 12.94 -16.90
N GLN E 167 22.52 12.15 -17.14
CA GLN E 167 21.40 12.58 -17.96
C GLN E 167 20.22 12.75 -16.99
N SER E 168 19.75 13.99 -16.90
CA SER E 168 18.72 14.35 -15.96
C SER E 168 17.42 14.65 -16.70
N GLY E 169 16.28 14.47 -16.04
CA GLY E 169 15.01 14.68 -16.70
C GLY E 169 13.79 14.98 -15.85
N LEU E 170 12.82 15.64 -16.46
CA LEU E 170 11.54 15.89 -15.84
C LEU E 170 10.42 15.84 -16.88
N ASN E 171 9.32 15.20 -16.50
CA ASN E 171 8.14 15.07 -17.34
C ASN E 171 6.90 15.65 -16.65
N ILE E 172 6.26 16.62 -17.28
CA ILE E 172 4.98 17.14 -16.80
C ILE E 172 3.97 17.10 -17.95
N GLY E 173 3.24 15.99 -18.05
CA GLY E 173 2.35 15.77 -19.19
C GLY E 173 3.18 15.57 -20.45
N ALA E 174 2.82 16.27 -21.51
CA ALA E 174 3.55 16.18 -22.78
C ALA E 174 4.90 16.93 -22.80
N TRP E 175 5.27 17.53 -21.66
CA TRP E 175 6.50 18.31 -21.55
C TRP E 175 7.70 17.48 -21.08
N ARG E 176 8.83 17.67 -21.74
CA ARG E 176 10.06 16.97 -21.40
C ARG E 176 11.17 17.98 -21.13
N LEU E 177 11.64 18.02 -19.89
CA LEU E 177 12.83 18.78 -19.53
C LEU E 177 13.98 17.79 -19.37
N ARG E 178 15.05 18.01 -20.12
CA ARG E 178 16.19 17.10 -20.13
C ARG E 178 17.51 17.88 -19.96
N ASP E 179 18.51 17.24 -19.35
CA ASP E 179 19.80 17.90 -19.10
C ASP E 179 20.98 16.94 -19.15
N ASN E 180 22.07 17.36 -19.78
CA ASN E 180 23.34 16.64 -19.73
C ASN E 180 24.41 17.38 -18.97
N THR E 181 24.94 16.74 -17.94
CA THR E 181 26.10 17.26 -17.22
C THR E 181 27.08 16.13 -16.92
N THR E 182 28.37 16.43 -17.00
CA THR E 182 29.41 15.42 -16.77
C THR E 182 30.56 15.94 -15.89
N TRP E 183 30.77 15.26 -14.77
CA TRP E 183 31.94 15.50 -13.93
C TRP E 183 33.12 14.70 -14.47
N SER E 184 34.33 15.23 -14.28
CA SER E 184 35.54 14.67 -14.86
C SER E 184 36.68 14.59 -13.84
N TYR E 185 37.74 13.84 -14.16
CA TYR E 185 38.94 13.71 -13.30
C TYR E 185 40.18 13.21 -14.04
N ASN E 186 41.29 13.94 -13.88
CA ASN E 186 42.55 13.61 -14.57
C ASN E 186 43.77 13.88 -13.69
N SER E 187 44.54 12.82 -13.41
CA SER E 187 45.74 12.93 -12.57
C SER E 187 46.95 12.30 -13.25
N ASN E 196 39.93 18.26 -12.70
CA ASN E 196 38.66 17.77 -12.19
C ASN E 196 37.56 18.84 -12.10
N LYS E 197 36.68 18.85 -13.10
CA LYS E 197 35.65 19.88 -13.22
C LYS E 197 34.29 19.31 -13.60
N TRP E 198 33.24 20.08 -13.31
CA TRP E 198 31.90 19.82 -13.81
C TRP E 198 31.73 20.47 -15.17
N GLN E 199 31.11 19.75 -16.10
CA GLN E 199 30.91 20.23 -17.46
C GLN E 199 29.45 20.01 -17.86
N HIS E 200 28.68 21.08 -17.86
CA HIS E 200 27.32 21.05 -18.40
C HIS E 200 27.41 21.03 -19.92
N ILE E 201 26.72 20.08 -20.55
CA ILE E 201 26.74 19.97 -22.02
C ILE E 201 25.58 20.71 -22.67
N ASN E 202 24.36 20.24 -22.42
CA ASN E 202 23.15 20.87 -22.97
C ASN E 202 21.91 20.73 -22.10
N THR E 203 20.94 21.60 -22.34
CA THR E 203 19.64 21.55 -21.68
C THR E 203 18.55 21.91 -22.69
N TRP E 204 17.49 21.10 -22.72
CA TRP E 204 16.39 21.42 -23.60
C TRP E 204 15.05 21.06 -22.99
N LEU E 205 14.03 21.83 -23.37
CA LEU E 205 12.66 21.52 -23.08
C LEU E 205 11.97 21.21 -24.41
N GLU E 206 11.27 20.08 -24.48
CA GLU E 206 10.63 19.64 -25.73
C GLU E 206 9.22 19.11 -25.49
N ARG E 207 8.38 19.27 -26.50
CA ARG E 207 7.00 18.86 -26.43
C ARG E 207 6.51 18.53 -27.83
N ASP E 208 5.76 17.45 -27.97
CA ASP E 208 5.17 17.13 -29.25
C ASP E 208 3.80 17.77 -29.41
N ILE E 209 3.53 18.21 -30.64
CA ILE E 209 2.27 18.82 -31.00
C ILE E 209 1.67 17.92 -32.07
N ILE E 210 0.76 17.07 -31.62
CA ILE E 210 0.15 16.04 -32.46
C ILE E 210 -0.63 16.60 -33.65
N PRO E 211 -1.53 17.59 -33.44
CA PRO E 211 -2.34 18.09 -34.56
C PRO E 211 -1.55 18.62 -35.76
N LEU E 212 -0.26 18.91 -35.58
CA LEU E 212 0.62 19.27 -36.71
C LEU E 212 1.73 18.23 -36.85
N ARG E 213 1.49 17.02 -36.34
CA ARG E 213 2.50 15.96 -36.30
C ARG E 213 3.92 16.50 -36.22
N SER E 214 4.16 17.34 -35.21
CA SER E 214 5.43 18.02 -35.03
C SER E 214 5.97 18.00 -33.59
N ARG E 215 7.23 18.38 -33.45
CA ARG E 215 7.84 18.56 -32.14
C ARG E 215 8.35 20.01 -32.01
N LEU E 216 8.16 20.56 -30.82
CA LEU E 216 8.69 21.87 -30.49
C LEU E 216 9.83 21.67 -29.52
N THR E 217 10.99 22.25 -29.82
CA THR E 217 12.15 22.18 -28.95
C THR E 217 12.59 23.60 -28.57
N LEU E 218 12.67 23.85 -27.26
CA LEU E 218 13.20 25.11 -26.71
C LEU E 218 14.49 24.82 -25.95
N GLY E 219 15.50 25.66 -26.16
CA GLY E 219 16.79 25.48 -25.51
C GLY E 219 17.84 25.01 -26.50
N ASP E 220 18.58 23.96 -26.14
CA ASP E 220 19.64 23.43 -26.98
C ASP E 220 19.10 22.40 -27.97
N GLY E 221 19.38 22.63 -29.25
CA GLY E 221 18.94 21.71 -30.29
C GLY E 221 19.77 21.80 -31.55
N TYR E 222 19.45 20.97 -32.53
CA TYR E 222 20.23 20.95 -33.78
C TYR E 222 19.35 20.93 -35.03
N THR E 223 19.93 21.37 -36.14
CA THR E 223 19.28 21.31 -37.44
C THR E 223 19.81 20.12 -38.19
N GLN E 224 19.00 19.58 -39.09
CA GLN E 224 19.42 18.50 -39.96
C GLN E 224 20.44 19.02 -40.96
N GLY E 225 21.33 18.13 -41.39
CA GLY E 225 22.28 18.42 -42.46
C GLY E 225 21.70 18.10 -43.83
N ASP E 226 20.38 18.02 -43.88
CA ASP E 226 19.56 17.83 -45.08
C ASP E 226 19.95 18.70 -46.28
N ILE E 227 19.77 20.01 -46.11
CA ILE E 227 19.85 20.98 -47.19
C ILE E 227 21.02 21.91 -46.92
N PHE E 228 21.12 22.37 -45.69
CA PHE E 228 22.28 23.10 -45.24
C PHE E 228 23.08 22.17 -44.31
N ASP E 229 24.35 22.47 -44.10
CA ASP E 229 25.14 21.74 -43.13
C ASP E 229 24.48 21.95 -41.76
N GLY E 230 24.34 20.87 -41.00
CA GLY E 230 23.74 20.91 -39.66
C GLY E 230 24.40 21.93 -38.74
N ILE E 231 23.62 22.49 -37.83
CA ILE E 231 24.08 23.52 -36.92
C ILE E 231 23.67 23.15 -35.50
N ASN E 232 24.59 23.29 -34.56
CA ASN E 232 24.20 23.26 -33.16
C ASN E 232 23.86 24.65 -32.62
N PHE E 233 22.74 24.75 -31.93
CA PHE E 233 22.25 26.08 -31.49
C PHE E 233 21.50 26.06 -30.15
N ARG E 234 21.28 27.26 -29.61
CA ARG E 234 20.40 27.48 -28.48
C ARG E 234 19.26 28.38 -28.94
N GLY E 235 18.02 27.95 -28.74
CA GLY E 235 16.89 28.70 -29.26
C GLY E 235 15.61 27.90 -29.33
N ALA E 236 14.80 28.20 -30.34
CA ALA E 236 13.52 27.51 -30.55
C ALA E 236 13.42 26.88 -31.94
N GLN E 237 12.89 25.66 -31.99
CA GLN E 237 12.70 24.93 -33.24
C GLN E 237 11.32 24.27 -33.27
N LEU E 238 10.73 24.22 -34.46
CA LEU E 238 9.49 23.51 -34.68
C LEU E 238 9.70 22.69 -35.94
N ALA E 239 9.43 21.39 -35.85
CA ALA E 239 9.75 20.49 -36.95
C ALA E 239 8.79 19.32 -37.00
N SER E 240 8.44 18.91 -38.22
CA SER E 240 7.63 17.71 -38.45
C SER E 240 8.36 16.47 -37.92
N ASP E 241 7.60 15.46 -37.49
CA ASP E 241 8.20 14.26 -36.89
C ASP E 241 7.79 12.96 -37.59
N ASP E 242 8.70 12.39 -38.39
CA ASP E 242 8.53 11.07 -39.04
C ASP E 242 8.07 9.96 -38.09
N ASN E 243 8.43 10.09 -36.83
CA ASN E 243 8.17 9.08 -35.82
C ASN E 243 6.69 8.81 -35.65
N MET E 244 5.87 9.82 -35.93
CA MET E 244 4.42 9.74 -35.71
C MET E 244 3.69 9.00 -36.83
N LEU E 245 4.35 8.83 -37.98
CA LEU E 245 3.79 8.08 -39.11
C LEU E 245 3.91 6.58 -38.87
N PRO E 246 2.96 5.80 -39.42
CA PRO E 246 3.08 4.34 -39.44
C PRO E 246 4.32 3.93 -40.22
N ASP E 247 4.94 2.83 -39.80
CA ASP E 247 6.19 2.36 -40.42
C ASP E 247 6.02 2.08 -41.90
N SER E 248 4.80 1.75 -42.29
CA SER E 248 4.46 1.47 -43.67
C SER E 248 4.57 2.69 -44.56
N GLN E 249 4.56 3.88 -43.97
CA GLN E 249 4.52 5.13 -44.74
C GLN E 249 5.78 5.98 -44.67
N ARG E 250 6.70 5.61 -43.77
CA ARG E 250 7.91 6.37 -43.51
C ARG E 250 8.91 6.11 -44.61
N GLY E 251 9.76 7.09 -44.89
CA GLY E 251 10.73 6.99 -45.98
C GLY E 251 10.04 7.08 -47.32
N PHE E 252 10.83 7.04 -48.39
CA PHE E 252 10.26 7.13 -49.72
C PHE E 252 9.99 5.77 -50.32
N ALA E 253 8.81 5.64 -50.92
CA ALA E 253 8.45 4.47 -51.71
C ALA E 253 7.41 4.93 -52.73
N PRO E 254 7.37 4.29 -53.92
CA PRO E 254 6.39 4.70 -54.92
C PRO E 254 4.98 4.50 -54.41
N VAL E 255 4.07 5.38 -54.80
CA VAL E 255 2.67 5.28 -54.43
C VAL E 255 1.88 4.81 -55.64
N ILE E 256 1.45 3.55 -55.62
CA ILE E 256 0.94 2.88 -56.83
C ILE E 256 -0.56 3.15 -57.14
N HIS E 257 -0.78 3.78 -58.29
CA HIS E 257 -2.12 4.04 -58.79
C HIS E 257 -2.52 2.96 -59.78
N GLY E 258 -3.71 2.40 -59.59
CA GLY E 258 -4.23 1.36 -60.47
C GLY E 258 -5.75 1.34 -60.48
N ILE E 259 -6.32 0.64 -61.46
CA ILE E 259 -7.77 0.47 -61.52
C ILE E 259 -8.15 -1.01 -61.44
N ALA E 260 -9.03 -1.33 -60.50
CA ALA E 260 -9.63 -2.66 -60.42
C ALA E 260 -10.88 -2.64 -61.27
N ARG E 261 -11.07 -3.70 -62.07
CA ARG E 261 -12.25 -3.78 -62.91
C ARG E 261 -13.43 -4.26 -62.07
N GLY E 262 -13.20 -5.30 -61.28
CA GLY E 262 -14.15 -5.71 -60.26
C GLY E 262 -13.47 -5.81 -58.90
N THR E 263 -14.01 -6.65 -58.02
CA THR E 263 -13.32 -6.95 -56.78
C THR E 263 -12.12 -7.82 -57.11
N ALA E 264 -10.93 -7.29 -56.86
CA ALA E 264 -9.67 -7.96 -57.20
C ALA E 264 -8.64 -7.89 -56.07
N GLN E 265 -7.79 -8.92 -55.98
CA GLN E 265 -6.68 -8.92 -55.03
C GLN E 265 -5.43 -8.36 -55.68
N VAL E 266 -4.72 -7.49 -54.96
CA VAL E 266 -3.50 -6.85 -55.46
C VAL E 266 -2.29 -7.40 -54.72
N THR E 267 -1.28 -7.86 -55.49
CA THR E 267 -0.05 -8.37 -54.90
C THR E 267 1.16 -7.68 -55.49
N ILE E 268 2.19 -7.50 -54.67
CA ILE E 268 3.42 -6.86 -55.11
C ILE E 268 4.62 -7.66 -54.62
N LYS E 269 5.56 -7.88 -55.52
CA LYS E 269 6.79 -8.61 -55.24
C LYS E 269 8.01 -7.73 -55.52
N GLN E 270 8.94 -7.70 -54.57
CA GLN E 270 10.23 -7.01 -54.74
C GLN E 270 11.39 -7.97 -54.43
N ASN E 271 12.51 -7.79 -55.13
CA ASN E 271 13.68 -8.67 -54.99
C ASN E 271 13.29 -10.16 -55.05
N GLY E 272 12.32 -10.45 -55.91
CA GLY E 272 11.78 -11.81 -56.04
C GLY E 272 10.70 -12.16 -55.04
N TYR E 273 10.80 -11.61 -53.83
CA TYR E 273 9.94 -12.02 -52.72
C TYR E 273 8.71 -11.13 -52.50
N ASP E 274 7.63 -11.76 -52.07
CA ASP E 274 6.35 -11.09 -51.82
C ASP E 274 6.45 -10.03 -50.72
N ILE E 275 5.96 -8.83 -50.99
CA ILE E 275 6.06 -7.71 -50.04
C ILE E 275 4.72 -7.01 -49.76
N TYR E 276 3.69 -7.32 -50.54
CA TYR E 276 2.37 -6.71 -50.35
C TYR E 276 1.26 -7.58 -50.91
N ASN E 277 0.15 -7.65 -50.18
CA ASN E 277 -0.98 -8.47 -50.58
C ASN E 277 -2.27 -8.01 -49.89
N SER E 278 -3.24 -7.57 -50.69
CA SER E 278 -4.55 -7.14 -50.19
C SER E 278 -5.62 -7.17 -51.27
N THR E 279 -6.88 -7.07 -50.86
CA THR E 279 -8.01 -7.14 -51.79
C THR E 279 -8.69 -5.78 -51.88
N VAL E 280 -9.01 -5.38 -53.11
CA VAL E 280 -9.60 -4.06 -53.37
C VAL E 280 -10.99 -4.10 -54.02
N PRO E 281 -11.79 -3.04 -53.76
CA PRO E 281 -13.08 -2.88 -54.43
C PRO E 281 -12.89 -2.48 -55.90
N PRO E 282 -13.94 -2.64 -56.73
CA PRO E 282 -13.91 -2.20 -58.12
C PRO E 282 -13.69 -0.70 -58.26
N GLY E 283 -12.91 -0.30 -59.26
CA GLY E 283 -12.57 1.10 -59.48
C GLY E 283 -11.16 1.42 -59.04
N PRO E 284 -10.78 2.71 -59.10
CA PRO E 284 -9.44 3.19 -58.73
C PRO E 284 -8.98 2.87 -57.30
N PHE E 285 -7.70 2.55 -57.18
CA PHE E 285 -7.05 2.37 -55.88
C PHE E 285 -5.67 3.02 -55.90
N THR E 286 -5.24 3.53 -54.75
CA THR E 286 -3.88 4.03 -54.57
C THR E 286 -3.28 3.28 -53.39
N ILE E 287 -2.08 2.73 -53.58
CA ILE E 287 -1.37 2.09 -52.48
C ILE E 287 -0.20 2.96 -52.01
N ASN E 288 -0.37 3.56 -50.84
CA ASN E 288 0.64 4.44 -50.26
C ASN E 288 1.25 3.82 -49.01
N ASP E 289 1.21 2.49 -48.98
CA ASP E 289 1.40 1.69 -47.79
C ASP E 289 2.69 0.86 -47.80
N ILE E 290 3.53 1.07 -48.80
CA ILE E 290 4.66 0.19 -49.02
C ILE E 290 5.86 0.60 -48.15
N TYR E 291 6.37 -0.36 -47.37
CA TYR E 291 7.60 -0.20 -46.60
C TYR E 291 8.73 0.22 -47.53
N ALA E 292 9.53 1.19 -47.08
CA ALA E 292 10.62 1.73 -47.90
C ALA E 292 11.74 0.72 -48.02
N ALA E 293 12.29 0.63 -49.24
CA ALA E 293 13.33 -0.32 -49.60
C ALA E 293 13.93 0.12 -50.94
N GLY E 294 14.46 1.35 -50.93
CA GLY E 294 14.98 2.03 -52.12
C GLY E 294 16.35 1.58 -52.61
N ASN E 295 16.76 0.38 -52.20
CA ASN E 295 17.94 -0.27 -52.78
C ASN E 295 17.67 -1.71 -53.16
N SER E 296 16.45 -2.16 -52.93
CA SER E 296 16.11 -3.57 -53.08
C SER E 296 15.62 -3.99 -54.47
N GLY E 297 15.57 -3.06 -55.41
CA GLY E 297 15.19 -3.38 -56.78
C GLY E 297 13.72 -3.11 -57.08
N ASP E 298 13.30 -3.50 -58.28
CA ASP E 298 11.99 -3.14 -58.83
C ASP E 298 10.80 -3.87 -58.22
N LEU E 299 9.65 -3.18 -58.23
CA LEU E 299 8.38 -3.73 -57.75
C LEU E 299 7.61 -4.33 -58.92
N GLN E 300 7.09 -5.53 -58.73
CA GLN E 300 6.25 -6.17 -59.75
C GLN E 300 4.83 -6.28 -59.26
N VAL E 301 3.97 -5.42 -59.80
CA VAL E 301 2.58 -5.33 -59.36
C VAL E 301 1.70 -6.16 -60.26
N THR E 302 0.81 -6.93 -59.65
CA THR E 302 -0.10 -7.79 -60.39
C THR E 302 -1.52 -7.72 -59.84
N ILE E 303 -2.45 -7.32 -60.68
CA ILE E 303 -3.87 -7.20 -60.33
C ILE E 303 -4.66 -8.39 -60.91
N LYS E 304 -5.03 -9.32 -60.03
CA LYS E 304 -5.73 -10.55 -60.43
C LYS E 304 -7.23 -10.43 -60.14
N GLU E 305 -8.03 -10.42 -61.19
CA GLU E 305 -9.48 -10.19 -61.07
C GLU E 305 -10.22 -11.45 -60.61
N ALA E 306 -11.56 -11.34 -60.52
CA ALA E 306 -12.42 -12.45 -60.09
C ALA E 306 -12.49 -13.59 -61.10
N ASP E 307 -12.61 -13.24 -62.38
CA ASP E 307 -12.69 -14.24 -63.45
C ASP E 307 -11.35 -14.94 -63.74
N GLY E 308 -10.26 -14.40 -63.22
CA GLY E 308 -8.92 -14.99 -63.38
C GLY E 308 -7.94 -14.17 -64.20
N SER E 309 -8.45 -13.14 -64.89
CA SER E 309 -7.63 -12.25 -65.72
C SER E 309 -6.79 -11.29 -64.88
N THR E 310 -5.62 -10.93 -65.41
CA THR E 310 -4.63 -10.18 -64.63
C THR E 310 -4.24 -8.87 -65.30
N GLN E 311 -3.65 -7.98 -64.50
CA GLN E 311 -2.81 -6.89 -65.00
C GLN E 311 -1.43 -7.12 -64.37
N ILE E 312 -0.39 -7.12 -65.20
CA ILE E 312 0.97 -7.34 -64.72
C ILE E 312 1.89 -6.25 -65.24
N PHE E 313 2.39 -5.42 -64.33
CA PHE E 313 3.31 -4.34 -64.67
C PHE E 313 4.36 -4.15 -63.59
N THR E 314 5.52 -3.64 -63.99
CA THR E 314 6.62 -3.47 -63.04
C THR E 314 6.92 -1.99 -62.75
N VAL E 315 6.62 -1.58 -61.52
CA VAL E 315 6.96 -0.25 -61.05
C VAL E 315 8.42 -0.24 -60.65
N PRO E 316 9.23 0.63 -61.28
CA PRO E 316 10.64 0.69 -60.90
C PRO E 316 10.82 1.54 -59.65
N TYR E 317 11.89 1.27 -58.92
CA TYR E 317 12.03 1.85 -57.60
C TYR E 317 13.50 2.06 -57.26
N SER E 318 13.93 3.31 -57.39
CA SER E 318 15.18 3.80 -56.81
C SER E 318 14.86 4.93 -55.82
N SER E 319 15.82 5.28 -54.97
CA SER E 319 15.61 6.37 -54.02
C SER E 319 16.86 7.18 -53.70
N VAL E 320 16.66 8.44 -53.36
CA VAL E 320 17.72 9.36 -52.94
C VAL E 320 17.22 10.00 -51.64
N PRO E 321 18.10 10.18 -50.63
CA PRO E 321 17.66 10.57 -49.28
C PRO E 321 16.60 11.67 -49.23
N LEU E 322 16.79 12.71 -50.02
CA LEU E 322 15.93 13.90 -49.98
C LEU E 322 14.49 13.70 -50.48
N LEU E 323 14.23 12.64 -51.24
CA LEU E 323 12.89 12.36 -51.78
C LEU E 323 11.85 12.13 -50.70
N GLN E 324 10.67 12.73 -50.88
CA GLN E 324 9.52 12.48 -50.02
C GLN E 324 8.49 11.57 -50.69
N ARG E 325 7.69 10.89 -49.87
CA ARG E 325 6.61 10.07 -50.39
C ARG E 325 5.47 10.99 -50.82
N GLU E 326 4.85 10.65 -51.94
CA GLU E 326 3.74 11.45 -52.51
C GLU E 326 2.79 11.91 -51.44
N GLY E 327 2.54 13.21 -51.40
CA GLY E 327 1.65 13.80 -50.40
C GLY E 327 2.25 14.06 -49.03
N HIS E 328 3.57 13.93 -48.88
CA HIS E 328 4.20 14.17 -47.59
C HIS E 328 5.06 15.45 -47.54
N THR E 329 4.97 16.12 -46.40
CA THR E 329 5.71 17.34 -46.14
C THR E 329 6.58 17.16 -44.90
N ARG E 330 7.89 17.30 -45.09
CA ARG E 330 8.82 17.46 -43.99
C ARG E 330 9.22 18.96 -43.94
N TYR E 331 9.21 19.54 -42.74
CA TYR E 331 9.56 20.95 -42.58
C TYR E 331 10.24 21.19 -41.23
N SER E 332 10.92 22.33 -41.12
CA SER E 332 11.60 22.75 -39.89
C SER E 332 11.81 24.25 -39.89
N ILE E 333 11.42 24.89 -38.77
CA ILE E 333 11.58 26.32 -38.58
C ILE E 333 12.38 26.52 -37.30
N THR E 334 13.48 27.25 -37.38
CA THR E 334 14.38 27.39 -36.25
C THR E 334 14.87 28.84 -36.12
N ALA E 335 15.02 29.29 -34.89
CA ALA E 335 15.61 30.58 -34.57
C ALA E 335 16.34 30.47 -33.23
N GLY E 336 17.55 31.03 -33.16
CA GLY E 336 18.41 30.97 -31.98
C GLY E 336 19.79 31.54 -32.27
N GLU E 337 20.78 31.15 -31.47
CA GLU E 337 22.17 31.54 -31.71
C GLU E 337 23.04 30.33 -32.10
N TYR E 338 23.89 30.50 -33.11
CA TYR E 338 24.83 29.48 -33.53
C TYR E 338 25.81 29.11 -32.41
N ARG E 339 25.72 27.88 -31.92
CA ARG E 339 26.56 27.42 -30.80
C ARG E 339 27.26 26.10 -31.12
N SER E 340 28.45 26.19 -31.72
CA SER E 340 29.15 25.02 -32.23
C SER E 340 30.03 24.28 -31.22
N GLY E 341 30.54 25.00 -30.23
CA GLY E 341 31.45 24.40 -29.25
C GLY E 341 32.89 24.68 -29.60
N ASN E 342 33.08 25.31 -30.75
CA ASN E 342 34.39 25.79 -31.18
C ASN E 342 34.63 27.18 -30.60
N ALA E 343 35.63 27.28 -29.72
CA ALA E 343 35.98 28.53 -29.06
C ALA E 343 36.54 29.58 -30.03
N GLN E 344 37.04 29.12 -31.17
CA GLN E 344 37.50 30.03 -32.24
C GLN E 344 36.34 30.61 -33.09
N GLN E 345 35.11 30.26 -32.71
CA GLN E 345 33.91 30.70 -33.41
C GLN E 345 33.01 31.54 -32.50
N GLU E 346 32.21 32.41 -33.10
CA GLU E 346 31.29 33.27 -32.36
C GLU E 346 29.90 32.67 -32.23
N LYS E 347 28.91 33.50 -31.91
CA LYS E 347 27.56 33.02 -31.60
C LYS E 347 26.44 33.81 -32.29
N PRO E 348 26.50 33.97 -33.62
CA PRO E 348 25.54 34.87 -34.25
C PRO E 348 24.14 34.28 -34.25
N ARG E 349 23.16 35.12 -33.94
CA ARG E 349 21.74 34.80 -34.09
C ARG E 349 21.43 34.50 -35.55
N PHE E 350 20.36 33.75 -35.79
CA PHE E 350 20.03 33.30 -37.15
C PHE E 350 18.60 32.80 -37.26
N PHE E 351 18.13 32.68 -38.50
CA PHE E 351 16.86 32.06 -38.82
C PHE E 351 17.12 31.02 -39.90
N GLN E 352 16.45 29.88 -39.78
CA GLN E 352 16.58 28.81 -40.76
C GLN E 352 15.27 28.06 -40.85
N SER E 353 14.66 28.09 -42.02
CA SER E 353 13.54 27.25 -42.30
C SER E 353 13.86 26.38 -43.52
N THR E 354 13.34 25.15 -43.52
CA THR E 354 13.62 24.19 -44.59
C THR E 354 12.32 23.46 -44.85
N LEU E 355 12.07 23.14 -46.11
CA LEU E 355 10.78 22.58 -46.51
C LEU E 355 10.99 21.58 -47.64
N LEU E 356 10.39 20.40 -47.50
CA LEU E 356 10.52 19.32 -48.46
C LEU E 356 9.16 18.72 -48.74
N HIS E 357 8.73 18.70 -50.01
CA HIS E 357 7.41 18.19 -50.35
C HIS E 357 7.42 17.09 -51.39
N GLY E 358 6.53 16.12 -51.22
CA GLY E 358 6.41 14.99 -52.15
C GLY E 358 5.20 15.09 -53.06
N LEU E 359 5.48 15.14 -54.37
CA LEU E 359 4.43 15.36 -55.36
C LEU E 359 3.96 14.04 -55.99
N PRO E 360 2.91 14.10 -56.83
CA PRO E 360 2.51 12.92 -57.64
C PRO E 360 3.63 12.44 -58.56
N ALA E 361 3.52 11.19 -59.01
CA ALA E 361 4.46 10.55 -59.94
C ALA E 361 5.95 10.69 -59.56
N GLY E 362 6.23 10.54 -58.27
CA GLY E 362 7.60 10.46 -57.75
C GLY E 362 8.47 11.70 -57.77
N TRP E 363 7.88 12.86 -58.08
CA TRP E 363 8.58 14.13 -58.04
C TRP E 363 8.68 14.66 -56.61
N THR E 364 9.80 15.30 -56.31
CA THR E 364 9.97 16.00 -55.04
C THR E 364 10.54 17.39 -55.28
N ILE E 365 9.92 18.38 -54.64
CA ILE E 365 10.46 19.73 -54.61
C ILE E 365 10.76 20.07 -53.16
N TYR E 366 11.85 20.80 -52.96
CA TYR E 366 12.30 21.14 -51.64
C TYR E 366 13.14 22.40 -51.69
N GLY E 367 13.43 22.96 -50.52
CA GLY E 367 14.31 24.10 -50.42
C GLY E 367 14.31 24.64 -49.00
N GLY E 368 15.04 25.73 -48.80
CA GLY E 368 15.09 26.34 -47.50
C GLY E 368 15.83 27.66 -47.55
N THR E 369 15.96 28.28 -46.38
CA THR E 369 16.60 29.57 -46.27
C THR E 369 17.37 29.69 -44.94
N GLN E 370 18.49 30.40 -44.97
CA GLN E 370 19.24 30.74 -43.78
C GLN E 370 19.45 32.26 -43.77
N LEU E 371 19.11 32.89 -42.65
CA LEU E 371 19.25 34.34 -42.53
C LEU E 371 20.02 34.72 -41.28
N ALA E 372 21.07 35.52 -41.46
CA ALA E 372 21.93 35.93 -40.35
C ALA E 372 22.63 37.25 -40.64
N ASP E 373 23.10 37.93 -39.60
CA ASP E 373 23.75 39.23 -39.75
C ASP E 373 24.80 39.23 -40.84
N ARG E 374 25.55 38.15 -40.94
CA ARG E 374 26.72 38.10 -41.82
C ARG E 374 26.61 37.03 -42.89
N TYR E 375 25.38 36.56 -43.16
CA TYR E 375 25.19 35.44 -44.06
C TYR E 375 23.73 35.34 -44.45
N ARG E 376 23.47 35.24 -45.75
CA ARG E 376 22.15 34.85 -46.19
C ARG E 376 22.27 33.81 -47.28
N ALA E 377 21.41 32.80 -47.21
CA ALA E 377 21.45 31.71 -48.16
C ALA E 377 20.05 31.26 -48.54
N PHE E 378 19.87 30.92 -49.82
CA PHE E 378 18.59 30.44 -50.31
C PHE E 378 18.85 29.20 -51.14
N ASN E 379 18.06 28.16 -50.89
CA ASN E 379 18.24 26.88 -51.55
C ASN E 379 16.93 26.43 -52.15
N PHE E 380 16.99 25.99 -53.41
CA PHE E 380 15.87 25.32 -54.06
C PHE E 380 16.36 24.02 -54.70
N GLY E 381 15.52 23.00 -54.72
CA GLY E 381 15.89 21.71 -55.25
C GLY E 381 14.73 20.91 -55.76
N ILE E 382 14.99 20.07 -56.75
CA ILE E 382 14.02 19.13 -57.29
C ILE E 382 14.63 17.75 -57.27
N GLY E 383 13.82 16.72 -57.08
CA GLY E 383 14.29 15.35 -57.14
C GLY E 383 13.22 14.41 -57.64
N LYS E 384 13.62 13.43 -58.44
CA LYS E 384 12.66 12.47 -58.99
C LYS E 384 13.20 11.03 -59.01
N ASN E 385 12.33 10.10 -58.64
CA ASN E 385 12.52 8.68 -58.91
C ASN E 385 12.20 8.43 -60.38
N MET E 386 13.23 8.47 -61.22
CA MET E 386 13.06 8.37 -62.67
C MET E 386 12.77 6.94 -63.13
N GLY E 387 12.40 6.08 -62.19
CA GLY E 387 12.17 4.68 -62.49
C GLY E 387 13.39 3.95 -63.05
N ALA E 388 13.31 3.57 -64.32
CA ALA E 388 14.31 2.71 -64.96
C ALA E 388 15.73 3.27 -64.95
N LEU E 389 15.83 4.59 -65.07
CA LEU E 389 17.14 5.27 -65.07
C LEU E 389 17.70 5.50 -63.67
N GLY E 390 16.91 5.18 -62.64
CA GLY E 390 17.34 5.36 -61.25
C GLY E 390 16.68 6.57 -60.61
N ALA E 391 17.26 7.07 -59.52
CA ALA E 391 16.76 8.28 -58.85
C ALA E 391 17.77 9.41 -58.80
N LEU E 392 17.29 10.63 -59.01
CA LEU E 392 18.14 11.81 -59.07
C LEU E 392 17.55 13.01 -58.35
N SER E 393 18.40 13.77 -57.66
CA SER E 393 18.02 15.06 -57.15
C SER E 393 19.11 16.09 -57.44
N VAL E 394 18.67 17.31 -57.73
CA VAL E 394 19.56 18.43 -57.98
C VAL E 394 19.06 19.59 -57.13
N ASP E 395 19.98 20.29 -56.47
CA ASP E 395 19.64 21.53 -55.79
C ASP E 395 20.74 22.57 -55.93
N MET E 396 20.32 23.83 -55.97
CA MET E 396 21.23 24.95 -56.01
C MET E 396 21.06 25.77 -54.75
N THR E 397 22.19 26.26 -54.24
CA THR E 397 22.23 27.10 -53.06
C THR E 397 22.93 28.41 -53.41
N GLN E 398 22.25 29.52 -53.19
CA GLN E 398 22.82 30.82 -53.47
C GLN E 398 23.14 31.52 -52.16
N ALA E 399 24.42 31.85 -51.95
CA ALA E 399 24.87 32.41 -50.68
C ALA E 399 25.63 33.73 -50.78
N ASN E 400 25.22 34.68 -49.94
CA ASN E 400 26.00 35.90 -49.68
C ASN E 400 26.59 35.85 -48.28
N SER E 401 27.89 36.11 -48.20
CA SER E 401 28.61 35.90 -46.95
C SER E 401 29.64 36.99 -46.69
N THR E 402 29.79 37.36 -45.42
CA THR E 402 30.85 38.26 -45.02
C THR E 402 31.81 37.47 -44.15
N LEU E 403 33.09 37.52 -44.51
CA LEU E 403 34.10 36.74 -43.80
C LEU E 403 34.63 37.51 -42.60
N PRO E 404 35.41 36.85 -41.71
CA PRO E 404 35.99 37.55 -40.57
C PRO E 404 36.86 38.76 -40.95
N ASP E 405 37.58 38.68 -42.08
CA ASP E 405 38.38 39.82 -42.55
C ASP E 405 37.51 40.93 -43.15
N ASP E 406 36.20 40.71 -43.12
CA ASP E 406 35.17 41.70 -43.46
C ASP E 406 34.86 41.87 -44.96
N SER E 407 35.50 41.05 -45.80
CA SER E 407 35.21 41.04 -47.24
C SER E 407 33.87 40.35 -47.55
N GLN E 408 33.14 40.91 -48.51
CA GLN E 408 31.80 40.41 -48.87
C GLN E 408 31.90 39.48 -50.07
N HIS E 409 31.27 38.32 -49.95
CA HIS E 409 31.40 37.27 -50.96
C HIS E 409 30.06 36.73 -51.40
N ASP E 410 29.98 36.40 -52.68
CA ASP E 410 28.76 35.97 -53.32
C ASP E 410 29.06 34.70 -54.09
N GLY E 411 28.26 33.66 -53.90
CA GLY E 411 28.58 32.37 -54.48
C GLY E 411 27.42 31.41 -54.63
N GLN E 412 27.66 30.36 -55.40
CA GLN E 412 26.65 29.37 -55.64
C GLN E 412 27.24 27.98 -55.47
N SER E 413 26.36 26.99 -55.31
CA SER E 413 26.76 25.63 -55.08
C SER E 413 25.65 24.70 -55.53
N VAL E 414 25.98 23.74 -56.38
CA VAL E 414 24.99 22.79 -56.88
C VAL E 414 25.35 21.44 -56.32
N ARG E 415 24.35 20.63 -55.97
CA ARG E 415 24.63 19.23 -55.64
C ARG E 415 23.73 18.28 -56.40
N PHE E 416 24.36 17.25 -56.97
CA PHE E 416 23.67 16.15 -57.65
C PHE E 416 23.75 14.91 -56.77
N LEU E 417 22.63 14.20 -56.61
CA LEU E 417 22.63 12.94 -55.90
C LEU E 417 21.92 11.85 -56.71
N TYR E 418 22.67 10.83 -57.11
CA TYR E 418 22.13 9.76 -57.95
C TYR E 418 22.19 8.42 -57.25
N ASN E 419 21.07 7.69 -57.29
CA ASN E 419 20.99 6.32 -56.78
C ASN E 419 20.34 5.38 -57.77
N LYS E 420 20.84 4.15 -57.82
CA LYS E 420 20.21 3.12 -58.60
C LYS E 420 20.18 1.86 -57.76
N SER E 421 18.96 1.45 -57.41
CA SER E 421 18.74 0.27 -56.58
C SER E 421 19.10 -1.01 -57.33
N LEU E 422 19.00 -2.15 -56.63
CA LEU E 422 19.57 -3.42 -57.10
C LEU E 422 19.16 -3.86 -58.51
N ASN E 423 20.19 -4.09 -59.33
CA ASN E 423 20.11 -4.57 -60.71
C ASN E 423 19.61 -6.00 -60.90
N GLU E 424 19.36 -6.31 -62.18
CA GLU E 424 19.30 -7.68 -62.64
C GLU E 424 20.61 -8.40 -62.31
N SER E 425 21.73 -7.70 -62.49
CA SER E 425 23.07 -8.30 -62.36
C SER E 425 23.73 -8.10 -60.99
N GLY E 426 22.95 -7.72 -59.97
CA GLY E 426 23.49 -7.50 -58.63
C GLY E 426 24.36 -6.25 -58.47
N THR E 427 24.24 -5.31 -59.40
CA THR E 427 24.89 -4.00 -59.24
C THR E 427 23.94 -3.12 -58.46
N ASN E 428 24.44 -2.53 -57.38
CA ASN E 428 23.67 -1.58 -56.58
C ASN E 428 24.42 -0.28 -56.51
N ILE E 429 24.09 0.64 -57.42
CA ILE E 429 24.69 1.97 -57.41
C ILE E 429 24.08 2.79 -56.27
N GLN E 430 24.73 2.72 -55.10
CA GLN E 430 24.18 3.23 -53.86
C GLN E 430 24.20 4.76 -53.73
N LEU E 431 25.31 5.40 -54.10
CA LEU E 431 25.34 6.85 -54.10
C LEU E 431 26.40 7.39 -55.01
N VAL E 432 25.98 8.03 -56.11
CA VAL E 432 26.87 8.87 -56.88
C VAL E 432 26.54 10.30 -56.46
N GLY E 433 27.53 11.02 -55.95
CA GLY E 433 27.28 12.34 -55.40
C GLY E 433 28.32 13.38 -55.79
N TYR E 434 27.87 14.46 -56.41
CA TYR E 434 28.77 15.52 -56.84
C TYR E 434 28.29 16.91 -56.42
N ARG E 435 29.15 17.62 -55.71
CA ARG E 435 28.87 19.00 -55.32
C ARG E 435 29.90 19.87 -55.98
N TYR E 436 29.45 20.96 -56.61
CA TYR E 436 30.34 21.96 -57.17
C TYR E 436 30.05 23.34 -56.58
N SER E 437 31.12 24.00 -56.12
CA SER E 437 31.00 25.30 -55.48
C SER E 437 31.90 26.34 -56.12
N THR E 438 31.36 27.53 -56.39
CA THR E 438 32.11 28.59 -57.04
C THR E 438 33.06 29.27 -56.06
N SER E 439 33.95 30.12 -56.58
CA SER E 439 34.99 30.75 -55.77
C SER E 439 34.46 31.38 -54.50
N GLY E 440 33.32 32.07 -54.61
CA GLY E 440 32.82 32.92 -53.53
C GLY E 440 31.73 32.29 -52.66
N TYR E 441 31.48 31.01 -52.85
CA TYR E 441 30.49 30.31 -52.04
C TYR E 441 31.06 29.94 -50.67
N PHE E 442 30.23 30.10 -49.63
CA PHE E 442 30.58 29.65 -48.28
C PHE E 442 29.36 29.13 -47.53
N ASN E 443 29.60 28.31 -46.52
CA ASN E 443 28.55 27.88 -45.60
C ASN E 443 28.50 28.81 -44.40
N PHE E 444 27.36 28.82 -43.72
CA PHE E 444 27.16 29.66 -42.55
C PHE E 444 28.34 29.59 -41.57
N ALA E 445 28.77 28.36 -41.26
CA ALA E 445 29.88 28.11 -40.35
C ALA E 445 31.13 28.90 -40.70
N ASP E 446 31.37 29.09 -42.00
CA ASP E 446 32.54 29.81 -42.48
C ASP E 446 32.56 31.24 -41.92
N THR E 447 31.37 31.82 -41.74
CA THR E 447 31.25 33.21 -41.29
C THR E 447 31.30 33.44 -39.78
N THR E 448 31.27 32.36 -39.01
CA THR E 448 31.18 32.49 -37.57
C THR E 448 32.54 32.49 -36.93
N TYR E 449 33.58 32.31 -37.74
CA TYR E 449 34.94 32.27 -37.26
C TYR E 449 35.43 33.64 -36.76
N SER E 450 36.35 33.60 -35.79
CA SER E 450 36.98 34.80 -35.27
C SER E 450 38.13 35.27 -36.16
N ARG E 451 39.02 34.35 -36.51
CA ARG E 451 40.15 34.65 -37.41
C ARG E 451 40.01 33.93 -38.75
N MET E 452 40.62 34.51 -39.79
CA MET E 452 40.63 33.92 -41.13
C MET E 452 41.43 32.62 -41.20
N ASN E 453 42.66 32.68 -40.71
CA ASN E 453 43.61 31.58 -40.76
C ASN E 453 43.22 30.45 -39.80
N TYR E 473 44.80 22.64 -38.79
CA TYR E 473 44.51 24.07 -38.85
C TYR E 473 43.48 24.34 -39.95
N TYR E 474 42.64 25.34 -39.72
CA TYR E 474 41.62 25.76 -40.69
C TYR E 474 42.08 26.97 -41.50
N ASN E 475 41.56 27.08 -42.73
CA ASN E 475 41.87 28.21 -43.60
C ASN E 475 40.75 28.51 -44.58
N LEU E 476 40.37 29.79 -44.66
CA LEU E 476 39.21 30.20 -45.47
C LEU E 476 39.54 30.65 -46.90
N ALA E 477 40.83 30.81 -47.20
CA ALA E 477 41.26 31.09 -48.57
C ALA E 477 41.22 29.82 -49.41
N TYR E 478 41.32 28.67 -48.72
CA TYR E 478 41.26 27.35 -49.36
C TYR E 478 39.94 26.65 -49.06
N ASN E 479 38.86 27.25 -49.57
CA ASN E 479 37.52 26.70 -49.44
C ASN E 479 37.22 25.72 -50.59
N LYS E 480 36.32 24.79 -50.32
CA LYS E 480 36.11 23.63 -51.17
C LYS E 480 35.48 23.99 -52.52
N ARG E 481 36.06 23.46 -53.60
CA ARG E 481 35.50 23.63 -54.93
C ARG E 481 34.51 22.51 -55.30
N GLY E 482 35.00 21.32 -55.61
CA GLY E 482 34.14 20.22 -56.06
C GLY E 482 34.36 18.89 -55.37
N LYS E 483 33.27 18.22 -55.01
CA LYS E 483 33.35 16.94 -54.29
C LYS E 483 32.61 15.80 -54.99
N LEU E 484 33.31 14.69 -55.21
CA LEU E 484 32.68 13.47 -55.70
C LEU E 484 32.62 12.38 -54.62
N GLN E 485 31.44 11.82 -54.40
CA GLN E 485 31.26 10.67 -53.52
C GLN E 485 30.71 9.56 -54.39
N LEU E 486 31.09 8.33 -54.06
CA LEU E 486 30.66 7.18 -54.84
C LEU E 486 30.61 5.96 -53.94
N THR E 487 29.44 5.31 -53.92
CA THR E 487 29.30 4.01 -53.26
C THR E 487 28.61 3.04 -54.20
N VAL E 488 29.29 1.93 -54.48
CA VAL E 488 28.80 0.91 -55.40
C VAL E 488 29.03 -0.44 -54.77
N THR E 489 28.07 -1.35 -54.94
CA THR E 489 28.26 -2.76 -54.60
C THR E 489 27.99 -3.66 -55.81
N GLN E 490 28.74 -4.74 -55.93
CA GLN E 490 28.47 -5.74 -56.96
C GLN E 490 28.37 -7.11 -56.33
N GLN E 491 27.27 -7.81 -56.62
CA GLN E 491 27.15 -9.22 -56.29
C GLN E 491 28.08 -10.01 -57.19
N LEU E 492 28.74 -11.01 -56.62
CA LEU E 492 29.53 -11.96 -57.37
C LEU E 492 29.05 -13.34 -56.96
N GLY E 493 27.85 -13.68 -57.42
CA GLY E 493 27.22 -14.97 -57.12
C GLY E 493 26.44 -14.95 -55.82
N ARG E 494 26.11 -16.14 -55.33
CA ARG E 494 25.29 -16.34 -54.14
C ARG E 494 25.95 -15.83 -52.85
N THR E 495 27.27 -16.05 -52.73
CA THR E 495 27.95 -15.93 -51.44
C THR E 495 28.94 -14.77 -51.30
N SER E 496 29.34 -14.17 -52.41
CA SER E 496 30.27 -13.04 -52.36
C SER E 496 29.66 -11.70 -52.81
N THR E 497 30.27 -10.60 -52.35
CA THR E 497 29.88 -9.23 -52.70
C THR E 497 31.11 -8.33 -52.74
N LEU E 498 31.20 -7.50 -53.78
CA LEU E 498 32.26 -6.51 -53.89
C LEU E 498 31.73 -5.12 -53.49
N TYR E 499 32.60 -4.29 -52.93
CA TYR E 499 32.23 -2.99 -52.39
C TYR E 499 33.23 -1.92 -52.81
N LEU E 500 32.77 -0.89 -53.51
CA LEU E 500 33.64 0.23 -53.90
C LEU E 500 33.09 1.54 -53.35
N SER E 501 33.93 2.31 -52.67
CA SER E 501 33.56 3.64 -52.21
C SER E 501 34.75 4.59 -52.31
N GLY E 502 34.48 5.83 -52.72
CA GLY E 502 35.55 6.83 -52.82
C GLY E 502 35.06 8.26 -52.85
N SER E 503 35.97 9.18 -52.52
CA SER E 503 35.69 10.62 -52.53
C SER E 503 36.87 11.41 -53.06
N HIS E 504 36.59 12.52 -53.74
CA HIS E 504 37.61 13.31 -54.41
C HIS E 504 37.24 14.78 -54.28
N GLN E 505 38.14 15.56 -53.68
CA GLN E 505 37.89 16.97 -53.35
C GLN E 505 38.89 17.96 -53.94
N THR E 506 38.46 18.79 -54.89
CA THR E 506 39.31 19.88 -55.35
C THR E 506 39.08 21.13 -54.49
N TYR E 507 39.97 22.11 -54.60
CA TYR E 507 39.88 23.36 -53.85
C TYR E 507 40.23 24.55 -54.73
N TRP E 508 39.64 25.70 -54.42
CA TRP E 508 40.07 26.97 -54.97
C TRP E 508 41.32 27.42 -54.21
N GLY E 509 42.38 27.74 -54.96
CA GLY E 509 43.63 28.17 -54.35
C GLY E 509 44.82 27.33 -54.75
N THR E 510 44.77 26.04 -54.47
CA THR E 510 45.87 25.13 -54.82
C THR E 510 45.48 24.10 -55.89
N SER E 511 46.12 22.94 -55.83
CA SER E 511 45.80 21.81 -56.72
C SER E 511 45.79 20.50 -55.92
N ASN E 512 46.22 20.59 -54.66
CA ASN E 512 46.23 19.45 -53.75
C ASN E 512 44.83 18.91 -53.57
N VAL E 513 44.61 17.70 -54.06
CA VAL E 513 43.32 17.03 -53.98
C VAL E 513 43.18 16.36 -52.61
N ASP E 514 41.96 15.93 -52.27
CA ASP E 514 41.73 15.11 -51.08
C ASP E 514 41.13 13.77 -51.44
N GLU E 515 41.89 12.97 -52.19
CA GLU E 515 41.48 11.63 -52.63
C GLU E 515 41.26 10.66 -51.46
N GLN E 516 40.50 9.61 -51.72
CA GLN E 516 40.15 8.57 -50.74
C GLN E 516 39.37 7.48 -51.49
N PHE E 517 39.69 6.23 -51.20
CA PHE E 517 39.10 5.11 -51.91
C PHE E 517 39.16 3.86 -51.05
N GLN E 518 38.04 3.15 -50.97
CA GLN E 518 38.00 1.87 -50.28
C GLN E 518 37.32 0.81 -51.15
N ALA E 519 38.03 -0.30 -51.35
CA ALA E 519 37.47 -1.47 -52.01
C ALA E 519 37.61 -2.64 -51.07
N GLY E 520 36.54 -3.43 -50.95
CA GLY E 520 36.54 -4.55 -50.04
C GLY E 520 35.65 -5.67 -50.52
N LEU E 521 36.05 -6.89 -50.23
CA LEU E 521 35.37 -8.09 -50.69
C LEU E 521 34.95 -8.91 -49.49
N ASN E 522 33.70 -9.32 -49.46
CA ASN E 522 33.15 -10.15 -48.38
C ASN E 522 32.53 -11.44 -48.91
N THR E 523 33.02 -12.57 -48.41
CA THR E 523 32.47 -13.88 -48.79
C THR E 523 31.90 -14.58 -47.56
N ALA E 524 30.79 -15.28 -47.78
CA ALA E 524 30.21 -16.15 -46.78
C ALA E 524 30.56 -17.61 -47.09
N PHE E 525 30.82 -18.37 -46.03
CA PHE E 525 31.11 -19.78 -46.13
C PHE E 525 30.27 -20.42 -45.02
N GLU E 526 29.05 -20.84 -45.38
CA GLU E 526 28.03 -21.29 -44.41
C GLU E 526 27.80 -20.23 -43.33
N ASP E 527 28.12 -20.57 -42.07
CA ASP E 527 28.07 -19.61 -40.97
C ASP E 527 29.14 -18.54 -41.12
N ILE E 528 30.32 -18.97 -41.56
CA ILE E 528 31.51 -18.14 -41.57
C ILE E 528 31.40 -16.95 -42.51
N ASN E 529 31.78 -15.78 -42.03
CA ASN E 529 32.01 -14.63 -42.90
C ASN E 529 33.49 -14.39 -43.01
N TRP E 530 33.88 -13.94 -44.19
CA TRP E 530 35.26 -13.74 -44.52
C TRP E 530 35.30 -12.38 -45.21
N THR E 531 36.29 -11.54 -44.88
CA THR E 531 36.39 -10.22 -45.49
C THR E 531 37.83 -9.88 -45.82
N LEU E 532 38.06 -9.39 -47.04
CA LEU E 532 39.32 -8.74 -47.39
C LEU E 532 39.04 -7.32 -47.86
N SER E 533 39.86 -6.36 -47.43
CA SER E 533 39.62 -4.97 -47.75
C SER E 533 40.89 -4.13 -47.88
N TYR E 534 40.77 -3.01 -48.59
CA TYR E 534 41.88 -2.12 -48.86
C TYR E 534 41.37 -0.69 -48.92
N SER E 535 42.17 0.24 -48.40
CA SER E 535 41.82 1.67 -48.50
C SER E 535 43.06 2.54 -48.72
N LEU E 536 42.88 3.64 -49.44
CA LEU E 536 43.98 4.52 -49.83
C LEU E 536 43.59 5.99 -49.76
N THR E 537 44.11 6.72 -48.76
CA THR E 537 43.70 8.12 -48.53
C THR E 537 44.84 9.14 -48.71
N LYS E 538 44.63 10.12 -49.60
CA LYS E 538 45.58 11.20 -49.85
C LYS E 538 44.96 12.54 -49.44
N ASN E 539 45.66 13.28 -48.60
CA ASN E 539 45.16 14.60 -48.12
C ASN E 539 45.69 15.77 -48.94
N ALA E 540 45.15 16.95 -48.67
CA ALA E 540 45.64 18.18 -49.26
C ALA E 540 46.88 18.64 -48.50
N TRP E 541 46.70 18.98 -47.23
CA TRP E 541 47.77 19.47 -46.36
C TRP E 541 48.56 18.31 -45.75
N GLN E 542 49.14 17.49 -46.63
CA GLN E 542 49.80 16.24 -46.25
C GLN E 542 50.50 15.62 -47.46
N LYS E 543 51.76 15.24 -47.28
CA LYS E 543 52.53 14.53 -48.30
C LYS E 543 52.57 13.04 -47.97
N GLY E 544 52.30 12.21 -48.99
CA GLY E 544 52.31 10.76 -48.83
C GLY E 544 50.91 10.18 -48.68
N ARG E 545 50.74 8.98 -49.24
CA ARG E 545 49.49 8.22 -49.17
C ARG E 545 49.29 7.61 -47.79
N ASP E 546 48.12 7.01 -47.56
CA ASP E 546 47.85 6.27 -46.32
C ASP E 546 47.07 4.98 -46.59
N GLN E 547 47.79 3.87 -46.66
CA GLN E 547 47.20 2.59 -47.03
C GLN E 547 46.85 1.70 -45.81
N MET E 548 45.98 0.74 -46.05
CA MET E 548 45.56 -0.21 -45.02
C MET E 548 44.89 -1.38 -45.69
N LEU E 549 45.55 -2.52 -45.65
CA LEU E 549 44.98 -3.75 -46.14
C LEU E 549 44.54 -4.55 -44.93
N ALA E 550 43.40 -5.20 -45.04
CA ALA E 550 42.80 -5.87 -43.89
C ALA E 550 42.09 -7.16 -44.27
N LEU E 551 42.20 -8.15 -43.39
CA LEU E 551 41.53 -9.43 -43.57
C LEU E 551 40.82 -9.78 -42.27
N ASN E 552 39.60 -10.30 -42.37
CA ASN E 552 38.82 -10.65 -41.18
C ASN E 552 37.95 -11.88 -41.40
N VAL E 553 38.01 -12.81 -40.45
CA VAL E 553 37.24 -14.05 -40.49
C VAL E 553 36.48 -14.22 -39.17
N ASN E 554 35.17 -14.47 -39.30
CA ASN E 554 34.26 -14.71 -38.19
C ASN E 554 33.64 -16.11 -38.27
N ILE E 555 33.75 -16.86 -37.18
CA ILE E 555 33.28 -18.24 -37.15
C ILE E 555 32.43 -18.41 -35.89
N PRO E 556 31.10 -18.44 -36.05
CA PRO E 556 30.20 -18.72 -34.94
C PRO E 556 30.14 -20.22 -34.67
N PHE E 557 30.07 -20.60 -33.39
CA PHE E 557 30.02 -22.02 -33.03
C PHE E 557 28.60 -22.58 -32.97
N SER E 558 27.60 -21.75 -33.25
CA SER E 558 26.20 -22.15 -33.16
C SER E 558 25.93 -23.47 -33.86
N HIS E 559 26.26 -23.56 -35.14
CA HIS E 559 26.02 -24.77 -35.92
C HIS E 559 27.26 -25.68 -35.95
N TRP E 560 27.92 -25.78 -34.80
CA TRP E 560 28.99 -26.74 -34.56
C TRP E 560 28.52 -27.75 -33.53
N LEU E 561 27.27 -27.61 -33.15
CA LEU E 561 26.67 -28.40 -32.09
C LEU E 561 25.25 -28.76 -32.48
N ARG E 562 24.70 -29.77 -31.79
CA ARG E 562 23.30 -30.16 -31.96
C ARG E 562 22.42 -28.98 -31.59
N SER E 563 21.36 -28.75 -32.35
CA SER E 563 20.43 -27.67 -32.06
C SER E 563 19.76 -27.85 -30.70
N ASP E 564 19.76 -29.09 -30.19
CA ASP E 564 19.39 -29.41 -28.81
C ASP E 564 20.38 -28.79 -27.82
N SER E 565 21.66 -29.03 -28.04
CA SER E 565 22.74 -28.71 -27.10
C SER E 565 22.47 -27.43 -26.31
N LYS E 566 22.48 -27.56 -24.99
CA LYS E 566 22.29 -26.41 -24.12
C LYS E 566 23.59 -25.95 -23.45
N SER E 567 24.71 -26.15 -24.14
CA SER E 567 26.00 -25.64 -23.68
C SER E 567 26.15 -24.17 -24.09
N GLN E 568 27.15 -23.50 -23.52
CA GLN E 568 27.30 -22.06 -23.73
C GLN E 568 28.17 -21.71 -24.95
N TRP E 569 28.97 -22.66 -25.42
CA TRP E 569 29.82 -22.46 -26.60
C TRP E 569 29.02 -22.11 -27.86
N ARG E 570 27.76 -22.53 -27.90
CA ARG E 570 26.89 -22.24 -29.05
C ARG E 570 26.56 -20.76 -29.15
N HIS E 571 26.72 -20.06 -28.03
CA HIS E 571 26.57 -18.61 -27.94
C HIS E 571 27.92 -17.89 -28.17
N ALA E 572 28.94 -18.65 -28.56
CA ALA E 572 30.30 -18.13 -28.76
C ALA E 572 30.76 -18.16 -30.20
N SER E 573 31.68 -17.26 -30.52
CA SER E 573 32.26 -17.18 -31.84
C SER E 573 33.76 -16.97 -31.73
N ALA E 574 34.51 -17.55 -32.67
CA ALA E 574 35.92 -17.23 -32.83
C ALA E 574 36.09 -16.22 -33.96
N SER E 575 37.12 -15.40 -33.84
CA SER E 575 37.40 -14.37 -34.82
C SER E 575 38.88 -14.28 -35.04
N TYR E 576 39.26 -14.05 -36.29
CA TYR E 576 40.63 -13.76 -36.62
C TYR E 576 40.66 -12.58 -37.57
N SER E 577 41.67 -11.71 -37.41
CA SER E 577 41.83 -10.56 -38.31
C SER E 577 43.27 -10.07 -38.45
N MET E 578 43.58 -9.46 -39.58
CA MET E 578 44.90 -8.89 -39.87
C MET E 578 44.82 -7.48 -40.39
N SER E 579 45.82 -6.67 -40.05
CA SER E 579 45.99 -5.32 -40.60
C SER E 579 47.40 -5.20 -41.11
N HIS E 580 47.56 -4.47 -42.21
CA HIS E 580 48.88 -4.12 -42.70
C HIS E 580 48.77 -2.80 -43.45
N ASP E 581 49.52 -1.80 -42.98
CA ASP E 581 49.49 -0.47 -43.59
C ASP E 581 50.36 -0.38 -44.86
N LEU E 582 50.92 -1.51 -45.27
CA LEU E 582 51.84 -1.60 -46.41
C LEU E 582 53.12 -0.77 -46.25
N ASN E 583 53.31 -0.24 -45.04
CA ASN E 583 54.44 0.64 -44.73
C ASN E 583 55.31 0.08 -43.58
N GLY E 584 55.28 -1.24 -43.42
CA GLY E 584 56.04 -1.90 -42.36
C GLY E 584 55.17 -2.48 -41.24
N ARG E 585 54.28 -1.65 -40.71
CA ARG E 585 53.41 -2.04 -39.57
C ARG E 585 52.37 -3.10 -39.93
N MET E 586 52.15 -4.02 -38.99
CA MET E 586 51.23 -5.12 -39.17
C MET E 586 50.68 -5.57 -37.82
N THR E 587 49.36 -5.72 -37.73
CA THR E 587 48.72 -6.26 -36.54
C THR E 587 47.86 -7.46 -36.93
N ASN E 588 47.86 -8.49 -36.09
CA ASN E 588 46.89 -9.58 -36.21
C ASN E 588 46.29 -9.94 -34.85
N LEU E 589 45.10 -10.53 -34.86
CA LEU E 589 44.34 -10.67 -33.65
C LEU E 589 43.37 -11.84 -33.71
N ALA E 590 43.61 -12.85 -32.87
CA ALA E 590 42.67 -13.96 -32.69
C ALA E 590 41.85 -13.69 -31.45
N GLY E 591 40.58 -14.07 -31.49
CA GLY E 591 39.67 -13.76 -30.40
C GLY E 591 38.50 -14.71 -30.24
N VAL E 592 37.84 -14.60 -29.08
CA VAL E 592 36.59 -15.30 -28.79
C VAL E 592 35.67 -14.28 -28.13
N TYR E 593 34.37 -14.37 -28.41
CA TYR E 593 33.40 -13.41 -27.88
C TYR E 593 31.99 -14.00 -27.92
N GLY E 594 31.18 -13.68 -26.93
CA GLY E 594 29.79 -14.13 -26.88
C GLY E 594 29.09 -13.75 -25.59
N THR E 595 28.08 -14.53 -25.24
CA THR E 595 27.30 -14.29 -24.04
C THR E 595 27.25 -15.53 -23.14
N LEU E 596 27.07 -15.27 -21.83
CA LEU E 596 26.95 -16.28 -20.80
C LEU E 596 25.65 -16.03 -20.04
N LEU E 597 25.27 -17.01 -19.20
CA LEU E 597 24.10 -16.92 -18.29
C LEU E 597 22.79 -17.30 -18.96
N GLU E 598 21.84 -17.73 -18.14
CA GLU E 598 20.51 -18.16 -18.59
C GLU E 598 19.78 -17.10 -19.39
N ASP E 599 19.92 -15.83 -19.00
CA ASP E 599 19.25 -14.76 -19.71
C ASP E 599 20.14 -14.07 -20.76
N ASN E 600 21.43 -14.38 -20.73
CA ASN E 600 22.44 -13.80 -21.62
C ASN E 600 22.80 -12.32 -21.33
N ASN E 601 22.84 -12.00 -20.03
CA ASN E 601 23.17 -10.66 -19.55
C ASN E 601 24.64 -10.34 -19.58
N LEU E 602 25.46 -11.36 -19.81
CA LEU E 602 26.90 -11.20 -19.69
C LEU E 602 27.57 -11.33 -21.03
N SER E 603 28.08 -10.21 -21.53
CA SER E 603 28.82 -10.16 -22.78
C SER E 603 30.29 -10.23 -22.46
N TYR E 604 31.03 -11.02 -23.23
CA TYR E 604 32.46 -11.14 -23.08
C TYR E 604 33.19 -11.09 -24.42
N SER E 605 34.34 -10.43 -24.43
CA SER E 605 35.23 -10.41 -25.59
C SER E 605 36.67 -10.67 -25.13
N VAL E 606 37.39 -11.51 -25.86
CA VAL E 606 38.81 -11.75 -25.61
C VAL E 606 39.56 -11.75 -26.93
N GLN E 607 40.42 -10.76 -27.09
CA GLN E 607 41.25 -10.61 -28.28
C GLN E 607 42.71 -10.58 -27.87
N THR E 608 43.47 -11.58 -28.29
CA THR E 608 44.90 -11.54 -28.09
C THR E 608 45.67 -11.79 -29.38
N GLY E 609 46.69 -10.96 -29.63
CA GLY E 609 47.43 -10.99 -30.88
C GLY E 609 48.80 -10.34 -30.80
N TYR E 610 49.17 -9.60 -31.84
CA TYR E 610 50.51 -9.04 -32.00
C TYR E 610 50.53 -7.81 -32.91
N ALA E 611 51.22 -6.76 -32.48
CA ALA E 611 51.43 -5.56 -33.28
C ALA E 611 52.92 -5.29 -33.40
N GLY E 612 53.40 -5.16 -34.63
CA GLY E 612 54.84 -4.98 -34.86
C GLY E 612 55.19 -4.46 -36.24
N GLY E 613 56.35 -3.82 -36.33
CA GLY E 613 56.83 -3.21 -37.57
C GLY E 613 56.47 -1.74 -37.69
N GLY E 614 57.00 -1.08 -38.72
CA GLY E 614 56.66 0.31 -39.03
C GLY E 614 57.25 1.33 -38.08
N ASP E 615 56.42 1.77 -37.12
CA ASP E 615 56.78 2.79 -36.12
C ASP E 615 58.03 2.47 -35.31
N GLY E 616 58.38 1.18 -35.24
CA GLY E 616 59.45 0.69 -34.37
C GLY E 616 58.85 0.04 -33.13
N ASN E 617 57.55 0.28 -32.94
CA ASN E 617 56.81 -0.28 -31.81
C ASN E 617 56.30 -1.70 -32.08
N SER E 618 57.16 -2.68 -31.78
CA SER E 618 56.80 -4.09 -31.86
C SER E 618 56.57 -4.68 -30.46
N GLY E 619 55.82 -5.77 -30.40
CA GLY E 619 55.48 -6.41 -29.14
C GLY E 619 54.01 -6.74 -29.08
N SER E 620 53.70 -7.98 -28.66
CA SER E 620 52.34 -8.50 -28.66
C SER E 620 51.37 -7.74 -27.75
N THR E 621 50.11 -7.71 -28.19
CA THR E 621 49.04 -6.96 -27.51
C THR E 621 47.83 -7.84 -27.20
N GLY E 622 46.83 -7.24 -26.58
CA GLY E 622 45.57 -7.90 -26.29
C GLY E 622 44.59 -7.00 -25.58
N TYR E 623 43.32 -7.41 -25.55
CA TYR E 623 42.31 -6.78 -24.70
C TYR E 623 41.10 -7.68 -24.48
N ALA E 624 40.40 -7.43 -23.37
CA ALA E 624 39.24 -8.23 -22.96
C ALA E 624 38.15 -7.33 -22.42
N THR E 625 36.92 -7.84 -22.40
CA THR E 625 35.78 -7.09 -21.88
C THR E 625 34.80 -8.07 -21.25
N LEU E 626 34.26 -7.69 -20.09
CA LEU E 626 33.03 -8.29 -19.56
C LEU E 626 32.05 -7.17 -19.38
N ASN E 627 30.79 -7.42 -19.70
CA ASN E 627 29.74 -6.41 -19.58
C ASN E 627 28.47 -7.07 -19.12
N TYR E 628 27.90 -6.56 -18.02
CA TYR E 628 26.75 -7.18 -17.37
C TYR E 628 25.52 -6.28 -17.37
N ARG E 629 24.41 -6.82 -17.84
CA ARG E 629 23.11 -6.13 -17.82
C ARG E 629 22.22 -6.74 -16.75
N GLY E 630 21.95 -5.97 -15.70
CA GLY E 630 21.23 -6.48 -14.55
C GLY E 630 19.94 -5.75 -14.26
N GLY E 631 19.36 -6.07 -13.11
CA GLY E 631 18.07 -5.52 -12.71
C GLY E 631 18.19 -4.23 -11.95
N TYR E 632 19.41 -3.80 -11.65
CA TYR E 632 19.61 -2.56 -10.91
C TYR E 632 20.52 -1.59 -11.66
N GLY E 633 20.96 -2.01 -12.84
CA GLY E 633 21.89 -1.22 -13.65
C GLY E 633 22.84 -2.14 -14.39
N ASN E 634 23.88 -1.55 -14.96
CA ASN E 634 24.85 -2.31 -15.72
C ASN E 634 26.25 -2.07 -15.15
N ALA E 635 27.11 -3.06 -15.29
CA ALA E 635 28.50 -2.92 -14.90
C ALA E 635 29.38 -3.45 -16.01
N ASN E 636 30.60 -2.93 -16.11
CA ASN E 636 31.57 -3.49 -17.03
C ASN E 636 33.00 -3.35 -16.53
N ILE E 637 33.82 -4.33 -16.85
CA ILE E 637 35.26 -4.20 -16.65
C ILE E 637 35.98 -4.57 -17.93
N GLY E 638 37.16 -4.00 -18.11
CA GLY E 638 38.00 -4.29 -19.26
C GLY E 638 39.45 -4.30 -18.89
N TYR E 639 40.24 -5.00 -19.69
CA TYR E 639 41.69 -5.04 -19.53
C TYR E 639 42.27 -4.83 -20.90
N SER E 640 43.41 -4.15 -20.96
CA SER E 640 44.08 -3.84 -22.22
C SER E 640 45.58 -3.75 -22.00
N HIS E 641 46.36 -4.41 -22.86
CA HIS E 641 47.81 -4.24 -22.81
C HIS E 641 48.46 -3.99 -24.17
N SER E 642 49.21 -2.88 -24.25
CA SER E 642 49.87 -2.43 -25.46
C SER E 642 51.39 -2.61 -25.37
N ASP E 643 51.83 -3.62 -24.61
CA ASP E 643 53.27 -3.92 -24.39
C ASP E 643 53.99 -2.81 -23.60
N ASP E 644 53.68 -1.56 -23.94
CA ASP E 644 54.11 -0.40 -23.17
C ASP E 644 53.04 -0.10 -22.14
N ILE E 645 51.87 0.33 -22.61
CA ILE E 645 50.70 0.59 -21.77
C ILE E 645 50.06 -0.72 -21.28
N LYS E 646 49.61 -0.72 -20.04
CA LYS E 646 48.84 -1.82 -19.50
C LYS E 646 47.74 -1.20 -18.66
N GLN E 647 46.49 -1.35 -19.07
CA GLN E 647 45.40 -0.66 -18.40
C GLN E 647 44.14 -1.48 -18.13
N LEU E 648 43.36 -0.98 -17.17
CA LEU E 648 42.21 -1.68 -16.63
C LEU E 648 41.01 -0.72 -16.63
N TYR E 649 39.87 -1.21 -17.09
CA TYR E 649 38.64 -0.43 -17.16
C TYR E 649 37.67 -0.93 -16.10
N TYR E 650 36.76 -0.06 -15.67
CA TYR E 650 35.71 -0.42 -14.71
C TYR E 650 34.61 0.61 -14.80
N GLY E 651 33.37 0.13 -14.85
CA GLY E 651 32.23 1.03 -14.95
C GLY E 651 30.96 0.45 -14.38
N VAL E 652 30.18 1.34 -13.76
CA VAL E 652 28.81 1.05 -13.38
C VAL E 652 27.92 2.12 -14.03
N SER E 653 26.73 1.73 -14.47
CA SER E 653 25.78 2.67 -15.04
C SER E 653 24.36 2.20 -14.75
N GLY E 654 23.41 3.12 -14.75
CA GLY E 654 22.03 2.75 -14.51
C GLY E 654 21.03 3.85 -14.73
N GLY E 655 19.76 3.47 -14.68
CA GLY E 655 18.66 4.41 -14.72
C GLY E 655 17.98 4.46 -13.38
N VAL E 656 17.40 5.63 -13.08
CA VAL E 656 16.69 5.90 -11.82
C VAL E 656 15.42 6.67 -12.21
N LEU E 657 14.28 6.30 -11.63
CA LEU E 657 13.00 6.94 -11.92
C LEU E 657 12.27 7.34 -10.64
N ALA E 658 11.91 8.62 -10.55
CA ALA E 658 11.16 9.15 -9.42
C ALA E 658 9.70 9.36 -9.81
N HIS E 659 8.83 8.46 -9.34
CA HIS E 659 7.41 8.45 -9.71
C HIS E 659 6.50 8.51 -8.48
N ALA E 660 5.18 8.61 -8.73
CA ALA E 660 4.18 8.70 -7.66
C ALA E 660 4.26 7.60 -6.58
N ASN E 661 4.78 6.43 -6.93
CA ASN E 661 4.90 5.30 -5.97
C ASN E 661 6.31 5.08 -5.46
N GLY E 662 7.19 6.06 -5.66
CA GLY E 662 8.51 6.04 -5.05
C GLY E 662 9.63 6.12 -6.04
N VAL E 663 10.70 5.37 -5.78
CA VAL E 663 11.87 5.34 -6.67
C VAL E 663 12.20 3.90 -7.08
N THR E 664 12.18 3.67 -8.38
CA THR E 664 12.53 2.39 -8.98
C THR E 664 13.88 2.56 -9.64
N LEU E 665 14.71 1.53 -9.60
CA LEU E 665 16.01 1.56 -10.28
C LEU E 665 16.03 0.58 -11.43
N GLY E 666 16.99 0.74 -12.34
CA GLY E 666 17.16 -0.22 -13.42
C GLY E 666 18.34 0.09 -14.33
N GLN E 667 18.32 -0.53 -15.50
CA GLN E 667 19.28 -0.22 -16.57
C GLN E 667 18.98 1.18 -17.07
N PRO E 668 19.99 1.85 -17.68
CA PRO E 668 19.77 3.21 -18.19
C PRO E 668 18.52 3.35 -19.05
N LEU E 669 17.84 4.49 -18.90
CA LEU E 669 16.59 4.75 -19.61
C LEU E 669 16.84 5.21 -21.04
N ASN E 670 15.80 5.13 -21.87
CA ASN E 670 15.91 5.51 -23.28
C ASN E 670 14.70 6.33 -23.72
N ASP E 671 14.68 7.58 -23.32
CA ASP E 671 13.59 8.50 -23.64
C ASP E 671 12.22 7.90 -23.25
N THR E 672 11.69 7.02 -24.10
CA THR E 672 10.39 6.40 -23.87
C THR E 672 10.52 5.23 -22.88
N VAL E 673 9.85 5.37 -21.74
CA VAL E 673 10.07 4.50 -20.58
C VAL E 673 8.78 3.85 -20.10
N VAL E 674 8.80 2.54 -19.96
CA VAL E 674 7.63 1.85 -19.38
C VAL E 674 7.95 1.48 -17.93
N LEU E 675 7.05 1.86 -17.03
CA LEU E 675 7.14 1.47 -15.63
C LEU E 675 6.22 0.26 -15.38
N VAL E 676 6.83 -0.87 -15.07
CA VAL E 676 6.09 -2.04 -14.63
C VAL E 676 5.74 -1.80 -13.17
N LYS E 677 4.44 -1.90 -12.88
CA LYS E 677 3.93 -1.82 -11.51
C LYS E 677 3.22 -3.13 -11.17
N ALA E 678 3.94 -4.04 -10.51
CA ALA E 678 3.38 -5.32 -10.13
C ALA E 678 3.74 -5.72 -8.69
N PRO E 679 3.14 -5.02 -7.69
CA PRO E 679 3.37 -5.37 -6.28
C PRO E 679 2.97 -6.81 -5.99
N GLY E 680 3.88 -7.58 -5.40
CA GLY E 680 3.64 -8.99 -5.11
C GLY E 680 4.57 -9.91 -5.87
N ALA E 681 4.85 -9.54 -7.13
CA ALA E 681 5.77 -10.29 -7.98
C ALA E 681 7.17 -9.72 -7.85
N LYS E 682 7.93 -10.28 -6.91
CA LYS E 682 9.21 -9.72 -6.47
C LYS E 682 10.29 -9.78 -7.53
N ASP E 683 10.56 -10.99 -8.04
CA ASP E 683 11.70 -11.16 -8.93
C ASP E 683 11.27 -11.64 -10.32
N ALA E 684 10.19 -11.05 -10.82
CA ALA E 684 9.65 -11.44 -12.13
C ALA E 684 10.51 -10.92 -13.27
N LYS E 685 10.82 -11.80 -14.21
CA LYS E 685 11.51 -11.41 -15.45
C LYS E 685 10.50 -10.71 -16.35
N VAL E 686 10.97 -9.78 -17.17
CA VAL E 686 10.13 -9.16 -18.20
C VAL E 686 10.51 -9.76 -19.55
N GLU E 687 9.52 -10.28 -20.28
CA GLU E 687 9.75 -10.96 -21.56
C GLU E 687 10.39 -10.03 -22.59
N ASN E 688 11.48 -10.50 -23.20
CA ASN E 688 12.21 -9.79 -24.27
C ASN E 688 12.99 -8.58 -23.77
N GLN E 689 13.30 -8.58 -22.48
CA GLN E 689 14.11 -7.52 -21.91
C GLN E 689 15.25 -8.13 -21.12
N THR E 690 16.32 -8.51 -21.82
CA THR E 690 17.52 -9.06 -21.20
C THR E 690 17.80 -8.39 -19.87
N GLY E 691 17.72 -9.16 -18.78
CA GLY E 691 18.22 -8.72 -17.49
C GLY E 691 17.27 -7.90 -16.64
N VAL E 692 16.22 -7.38 -17.25
CA VAL E 692 15.22 -6.61 -16.54
C VAL E 692 14.40 -7.52 -15.63
N ARG E 693 14.33 -7.15 -14.36
CA ARG E 693 13.55 -7.86 -13.33
C ARG E 693 12.82 -6.85 -12.45
N THR E 694 11.60 -7.17 -12.03
CA THR E 694 10.94 -6.35 -11.01
C THR E 694 11.75 -6.43 -9.73
N ASP E 695 11.78 -5.34 -8.96
CA ASP E 695 12.46 -5.32 -7.67
C ASP E 695 11.56 -5.85 -6.55
N TRP E 696 12.07 -5.83 -5.32
CA TRP E 696 11.36 -6.36 -4.14
C TRP E 696 9.97 -5.74 -3.85
N ARG E 697 9.69 -4.58 -4.45
CA ARG E 697 8.36 -3.97 -4.33
C ARG E 697 7.46 -4.30 -5.53
N GLY E 698 8.02 -5.02 -6.50
CA GLY E 698 7.31 -5.38 -7.73
C GLY E 698 7.34 -4.30 -8.78
N TYR E 699 8.46 -3.58 -8.84
CA TYR E 699 8.63 -2.47 -9.76
C TYR E 699 9.83 -2.67 -10.69
N ALA E 700 9.65 -2.33 -11.96
CA ALA E 700 10.75 -2.29 -12.90
C ALA E 700 10.55 -1.14 -13.88
N VAL E 701 11.65 -0.69 -14.47
CA VAL E 701 11.60 0.23 -15.61
C VAL E 701 12.20 -0.43 -16.86
N LEU E 702 11.54 -0.27 -18.00
CA LEU E 702 12.01 -0.90 -19.24
C LEU E 702 12.92 0.03 -20.02
N PRO E 703 14.15 -0.43 -20.32
CA PRO E 703 15.10 0.38 -21.08
C PRO E 703 14.65 0.58 -22.53
N TYR E 704 13.67 -0.21 -22.98
CA TYR E 704 13.24 -0.17 -24.38
C TYR E 704 11.71 -0.18 -24.60
N ALA E 705 11.26 0.74 -25.44
CA ALA E 705 9.87 0.81 -25.91
C ALA E 705 9.82 1.72 -27.13
N THR E 706 8.90 1.46 -28.04
CA THR E 706 8.76 2.29 -29.24
C THR E 706 7.58 3.25 -29.13
N GLU E 707 7.83 4.51 -29.44
CA GLU E 707 6.83 5.57 -29.44
C GLU E 707 5.78 5.39 -30.53
N TYR E 708 4.57 5.85 -30.26
CA TYR E 708 3.47 5.90 -31.23
C TYR E 708 3.08 4.56 -31.81
N ARG E 709 3.41 3.49 -31.07
CA ARG E 709 3.01 2.12 -31.39
C ARG E 709 2.42 1.46 -30.13
N GLU E 710 1.74 0.34 -30.31
CA GLU E 710 1.36 -0.47 -29.17
C GLU E 710 2.57 -1.31 -28.79
N ASN E 711 2.80 -1.43 -27.49
CA ASN E 711 3.91 -2.18 -26.94
C ASN E 711 3.36 -3.25 -26.00
N ARG E 712 3.64 -4.52 -26.31
CA ARG E 712 3.28 -5.61 -25.41
C ARG E 712 4.24 -5.57 -24.25
N VAL E 713 3.70 -5.62 -23.04
CA VAL E 713 4.53 -5.68 -21.86
C VAL E 713 4.09 -6.87 -21.02
N ALA E 714 4.89 -7.92 -21.03
CA ALA E 714 4.49 -9.17 -20.41
C ALA E 714 5.45 -9.61 -19.32
N LEU E 715 4.92 -10.20 -18.25
CA LEU E 715 5.75 -10.83 -17.24
C LEU E 715 5.88 -12.32 -17.54
N ASP E 716 7.10 -12.84 -17.47
CA ASP E 716 7.36 -14.26 -17.67
C ASP E 716 6.88 -15.02 -16.43
N THR E 717 5.77 -15.74 -16.60
CA THR E 717 5.14 -16.48 -15.49
C THR E 717 6.04 -17.59 -14.95
N ASN E 718 6.82 -18.19 -15.85
CA ASN E 718 7.84 -19.16 -15.48
C ASN E 718 8.72 -18.66 -14.34
N THR E 719 8.92 -17.34 -14.29
CA THR E 719 9.81 -16.71 -13.30
C THR E 719 9.06 -16.15 -12.08
N LEU E 720 7.77 -16.43 -11.99
CA LEU E 720 7.00 -16.07 -10.80
C LEU E 720 7.33 -17.02 -9.66
N ALA E 721 7.23 -16.55 -8.43
CA ALA E 721 7.35 -17.44 -7.26
C ALA E 721 6.18 -18.40 -7.23
N ASP E 722 6.41 -19.59 -6.68
CA ASP E 722 5.40 -20.66 -6.66
C ASP E 722 4.02 -20.24 -6.10
N ASN E 723 4.00 -19.33 -5.13
CA ASN E 723 2.74 -18.87 -4.54
C ASN E 723 2.16 -17.61 -5.19
N VAL E 724 2.59 -17.31 -6.41
CA VAL E 724 2.11 -16.11 -7.10
C VAL E 724 1.37 -16.45 -8.38
N ASP E 725 0.27 -15.74 -8.61
CA ASP E 725 -0.40 -15.74 -9.90
C ASP E 725 -0.83 -14.31 -10.18
N LEU E 726 -1.06 -14.00 -11.46
CA LEU E 726 -1.54 -12.68 -11.86
C LEU E 726 -2.86 -12.79 -12.59
N ASP E 727 -3.68 -11.75 -12.49
CA ASP E 727 -4.95 -11.66 -13.24
C ASP E 727 -4.66 -11.58 -14.73
N ASN E 728 -3.69 -10.73 -15.07
CA ASN E 728 -3.24 -10.56 -16.44
C ASN E 728 -1.72 -10.53 -16.51
N ALA E 729 -1.15 -11.48 -17.24
CA ALA E 729 0.30 -11.57 -17.38
C ALA E 729 0.81 -10.66 -18.48
N VAL E 730 -0.11 -10.01 -19.19
CA VAL E 730 0.21 -9.25 -20.40
C VAL E 730 -0.52 -7.91 -20.37
N ALA E 731 0.22 -6.84 -20.63
CA ALA E 731 -0.36 -5.49 -20.73
C ALA E 731 0.12 -4.79 -22.00
N ASN E 732 -0.70 -3.87 -22.49
CA ASN E 732 -0.46 -3.17 -23.74
C ASN E 732 -0.44 -1.65 -23.54
N VAL E 733 0.64 -1.01 -23.95
CA VAL E 733 0.75 0.45 -23.78
C VAL E 733 1.13 1.17 -25.07
N VAL E 734 0.74 2.44 -25.18
CA VAL E 734 0.92 3.23 -26.40
C VAL E 734 1.53 4.61 -26.10
N PRO E 735 2.83 4.67 -25.72
CA PRO E 735 3.52 5.91 -25.34
C PRO E 735 3.80 6.93 -26.46
N THR E 736 3.88 8.21 -26.10
CA THR E 736 4.46 9.23 -26.99
C THR E 736 5.95 9.28 -26.69
N ARG E 737 6.75 9.89 -27.56
CA ARG E 737 8.21 9.91 -27.35
C ARG E 737 8.57 10.53 -26.02
N GLY E 738 9.39 9.82 -25.24
CA GLY E 738 9.84 10.33 -23.95
C GLY E 738 8.84 10.09 -22.83
N ALA E 739 7.65 9.64 -23.19
CA ALA E 739 6.61 9.34 -22.21
C ALA E 739 7.06 8.29 -21.20
N ILE E 740 6.61 8.45 -19.96
CA ILE E 740 6.74 7.41 -18.96
C ILE E 740 5.34 6.86 -18.72
N VAL E 741 5.13 5.61 -19.14
CA VAL E 741 3.82 4.98 -19.13
C VAL E 741 3.84 3.77 -18.18
N ARG E 742 2.71 3.51 -17.54
CA ARG E 742 2.57 2.40 -16.59
C ARG E 742 1.96 1.14 -17.19
N ALA E 743 2.56 0.01 -16.83
CA ALA E 743 2.09 -1.32 -17.24
C ALA E 743 1.74 -2.11 -15.99
N GLU E 744 0.47 -2.05 -15.60
CA GLU E 744 0.01 -2.55 -14.32
C GLU E 744 -0.39 -4.02 -14.31
N PHE E 745 0.05 -4.72 -13.27
CA PHE E 745 -0.30 -6.13 -13.07
C PHE E 745 -0.74 -6.35 -11.64
N LYS E 746 -1.87 -7.01 -11.46
CA LYS E 746 -2.39 -7.35 -10.16
C LYS E 746 -1.95 -8.75 -9.76
N ALA E 747 -1.00 -8.82 -8.85
CA ALA E 747 -0.44 -10.09 -8.38
C ALA E 747 -1.28 -10.66 -7.25
N ARG E 748 -1.60 -11.96 -7.36
CA ARG E 748 -2.35 -12.69 -6.34
C ARG E 748 -1.42 -13.60 -5.57
N VAL E 749 -1.15 -13.25 -4.31
CA VAL E 749 -0.22 -14.00 -3.49
C VAL E 749 -0.97 -14.97 -2.55
N GLY E 750 -0.48 -16.21 -2.47
CA GLY E 750 -1.14 -17.28 -1.74
C GLY E 750 -1.12 -18.57 -2.54
N ILE E 751 -1.70 -19.62 -1.98
CA ILE E 751 -1.69 -20.93 -2.63
C ILE E 751 -2.70 -20.96 -3.78
N LYS E 752 -2.37 -21.71 -4.82
CA LYS E 752 -3.26 -21.89 -5.94
C LYS E 752 -3.83 -23.30 -5.87
N LEU E 753 -5.15 -23.41 -5.95
CA LEU E 753 -5.81 -24.70 -5.89
C LEU E 753 -6.85 -24.92 -6.97
N LEU E 754 -6.85 -26.12 -7.53
CA LEU E 754 -7.91 -26.59 -8.41
C LEU E 754 -8.77 -27.53 -7.58
N MET E 755 -10.00 -27.11 -7.32
CA MET E 755 -10.94 -27.87 -6.50
C MET E 755 -11.86 -28.77 -7.33
N THR E 756 -12.40 -29.82 -6.68
CA THR E 756 -13.52 -30.58 -7.22
C THR E 756 -14.68 -30.41 -6.24
N LEU E 757 -15.72 -29.72 -6.71
CA LEU E 757 -16.88 -29.45 -5.87
C LEU E 757 -18.09 -30.30 -6.25
N THR E 758 -18.65 -30.95 -5.23
CA THR E 758 -19.75 -31.88 -5.41
C THR E 758 -20.83 -31.66 -4.36
N HIS E 759 -22.08 -31.81 -4.79
CA HIS E 759 -23.24 -31.71 -3.93
C HIS E 759 -24.05 -33.00 -4.09
N ASN E 760 -24.40 -33.63 -2.97
CA ASN E 760 -25.05 -34.94 -2.98
C ASN E 760 -24.24 -35.90 -3.86
N ASN E 761 -22.91 -35.88 -3.64
CA ASN E 761 -21.90 -36.47 -4.52
C ASN E 761 -22.17 -36.36 -6.05
N LYS E 762 -22.71 -35.22 -6.46
CA LYS E 762 -22.87 -34.88 -7.89
C LYS E 762 -22.18 -33.55 -8.19
N PRO E 763 -21.31 -33.51 -9.22
CA PRO E 763 -20.50 -32.33 -9.54
C PRO E 763 -21.32 -31.06 -9.74
N LEU E 764 -20.89 -29.97 -9.10
CA LEU E 764 -21.55 -28.66 -9.22
C LEU E 764 -21.70 -28.19 -10.67
N PRO E 765 -22.75 -27.39 -10.96
CA PRO E 765 -23.06 -27.02 -12.34
C PRO E 765 -22.01 -26.11 -12.96
N PHE E 766 -21.82 -26.26 -14.27
CA PHE E 766 -20.91 -25.43 -15.06
C PHE E 766 -21.20 -23.93 -14.88
N GLY E 767 -20.16 -23.12 -14.88
CA GLY E 767 -20.30 -21.67 -14.88
C GLY E 767 -20.60 -21.06 -13.53
N ALA E 768 -20.65 -21.92 -12.50
CA ALA E 768 -21.02 -21.49 -11.15
C ALA E 768 -20.00 -20.53 -10.54
N MET E 769 -20.48 -19.37 -10.11
CA MET E 769 -19.65 -18.34 -9.50
C MET E 769 -19.15 -18.77 -8.12
N VAL E 770 -17.84 -18.72 -7.94
CA VAL E 770 -17.18 -19.16 -6.71
C VAL E 770 -16.38 -18.00 -6.14
N THR E 771 -16.63 -17.67 -4.87
CA THR E 771 -15.97 -16.52 -4.25
C THR E 771 -15.51 -16.72 -2.79
N SER E 772 -14.20 -16.62 -2.60
CA SER E 772 -13.52 -16.89 -1.33
C SER E 772 -13.95 -15.94 -0.19
N GLU E 773 -14.16 -16.51 0.98
CA GLU E 773 -14.54 -15.77 2.18
C GLU E 773 -13.36 -14.96 2.74
N SER E 774 -12.15 -15.48 2.54
CA SER E 774 -10.95 -14.93 3.16
C SER E 774 -10.28 -13.82 2.34
N SER E 775 -9.99 -14.08 1.07
CA SER E 775 -9.31 -13.08 0.23
C SER E 775 -10.18 -12.56 -0.91
N GLN E 776 -9.66 -11.58 -1.65
CA GLN E 776 -10.35 -10.96 -2.78
C GLN E 776 -10.39 -11.89 -4.01
N SER E 777 -9.80 -13.07 -3.87
CA SER E 777 -9.75 -14.05 -4.96
C SER E 777 -11.11 -14.70 -5.24
N SER E 778 -11.44 -14.85 -6.52
CA SER E 778 -12.67 -15.51 -6.97
C SER E 778 -12.51 -16.18 -8.34
N GLY E 779 -13.29 -17.23 -8.58
CA GLY E 779 -13.19 -18.00 -9.82
C GLY E 779 -14.52 -18.58 -10.25
N ILE E 780 -14.49 -19.36 -11.32
CA ILE E 780 -15.71 -19.92 -11.93
C ILE E 780 -15.58 -21.43 -12.10
N VAL E 781 -16.66 -22.16 -11.85
CA VAL E 781 -16.67 -23.62 -12.00
C VAL E 781 -16.72 -23.96 -13.48
N ALA E 782 -15.89 -24.93 -13.88
CA ALA E 782 -15.85 -25.42 -15.25
C ALA E 782 -16.51 -26.80 -15.32
N ASP E 783 -15.89 -27.72 -16.04
CA ASP E 783 -16.34 -29.10 -16.15
C ASP E 783 -15.98 -29.88 -14.87
N ASN E 784 -16.55 -31.07 -14.73
CA ASN E 784 -16.21 -32.02 -13.65
C ASN E 784 -16.29 -31.47 -12.22
N GLY E 785 -16.84 -30.27 -12.05
CA GLY E 785 -16.95 -29.64 -10.73
C GLY E 785 -15.75 -28.80 -10.33
N GLN E 786 -14.77 -28.67 -11.25
CA GLN E 786 -13.50 -28.02 -10.95
C GLN E 786 -13.52 -26.50 -11.04
N VAL E 787 -12.85 -25.85 -10.08
CA VAL E 787 -12.65 -24.40 -10.13
C VAL E 787 -11.21 -24.05 -9.72
N TYR E 788 -10.59 -23.15 -10.47
CA TYR E 788 -9.25 -22.68 -10.19
C TYR E 788 -9.28 -21.42 -9.34
N LEU E 789 -8.47 -21.40 -8.29
CA LEU E 789 -8.39 -20.23 -7.43
C LEU E 789 -6.95 -19.87 -7.08
N SER E 790 -6.62 -18.59 -7.24
CA SER E 790 -5.29 -18.08 -6.90
C SER E 790 -5.32 -17.27 -5.61
N GLY E 791 -4.17 -17.12 -4.97
CA GLY E 791 -4.06 -16.33 -3.74
C GLY E 791 -4.95 -16.83 -2.61
N MET E 792 -4.95 -18.13 -2.40
CA MET E 792 -5.80 -18.76 -1.39
C MET E 792 -5.02 -19.12 -0.14
N PRO E 793 -5.60 -18.81 1.04
CA PRO E 793 -5.08 -19.20 2.35
C PRO E 793 -4.97 -20.71 2.54
N LEU E 794 -4.25 -21.11 3.59
CA LEU E 794 -3.99 -22.52 3.91
C LEU E 794 -5.25 -23.33 4.24
N ALA E 795 -6.21 -22.66 4.86
CA ALA E 795 -7.52 -23.22 5.15
C ALA E 795 -8.57 -22.12 5.13
N GLY E 796 -9.77 -22.44 4.67
CA GLY E 796 -10.84 -21.45 4.56
C GLY E 796 -12.16 -22.03 4.07
N LYS E 797 -13.13 -21.13 3.88
CA LYS E 797 -14.47 -21.48 3.41
C LYS E 797 -14.78 -20.77 2.09
N VAL E 798 -15.58 -21.43 1.24
CA VAL E 798 -15.86 -20.92 -0.11
C VAL E 798 -17.35 -20.69 -0.35
N GLN E 799 -17.69 -19.51 -0.85
CA GLN E 799 -19.07 -19.12 -1.17
C GLN E 799 -19.40 -19.39 -2.65
N VAL E 800 -20.28 -20.35 -2.90
CA VAL E 800 -20.67 -20.74 -4.26
C VAL E 800 -22.08 -20.22 -4.58
N LYS E 801 -22.31 -19.87 -5.85
CA LYS E 801 -23.62 -19.38 -6.31
C LYS E 801 -23.80 -19.64 -7.81
N TRP E 802 -24.99 -20.09 -8.19
CA TRP E 802 -25.34 -20.19 -9.61
C TRP E 802 -26.66 -19.49 -9.97
N GLY E 803 -27.72 -19.81 -9.24
CA GLY E 803 -29.05 -19.24 -9.50
C GLY E 803 -29.23 -17.81 -8.99
N GLU E 804 -30.36 -17.21 -9.36
CA GLU E 804 -30.74 -15.86 -8.92
C GLU E 804 -29.73 -14.78 -9.33
N HIS E 809 -25.87 -20.68 -3.72
CA HIS E 809 -26.75 -21.70 -3.18
C HIS E 809 -26.13 -22.52 -2.05
N CYS E 810 -24.82 -22.74 -2.11
CA CYS E 810 -24.13 -23.55 -1.10
C CYS E 810 -22.82 -22.92 -0.62
N VAL E 811 -22.31 -23.46 0.48
CA VAL E 811 -21.01 -23.08 1.01
C VAL E 811 -20.17 -24.33 1.23
N ALA E 812 -18.89 -24.25 0.88
CA ALA E 812 -17.96 -25.33 1.11
C ALA E 812 -16.80 -24.83 1.97
N ASN E 813 -15.94 -25.75 2.41
CA ASN E 813 -14.79 -25.42 3.24
C ASN E 813 -13.67 -26.44 3.11
N TYR E 814 -12.44 -25.95 3.16
CA TYR E 814 -11.27 -26.77 2.92
C TYR E 814 -10.24 -26.55 4.01
N GLN E 815 -9.31 -27.50 4.09
CA GLN E 815 -8.13 -27.39 4.94
C GLN E 815 -7.03 -28.20 4.30
N LEU E 816 -5.96 -27.52 3.91
CA LEU E 816 -4.81 -28.18 3.30
C LEU E 816 -3.85 -28.75 4.34
N PRO E 817 -3.17 -29.86 4.00
CA PRO E 817 -2.00 -30.27 4.77
C PRO E 817 -0.83 -29.33 4.45
N PRO E 818 -0.37 -28.53 5.44
CA PRO E 818 0.64 -27.49 5.23
C PRO E 818 1.96 -27.96 4.58
N GLU E 819 2.08 -29.26 4.31
CA GLU E 819 3.27 -29.83 3.67
C GLU E 819 3.29 -29.68 2.14
N SER E 820 2.28 -29.02 1.59
CA SER E 820 2.17 -28.83 0.13
C SER E 820 2.42 -27.38 -0.30
N GLN E 821 3.14 -26.63 0.54
CA GLN E 821 3.47 -25.23 0.26
C GLN E 821 4.39 -25.08 -0.95
N GLN E 822 5.31 -26.02 -1.12
CA GLN E 822 6.29 -26.00 -2.21
C GLN E 822 5.69 -26.33 -3.58
N GLN E 823 4.39 -26.65 -3.60
CA GLN E 823 3.71 -27.06 -4.84
C GLN E 823 3.14 -25.86 -5.60
N LEU E 824 3.07 -26.01 -6.93
CA LEU E 824 2.47 -25.00 -7.79
C LEU E 824 0.96 -24.93 -7.57
N LEU E 825 0.34 -26.10 -7.54
CA LEU E 825 -1.10 -26.24 -7.51
C LEU E 825 -1.47 -27.51 -6.77
N THR E 826 -2.33 -27.40 -5.76
CA THR E 826 -2.84 -28.57 -5.08
C THR E 826 -4.31 -28.79 -5.40
N GLN E 827 -4.66 -30.06 -5.64
CA GLN E 827 -6.02 -30.44 -5.97
C GLN E 827 -6.68 -31.12 -4.77
N LEU E 828 -7.77 -30.52 -4.28
CA LEU E 828 -8.60 -31.15 -3.25
C LEU E 828 -10.07 -31.17 -3.65
N SER E 829 -10.79 -32.21 -3.19
CA SER E 829 -12.24 -32.27 -3.33
C SER E 829 -12.92 -31.78 -2.05
N ALA E 830 -14.14 -31.27 -2.19
CA ALA E 830 -14.88 -30.73 -1.05
C ALA E 830 -16.39 -30.82 -1.24
N GLU E 831 -17.10 -31.09 -0.16
CA GLU E 831 -18.57 -31.10 -0.16
C GLU E 831 -19.09 -29.72 0.22
N CYS E 832 -20.39 -29.48 0.01
CA CYS E 832 -20.99 -28.17 0.26
C CYS E 832 -22.41 -28.25 0.87
N ARG E 833 -22.92 -27.12 1.35
CA ARG E 833 -24.17 -27.04 2.14
C ARG E 833 -25.37 -27.81 1.57
N SER E 834 -26.14 -28.41 2.48
CA SER E 834 -27.40 -29.12 2.17
C SER E 834 -27.24 -30.26 1.16
N GLY F 1 -12.86 -11.67 -31.99
CA GLY F 1 -12.15 -12.88 -32.48
C GLY F 1 -11.02 -13.31 -31.56
N VAL F 2 -11.02 -14.59 -31.19
CA VAL F 2 -9.98 -15.16 -30.33
C VAL F 2 -9.00 -16.04 -31.11
N ALA F 3 -7.71 -15.80 -30.90
CA ALA F 3 -6.67 -16.57 -31.56
C ALA F 3 -5.59 -16.97 -30.57
N LEU F 4 -4.94 -18.10 -30.85
CA LEU F 4 -3.88 -18.61 -30.02
C LEU F 4 -2.53 -18.10 -30.49
N GLY F 5 -1.60 -17.94 -29.54
CA GLY F 5 -0.23 -17.52 -29.84
C GLY F 5 0.55 -18.39 -30.81
N ALA F 6 0.39 -19.70 -30.70
CA ALA F 6 1.08 -20.64 -31.59
C ALA F 6 0.14 -21.70 -32.15
N THR F 7 0.62 -22.45 -33.15
CA THR F 7 -0.16 -23.52 -33.76
C THR F 7 0.26 -24.91 -33.25
N ARG F 8 1.07 -24.90 -32.18
CA ARG F 8 1.52 -26.12 -31.49
C ARG F 8 2.34 -25.69 -30.30
N VAL F 9 2.49 -26.60 -29.33
CA VAL F 9 3.29 -26.32 -28.14
C VAL F 9 4.18 -27.51 -27.89
N ILE F 10 5.48 -27.27 -27.74
CA ILE F 10 6.42 -28.29 -27.31
C ILE F 10 6.56 -28.20 -25.79
N TYR F 11 6.48 -29.33 -25.10
CA TYR F 11 6.70 -29.36 -23.66
C TYR F 11 7.94 -30.17 -23.33
N PRO F 12 9.05 -29.48 -22.99
CA PRO F 12 10.28 -30.19 -22.65
C PRO F 12 10.22 -30.81 -21.25
N ALA F 13 10.48 -32.11 -21.17
CA ALA F 13 10.47 -32.84 -19.90
C ALA F 13 11.35 -32.17 -18.84
N GLY F 14 10.77 -31.92 -17.67
CA GLY F 14 11.49 -31.30 -16.56
C GLY F 14 11.08 -29.86 -16.32
N GLN F 15 10.37 -29.26 -17.28
CA GLN F 15 9.88 -27.89 -17.14
C GLN F 15 8.66 -27.84 -16.25
N LYS F 16 8.69 -26.96 -15.25
CA LYS F 16 7.53 -26.77 -14.37
C LYS F 16 6.29 -26.44 -15.20
N GLN F 17 6.42 -25.45 -16.08
CA GLN F 17 5.32 -25.02 -16.94
C GLN F 17 5.79 -24.54 -18.32
N VAL F 18 4.85 -24.45 -19.26
CA VAL F 18 5.05 -23.74 -20.52
C VAL F 18 3.88 -22.78 -20.77
N GLN F 19 4.16 -21.67 -21.44
CA GLN F 19 3.16 -20.65 -21.74
C GLN F 19 2.52 -20.81 -23.12
N LEU F 20 1.37 -20.17 -23.31
CA LEU F 20 0.67 -20.16 -24.59
C LEU F 20 -0.35 -19.01 -24.57
N ALA F 21 -0.23 -18.10 -25.54
CA ALA F 21 -0.96 -16.84 -25.51
C ALA F 21 -2.41 -16.97 -25.98
N VAL F 22 -3.28 -16.17 -25.38
CA VAL F 22 -4.67 -16.05 -25.82
C VAL F 22 -4.96 -14.59 -26.08
N THR F 23 -5.37 -14.28 -27.31
CA THR F 23 -5.62 -12.89 -27.70
C THR F 23 -7.08 -12.71 -28.08
N ASN F 24 -7.59 -11.48 -27.94
CA ASN F 24 -8.92 -11.13 -28.43
C ASN F 24 -8.93 -9.71 -28.99
N ASN F 25 -9.13 -9.58 -30.30
CA ASN F 25 -9.13 -8.28 -30.96
C ASN F 25 -10.53 -7.78 -31.34
N ASP F 26 -11.53 -8.22 -30.59
CA ASP F 26 -12.88 -7.67 -30.69
C ASP F 26 -13.12 -6.85 -29.43
N GLU F 27 -13.18 -5.53 -29.61
CA GLU F 27 -13.25 -4.60 -28.48
C GLU F 27 -14.60 -4.58 -27.76
N ASN F 28 -15.66 -4.97 -28.45
CA ASN F 28 -17.01 -5.00 -27.87
C ASN F 28 -17.40 -6.35 -27.28
N SER F 29 -17.04 -7.44 -27.98
CA SER F 29 -17.37 -8.80 -27.56
C SER F 29 -16.64 -9.22 -26.30
N THR F 30 -17.36 -9.96 -25.43
CA THR F 30 -16.80 -10.53 -24.21
C THR F 30 -16.97 -12.04 -24.27
N TYR F 31 -15.89 -12.76 -23.97
CA TYR F 31 -15.87 -14.21 -24.11
C TYR F 31 -15.57 -14.92 -22.80
N LEU F 32 -16.06 -16.15 -22.70
CA LEU F 32 -15.76 -17.04 -21.60
C LEU F 32 -14.77 -18.07 -22.14
N ILE F 33 -13.53 -18.00 -21.67
CA ILE F 33 -12.45 -18.82 -22.22
C ILE F 33 -12.29 -20.13 -21.47
N GLN F 34 -12.69 -21.23 -22.11
CA GLN F 34 -12.56 -22.55 -21.52
C GLN F 34 -11.45 -23.34 -22.19
N SER F 35 -10.47 -23.78 -21.38
CA SER F 35 -9.31 -24.50 -21.89
C SER F 35 -9.06 -25.85 -21.20
N TRP F 36 -8.77 -26.88 -21.99
CA TRP F 36 -8.50 -28.21 -21.45
C TRP F 36 -7.59 -29.04 -22.36
N VAL F 37 -6.94 -30.04 -21.78
CA VAL F 37 -6.04 -30.93 -22.49
C VAL F 37 -6.63 -32.34 -22.66
N GLU F 38 -6.33 -32.98 -23.79
CA GLU F 38 -6.81 -34.32 -24.08
C GLU F 38 -5.63 -35.18 -24.51
N ASN F 39 -5.66 -36.46 -24.19
CA ASN F 39 -4.68 -37.39 -24.75
C ASN F 39 -5.04 -37.75 -26.19
N ALA F 40 -4.18 -38.53 -26.84
CA ALA F 40 -4.38 -38.96 -28.23
C ALA F 40 -5.75 -39.58 -28.46
N ASP F 41 -6.31 -40.22 -27.41
CA ASP F 41 -7.62 -40.88 -27.47
C ASP F 41 -8.77 -39.98 -27.01
N GLY F 42 -8.52 -38.68 -26.93
CA GLY F 42 -9.56 -37.69 -26.66
C GLY F 42 -10.08 -37.64 -25.23
N VAL F 43 -9.21 -37.93 -24.27
CA VAL F 43 -9.60 -37.93 -22.86
C VAL F 43 -8.84 -36.88 -22.05
N LYS F 44 -9.57 -36.05 -21.33
CA LYS F 44 -9.01 -35.14 -20.35
C LYS F 44 -8.44 -35.97 -19.16
N ASP F 45 -7.28 -36.58 -19.37
CA ASP F 45 -6.73 -37.54 -18.42
C ASP F 45 -5.93 -36.91 -17.27
N GLY F 46 -5.79 -35.59 -17.31
CA GLY F 46 -5.15 -34.86 -16.22
C GLY F 46 -3.64 -35.01 -16.11
N ARG F 47 -3.00 -35.43 -17.19
CA ARG F 47 -1.54 -35.47 -17.25
C ARG F 47 -0.98 -34.05 -17.32
N PHE F 48 -1.85 -33.10 -17.68
CA PHE F 48 -1.51 -31.68 -17.83
C PHE F 48 -2.64 -30.79 -17.31
N ILE F 49 -2.30 -29.73 -16.60
CA ILE F 49 -3.29 -28.81 -16.04
C ILE F 49 -3.08 -27.42 -16.62
N VAL F 50 -4.08 -26.93 -17.35
CA VAL F 50 -4.02 -25.57 -17.90
C VAL F 50 -4.73 -24.58 -16.97
N THR F 51 -4.05 -23.49 -16.65
CA THR F 51 -4.58 -22.48 -15.73
C THR F 51 -4.47 -21.09 -16.32
N PRO F 52 -5.57 -20.30 -16.25
CA PRO F 52 -6.89 -20.71 -15.72
C PRO F 52 -7.76 -21.48 -16.71
N PRO F 53 -8.44 -22.53 -16.23
CA PRO F 53 -9.29 -23.42 -17.03
C PRO F 53 -10.50 -22.69 -17.64
N LEU F 54 -10.98 -21.66 -16.93
CA LEU F 54 -12.10 -20.85 -17.38
C LEU F 54 -11.94 -19.43 -16.84
N PHE F 55 -12.00 -18.45 -17.73
CA PHE F 55 -11.91 -17.05 -17.31
C PHE F 55 -12.63 -16.08 -18.26
N ALA F 56 -12.95 -14.91 -17.73
CA ALA F 56 -13.58 -13.83 -18.49
C ALA F 56 -12.54 -13.03 -19.26
N MET F 57 -12.86 -12.70 -20.51
CA MET F 57 -11.97 -11.94 -21.38
C MET F 57 -12.78 -10.89 -22.16
N LYS F 58 -12.52 -9.61 -21.87
CA LYS F 58 -13.24 -8.51 -22.51
C LYS F 58 -12.33 -7.59 -23.30
N GLY F 59 -12.89 -7.02 -24.38
CA GLY F 59 -12.19 -6.04 -25.23
C GLY F 59 -10.91 -6.55 -25.88
N LYS F 60 -10.03 -5.61 -26.26
CA LYS F 60 -8.69 -5.95 -26.74
C LYS F 60 -7.78 -6.34 -25.58
N LYS F 61 -7.34 -7.59 -25.58
CA LYS F 61 -6.60 -8.15 -24.47
C LYS F 61 -5.85 -9.41 -24.91
N GLU F 62 -4.60 -9.52 -24.49
CA GLU F 62 -3.85 -10.77 -24.56
C GLU F 62 -3.77 -11.33 -23.15
N ASN F 63 -3.83 -12.66 -23.05
CA ASN F 63 -3.69 -13.33 -21.77
C ASN F 63 -2.79 -14.57 -21.89
N THR F 64 -2.14 -14.94 -20.80
CA THR F 64 -1.26 -16.11 -20.82
C THR F 64 -1.92 -17.31 -20.16
N LEU F 65 -1.91 -18.44 -20.85
CA LEU F 65 -2.28 -19.70 -20.24
C LEU F 65 -0.98 -20.33 -19.79
N ARG F 66 -1.01 -20.89 -18.59
CA ARG F 66 0.11 -21.63 -18.05
C ARG F 66 -0.25 -23.10 -18.13
N ILE F 67 0.62 -23.89 -18.75
CA ILE F 67 0.38 -25.32 -18.86
C ILE F 67 1.36 -26.07 -17.95
N LEU F 68 0.81 -26.68 -16.89
CA LEU F 68 1.62 -27.42 -15.91
C LEU F 68 1.63 -28.93 -16.14
N ASP F 69 2.81 -29.49 -16.31
CA ASP F 69 2.99 -30.93 -16.39
C ASP F 69 2.76 -31.57 -15.03
N ALA F 70 1.81 -32.50 -15.01
CA ALA F 70 1.45 -33.27 -13.82
C ALA F 70 1.43 -34.77 -14.14
N THR F 71 2.51 -35.25 -14.77
CA THR F 71 2.58 -36.64 -15.23
C THR F 71 3.26 -37.55 -14.22
N ASN F 72 4.18 -36.99 -13.43
CA ASN F 72 4.97 -37.75 -12.44
C ASN F 72 5.85 -38.81 -13.11
N ASN F 73 6.46 -38.43 -14.23
CA ASN F 73 7.41 -39.26 -14.99
C ASN F 73 6.83 -40.50 -15.69
N GLN F 74 5.51 -40.64 -15.67
CA GLN F 74 4.84 -41.85 -16.18
C GLN F 74 4.98 -42.09 -17.69
N LEU F 75 5.11 -41.01 -18.46
CA LEU F 75 5.15 -41.11 -19.93
C LEU F 75 6.51 -41.61 -20.43
N PRO F 76 6.54 -42.26 -21.62
CA PRO F 76 7.77 -42.86 -22.15
C PRO F 76 8.93 -41.88 -22.24
N GLN F 77 10.16 -42.38 -22.30
CA GLN F 77 11.33 -41.50 -22.38
C GLN F 77 12.08 -41.62 -23.71
N ASP F 78 11.60 -42.50 -24.58
CA ASP F 78 12.26 -42.78 -25.87
C ASP F 78 11.57 -42.08 -27.05
N ARG F 79 10.46 -41.41 -26.76
CA ARG F 79 9.61 -40.82 -27.79
C ARG F 79 8.72 -39.70 -27.23
N GLU F 80 8.21 -38.86 -28.13
CA GLU F 80 7.21 -37.86 -27.78
C GLU F 80 5.85 -38.51 -27.57
N SER F 81 5.09 -38.00 -26.60
CA SER F 81 3.69 -38.36 -26.43
C SER F 81 2.83 -37.24 -27.02
N LEU F 82 1.66 -37.59 -27.53
CA LEU F 82 0.76 -36.62 -28.12
C LEU F 82 -0.42 -36.28 -27.20
N PHE F 83 -0.69 -34.98 -27.10
CA PHE F 83 -1.82 -34.47 -26.37
C PHE F 83 -2.45 -33.37 -27.19
N TRP F 84 -3.61 -32.90 -26.80
CA TRP F 84 -4.30 -31.87 -27.55
C TRP F 84 -4.75 -30.75 -26.63
N MET F 85 -4.35 -29.54 -26.97
CA MET F 85 -4.76 -28.35 -26.26
C MET F 85 -6.00 -27.77 -26.95
N ASN F 86 -7.02 -27.46 -26.17
CA ASN F 86 -8.30 -27.00 -26.71
C ASN F 86 -8.71 -25.69 -26.06
N VAL F 87 -9.05 -24.68 -26.86
CA VAL F 87 -9.55 -23.42 -26.30
C VAL F 87 -10.91 -23.02 -26.87
N LYS F 88 -11.89 -22.89 -25.99
CA LYS F 88 -13.26 -22.58 -26.35
C LYS F 88 -13.60 -21.14 -25.97
N ALA F 89 -13.90 -20.32 -26.97
CA ALA F 89 -14.35 -18.96 -26.75
C ALA F 89 -15.88 -18.93 -26.70
N ILE F 90 -16.41 -19.08 -25.49
CA ILE F 90 -17.85 -19.15 -25.29
C ILE F 90 -18.43 -17.74 -25.37
N PRO F 91 -19.42 -17.53 -26.26
CA PRO F 91 -20.05 -16.21 -26.37
C PRO F 91 -20.90 -15.90 -25.13
N SER F 92 -20.86 -14.65 -24.66
CA SER F 92 -21.62 -14.25 -23.49
C SER F 92 -23.09 -14.08 -23.86
N MET F 93 -23.92 -14.93 -23.24
CA MET F 93 -25.35 -15.03 -23.57
C MET F 93 -26.11 -13.71 -23.41
N ASP F 94 -27.13 -13.55 -24.26
CA ASP F 94 -27.85 -12.28 -24.35
C ASP F 94 -29.17 -12.30 -23.57
N LYS F 95 -29.47 -11.15 -22.95
CA LYS F 95 -30.66 -10.97 -22.13
C LYS F 95 -31.89 -10.69 -22.98
N SER F 96 -31.75 -9.76 -23.93
CA SER F 96 -32.87 -9.29 -24.74
C SER F 96 -33.48 -10.36 -25.65
N LYS F 97 -32.63 -11.21 -26.22
CA LYS F 97 -33.07 -12.22 -27.18
C LYS F 97 -33.66 -13.47 -26.50
N LEU F 98 -34.05 -13.34 -25.24
CA LEU F 98 -34.64 -14.46 -24.48
C LEU F 98 -35.84 -15.10 -25.19
N THR F 99 -36.73 -14.26 -25.70
CA THR F 99 -37.89 -14.73 -26.46
C THR F 99 -37.68 -14.53 -27.98
N GLU F 100 -36.47 -14.81 -28.44
CA GLU F 100 -36.12 -14.78 -29.86
C GLU F 100 -35.59 -16.13 -30.30
N ASN F 101 -35.49 -16.30 -31.62
CA ASN F 101 -34.85 -17.49 -32.19
C ASN F 101 -33.39 -17.23 -32.54
N THR F 102 -32.49 -17.84 -31.77
CA THR F 102 -31.08 -17.50 -31.82
C THR F 102 -30.18 -18.69 -32.15
N LEU F 103 -29.06 -18.40 -32.83
CA LEU F 103 -27.95 -19.32 -32.94
C LEU F 103 -26.68 -18.62 -32.46
N GLN F 104 -26.09 -19.12 -31.39
CA GLN F 104 -24.80 -18.63 -30.92
C GLN F 104 -23.68 -19.56 -31.38
N LEU F 105 -22.52 -18.96 -31.66
CA LEU F 105 -21.36 -19.74 -32.07
C LEU F 105 -20.22 -19.64 -31.06
N ALA F 106 -19.72 -20.78 -30.63
CA ALA F 106 -18.54 -20.86 -29.78
C ALA F 106 -17.39 -21.37 -30.63
N ILE F 107 -16.37 -20.53 -30.81
CA ILE F 107 -15.17 -20.89 -31.57
C ILE F 107 -14.25 -21.71 -30.68
N ILE F 108 -13.64 -22.74 -31.25
CA ILE F 108 -12.71 -23.58 -30.51
C ILE F 108 -11.46 -23.75 -31.34
N SER F 109 -10.33 -23.45 -30.72
CA SER F 109 -9.05 -23.64 -31.36
C SER F 109 -8.39 -24.85 -30.73
N ARG F 110 -7.99 -25.79 -31.59
CA ARG F 110 -7.46 -27.08 -31.13
C ARG F 110 -6.09 -27.38 -31.74
N ILE F 111 -5.05 -27.36 -30.90
CA ILE F 111 -3.65 -27.54 -31.34
C ILE F 111 -2.93 -28.69 -30.63
N LYS F 112 -1.90 -29.21 -31.28
CA LYS F 112 -1.08 -30.29 -30.72
C LYS F 112 -0.18 -29.82 -29.58
N LEU F 113 -0.06 -30.66 -28.57
CA LEU F 113 0.88 -30.46 -27.46
C LEU F 113 1.80 -31.68 -27.41
N TYR F 114 3.10 -31.46 -27.62
CA TYR F 114 4.07 -32.55 -27.68
C TYR F 114 4.90 -32.61 -26.43
N TYR F 115 4.82 -33.73 -25.71
CA TYR F 115 5.66 -33.94 -24.55
C TYR F 115 6.99 -34.51 -25.02
N ARG F 116 8.04 -33.70 -24.92
CA ARG F 116 9.35 -34.11 -25.40
C ARG F 116 10.28 -34.40 -24.22
N PRO F 117 10.78 -35.64 -24.13
CA PRO F 117 11.78 -36.04 -23.12
C PRO F 117 13.15 -35.42 -23.34
N ALA F 118 13.88 -35.17 -22.26
CA ALA F 118 15.27 -34.73 -22.33
C ALA F 118 16.15 -35.84 -22.89
N LYS F 119 17.24 -35.46 -23.55
CA LYS F 119 18.23 -36.41 -24.13
C LYS F 119 17.57 -37.42 -25.07
N LEU F 120 17.51 -37.10 -26.36
CA LEU F 120 16.90 -37.99 -27.34
C LEU F 120 17.89 -38.65 -28.32
N ALA F 121 19.16 -38.26 -28.23
CA ALA F 121 20.21 -38.77 -29.12
C ALA F 121 20.03 -38.38 -30.59
N LEU F 122 18.86 -37.91 -30.98
CA LEU F 122 18.67 -37.35 -32.30
C LEU F 122 18.01 -35.98 -32.22
N PRO F 123 18.72 -34.92 -32.69
CA PRO F 123 18.20 -33.54 -32.66
C PRO F 123 17.00 -33.36 -33.59
N PRO F 124 15.96 -32.64 -33.11
CA PRO F 124 14.65 -32.56 -33.78
C PRO F 124 14.69 -32.09 -35.22
N ASP F 125 15.66 -31.22 -35.53
CA ASP F 125 15.77 -30.60 -36.86
C ASP F 125 16.36 -31.54 -37.93
N GLN F 126 16.64 -32.78 -37.54
CA GLN F 126 17.20 -33.79 -38.45
C GLN F 126 16.27 -35.00 -38.55
N ALA F 127 15.04 -34.83 -38.06
CA ALA F 127 14.08 -35.92 -38.01
C ALA F 127 13.27 -36.04 -39.30
N ALA F 128 12.98 -34.91 -39.92
CA ALA F 128 12.17 -34.88 -41.15
C ALA F 128 12.78 -35.67 -42.30
N GLU F 129 14.09 -35.85 -42.26
CA GLU F 129 14.83 -36.51 -43.34
C GLU F 129 14.75 -38.04 -43.28
N LYS F 130 14.59 -38.60 -42.07
CA LYS F 130 14.64 -40.06 -41.87
C LYS F 130 13.37 -40.81 -42.28
N LEU F 131 12.29 -40.05 -42.52
CA LEU F 131 11.01 -40.57 -43.00
C LEU F 131 11.18 -41.48 -44.22
N ARG F 132 10.35 -42.53 -44.28
CA ARG F 132 10.39 -43.51 -45.38
C ARG F 132 8.98 -43.72 -45.95
N PHE F 133 8.90 -44.42 -47.09
CA PHE F 133 7.61 -44.67 -47.74
C PHE F 133 7.41 -46.12 -48.19
N ARG F 134 6.17 -46.46 -48.53
CA ARG F 134 5.77 -47.79 -48.99
C ARG F 134 4.45 -47.69 -49.75
N ARG F 135 4.48 -48.02 -51.04
CA ARG F 135 3.28 -48.02 -51.89
C ARG F 135 2.80 -49.45 -52.13
N SER F 136 1.49 -49.63 -52.29
CA SER F 136 0.91 -50.97 -52.40
C SER F 136 0.49 -51.46 -53.81
N ALA F 137 -0.11 -50.61 -54.65
CA ALA F 137 -0.38 -49.20 -54.40
C ALA F 137 -1.87 -48.85 -54.40
N ASN F 138 -2.56 -49.31 -53.36
CA ASN F 138 -3.87 -48.76 -53.00
C ASN F 138 -3.64 -47.53 -52.14
N SER F 139 -2.76 -47.69 -51.15
CA SER F 139 -2.47 -46.67 -50.18
C SER F 139 -0.97 -46.48 -50.04
N LEU F 140 -0.57 -45.32 -49.53
CA LEU F 140 0.83 -45.00 -49.28
C LEU F 140 1.09 -44.92 -47.78
N THR F 141 2.17 -45.57 -47.34
CA THR F 141 2.50 -45.69 -45.93
C THR F 141 3.78 -44.96 -45.58
N LEU F 142 3.65 -43.86 -44.85
CA LEU F 142 4.80 -43.12 -44.32
C LEU F 142 5.30 -43.83 -43.07
N ILE F 143 6.62 -43.94 -42.94
CA ILE F 143 7.27 -44.69 -41.86
C ILE F 143 8.32 -43.82 -41.17
N ASN F 144 8.26 -43.79 -39.85
CA ASN F 144 9.03 -42.83 -39.05
C ASN F 144 9.80 -43.51 -37.91
N PRO F 145 11.14 -43.61 -38.03
CA PRO F 145 11.99 -44.25 -37.01
C PRO F 145 12.53 -43.29 -35.96
N THR F 146 12.09 -42.04 -35.99
CA THR F 146 12.57 -41.03 -35.04
C THR F 146 11.71 -41.01 -33.77
N PRO F 147 12.24 -40.40 -32.68
CA PRO F 147 11.44 -40.16 -31.48
C PRO F 147 10.41 -39.05 -31.61
N TYR F 148 10.31 -38.41 -32.77
CA TYR F 148 9.45 -37.24 -32.95
C TYR F 148 8.21 -37.52 -33.80
N TYR F 149 7.08 -36.99 -33.37
CA TYR F 149 5.89 -36.91 -34.22
C TYR F 149 6.24 -36.06 -35.44
N LEU F 150 5.74 -36.46 -36.60
CA LEU F 150 6.05 -35.76 -37.84
C LEU F 150 4.79 -35.32 -38.56
N THR F 151 4.70 -34.02 -38.82
CA THR F 151 3.54 -33.43 -39.47
C THR F 151 3.83 -33.20 -40.94
N VAL F 152 3.73 -34.26 -41.73
CA VAL F 152 3.99 -34.24 -43.17
C VAL F 152 2.90 -33.49 -43.93
N THR F 153 3.31 -32.54 -44.77
CA THR F 153 2.39 -31.68 -45.48
C THR F 153 2.81 -31.54 -46.92
N GLU F 154 1.88 -31.09 -47.77
CA GLU F 154 2.09 -30.97 -49.22
C GLU F 154 2.71 -32.24 -49.78
N LEU F 155 2.07 -33.37 -49.46
CA LEU F 155 2.54 -34.68 -49.91
C LEU F 155 2.07 -34.94 -51.34
N ASN F 156 3.02 -35.01 -52.27
CA ASN F 156 2.75 -35.13 -53.70
C ASN F 156 3.17 -36.48 -54.26
N ALA F 157 2.33 -37.07 -55.09
CA ALA F 157 2.61 -38.37 -55.72
C ALA F 157 3.09 -38.20 -57.16
N GLY F 158 3.05 -36.95 -57.62
CA GLY F 158 3.43 -36.57 -58.97
C GLY F 158 2.95 -35.14 -59.10
N THR F 159 1.70 -34.99 -59.52
CA THR F 159 1.00 -33.70 -59.48
C THR F 159 -0.20 -33.79 -58.54
N ARG F 160 -0.50 -35.01 -58.08
CA ARG F 160 -1.59 -35.24 -57.14
C ARG F 160 -1.19 -34.88 -55.71
N VAL F 161 -1.83 -33.83 -55.19
CA VAL F 161 -1.61 -33.33 -53.83
C VAL F 161 -2.46 -34.17 -52.86
N LEU F 162 -1.80 -35.06 -52.10
CA LEU F 162 -2.48 -36.02 -51.24
C LEU F 162 -3.00 -35.42 -49.92
N GLU F 163 -3.41 -36.30 -49.01
CA GLU F 163 -3.81 -35.88 -47.67
C GLU F 163 -2.57 -35.73 -46.79
N ASN F 164 -2.67 -34.80 -45.83
CA ASN F 164 -1.60 -34.58 -44.85
C ASN F 164 -1.49 -35.76 -43.92
N ALA F 165 -0.29 -36.02 -43.41
CA ALA F 165 -0.07 -37.18 -42.57
C ALA F 165 0.73 -36.90 -41.30
N LEU F 166 0.05 -36.94 -40.15
CA LEU F 166 0.71 -36.96 -38.85
C LEU F 166 1.28 -38.36 -38.67
N VAL F 167 2.59 -38.46 -38.45
CA VAL F 167 3.26 -39.76 -38.38
C VAL F 167 3.90 -39.95 -37.01
N PRO F 168 3.48 -40.99 -36.27
CA PRO F 168 3.87 -41.17 -34.88
C PRO F 168 5.32 -41.63 -34.74
N PRO F 169 5.98 -41.26 -33.63
CA PRO F 169 7.39 -41.60 -33.41
C PRO F 169 7.58 -43.10 -33.40
N MET F 170 8.60 -43.58 -34.10
CA MET F 170 8.88 -45.02 -34.23
C MET F 170 7.66 -45.83 -34.70
N GLY F 171 6.86 -45.22 -35.58
CA GLY F 171 5.61 -45.82 -36.07
C GLY F 171 5.36 -45.63 -37.56
N GLU F 172 4.08 -45.60 -37.93
CA GLU F 172 3.68 -45.41 -39.33
C GLU F 172 2.24 -44.90 -39.50
N SER F 173 1.91 -44.46 -40.72
CA SER F 173 0.59 -43.91 -41.05
C SER F 173 0.38 -43.91 -42.58
N ALA F 174 -0.89 -43.87 -43.01
CA ALA F 174 -1.22 -44.13 -44.41
C ALA F 174 -2.14 -43.08 -45.06
N VAL F 175 -2.02 -42.94 -46.39
CA VAL F 175 -2.94 -42.13 -47.21
C VAL F 175 -3.29 -42.85 -48.52
N LYS F 176 -4.14 -42.23 -49.35
CA LYS F 176 -4.80 -42.91 -50.46
C LYS F 176 -4.19 -42.69 -51.86
N LEU F 177 -4.88 -43.21 -52.88
CA LEU F 177 -4.61 -43.01 -54.32
C LEU F 177 -3.40 -43.76 -54.89
N PRO F 178 -3.61 -44.55 -55.96
CA PRO F 178 -2.55 -45.14 -56.79
C PRO F 178 -1.79 -44.07 -57.59
CA SER F 183 4.99 -41.41 -60.01
C SER F 183 5.82 -41.37 -58.74
N ASN F 184 6.86 -40.53 -58.74
CA ASN F 184 7.68 -40.31 -57.54
C ASN F 184 7.11 -39.24 -56.64
N ILE F 185 7.64 -39.17 -55.42
CA ILE F 185 6.97 -38.48 -54.33
C ILE F 185 7.83 -37.47 -53.57
N THR F 186 7.31 -36.24 -53.42
CA THR F 186 7.96 -35.19 -52.62
C THR F 186 7.08 -34.82 -51.43
N TYR F 187 7.69 -34.18 -50.42
CA TYR F 187 6.98 -33.82 -49.17
C TYR F 187 7.68 -32.72 -48.39
N ARG F 188 6.93 -32.10 -47.47
CA ARG F 188 7.46 -31.10 -46.56
C ARG F 188 6.88 -31.37 -45.17
N THR F 189 7.52 -30.86 -44.12
CA THR F 189 6.98 -31.01 -42.75
C THR F 189 6.80 -29.66 -42.06
N ILE F 190 6.12 -29.66 -40.93
CA ILE F 190 5.93 -28.45 -40.13
C ILE F 190 6.72 -28.59 -38.85
N ASN F 191 7.72 -27.72 -38.65
CA ASN F 191 8.62 -27.83 -37.51
C ASN F 191 8.02 -27.29 -36.21
N ASP F 192 8.85 -27.22 -35.17
CA ASP F 192 8.41 -26.80 -33.84
C ASP F 192 7.89 -25.35 -33.79
N TYR F 193 8.16 -24.56 -34.82
CA TYR F 193 7.74 -23.16 -34.86
C TYR F 193 6.53 -22.95 -35.76
N GLY F 194 5.94 -24.06 -36.19
CA GLY F 194 4.84 -24.04 -37.14
C GLY F 194 5.26 -23.54 -38.51
N ALA F 195 6.49 -23.84 -38.89
CA ALA F 195 7.04 -23.40 -40.17
C ALA F 195 7.39 -24.59 -41.06
N LEU F 196 7.22 -24.44 -42.36
CA LEU F 196 7.48 -25.50 -43.32
C LEU F 196 8.98 -25.74 -43.47
N THR F 197 9.40 -27.00 -43.43
CA THR F 197 10.78 -27.35 -43.77
C THR F 197 10.95 -27.35 -45.30
N PRO F 198 12.20 -27.41 -45.79
CA PRO F 198 12.40 -27.50 -47.25
C PRO F 198 11.83 -28.78 -47.89
N LYS F 199 11.62 -28.72 -49.20
CA LYS F 199 11.23 -29.89 -50.00
C LYS F 199 12.25 -31.01 -49.85
N MET F 200 11.76 -32.23 -49.66
CA MET F 200 12.61 -33.43 -49.64
C MET F 200 12.00 -34.52 -50.53
N THR F 201 12.85 -35.33 -51.15
CA THR F 201 12.39 -36.38 -52.05
C THR F 201 12.13 -37.64 -51.25
N GLY F 202 11.00 -38.28 -51.52
CA GLY F 202 10.61 -39.54 -50.88
C GLY F 202 11.62 -40.67 -51.05
N VAL F 203 12.29 -41.02 -49.95
CA VAL F 203 13.15 -42.20 -49.87
C VAL F 203 12.26 -43.44 -49.72
N MET F 204 12.73 -44.60 -50.18
CA MET F 204 11.98 -45.85 -50.05
C MET F 204 12.56 -46.80 -48.98
N GLU F 205 11.82 -47.87 -48.68
CA GLU F 205 12.21 -48.87 -47.67
C GLU F 205 13.42 -49.72 -48.07
#